data_4UOJ
#
_entry.id   4UOJ
#
_cell.length_a   165.161
_cell.length_b   165.631
_cell.length_c   123.562
_cell.angle_alpha   90.00
_cell.angle_beta   90.00
_cell.angle_gamma   90.00
#
_symmetry.space_group_name_H-M   'P 21 21 21'
#
loop_
_entity.id
_entity.type
_entity.pdbx_description
1 polymer 'BETA-MANNOSIDASE GH2'
2 branched alpha-D-mannopyranose-(1-2)-alpha-D-mannopyranose-(1-3)-[alpha-D-mannopyranose-(2-6)]beta-D-mannopyranose-(1-4)-2-acetamido-2-deoxy-beta-D-glucopyranose-(1-4)-2-acetamido-2-deoxy-beta-D-glucopyranose
3 branched alpha-D-mannopyranose-(1-4)-2-acetamido-2-deoxy-beta-D-glucopyranose-(1-4)-2-acetamido-2-deoxy-beta-D-glucopyranose
4 branched 2-acetamido-2-deoxy-beta-D-glucopyranose-(1-4)-2-acetamido-2-deoxy-beta-D-glucopyranose
5 branched alpha-D-mannopyranose-(1-2)-alpha-D-mannopyranose-(1-2)-beta-D-mannopyranose-(1-3)-[alpha-D-mannopyranose-(1-2)-alpha-D-mannopyranose-(1-3)-[alpha-D-mannopyranose-(1-2)-alpha-D-mannopyranose-(1-6)]alpha-D-mannopyranose-(1-6)]beta-D-mannopyranose-(1-4)-2-acetamido-2-deoxy-beta-D-glucopyranose-(1-4)-2-acetamido-2-deoxy-beta-D-glucopyranose
6 branched alpha-D-mannopyranose-(1-2)-alpha-D-mannopyranose-(1-6)-alpha-D-mannopyranose-(1-6)-[alpha-D-mannopyranose-(1-2)-alpha-D-mannopyranose-(1-3)]alpha-D-mannopyranose-(1-4)-2-acetamido-2-deoxy-beta-D-glucopyranose-(1-4)-2-acetamido-2-deoxy-beta-D-glucopyranose
7 branched 2-acetamido-2-deoxy-beta-D-glucopyranose-(3-4)-2-acetamido-2-deoxy-beta-D-glucopyranose
8 branched alpha-D-mannopyranose-(1-2)-alpha-D-mannopyranose-(1-2)-alpha-D-mannopyranose-(1-3)-[alpha-D-mannopyranose-(1-2)-alpha-D-mannopyranose-(1-6)-alpha-D-mannopyranose-(1-6)]alpha-D-mannopyranose-(1-4)-2-acetamido-2-deoxy-beta-D-glucopyranose-(1-4)-2-acetamido-2-deoxy-beta-D-glucopyranose
9 non-polymer 2-acetamido-2-deoxy-beta-D-glucopyranose
10 non-polymer 'CADMIUM ION'
11 non-polymer 'SODIUM ION'
12 non-polymer 'PENTAETHYLENE GLYCOL'
13 non-polymer 2-{2-[2-(2-{2-[2-(2-ETHOXY-ETHOXY)-ETHOXY]-ETHOXY}-ETHOXY)-ETHOXY]-ETHOXY}-ETHANOL
14 non-polymer 'CHLORIDE ION'
15 non-polymer 'CALCIUM ION'
16 water water
#
_entity_poly.entity_id   1
_entity_poly.type   'polypeptide(L)'
_entity_poly.pdbx_seq_one_letter_code
;MRSMRALSLSLSIFAGAAVATTESTGKASIHDLALQKWTVTNEYGNITVPGKFPSQAHLDLHAAGVIGESNNGLNDFDLR
WIAAQNWTYTSKPISGLSKHSDIATWLVFDGLDTYATVKFCDHIVGTPDNQFRQWFYDVSSALASCKSDPVLSINFGSVP
RIINAINASDEVQHWPASVVYPFEYPNRQWVRKEQNDFGWDWGPAFSPVGPWQPGRIVQLSKGGELYSLNTDIDIFRKGQ
FNNFAPDQTAPWVVNASLDFLGTLPKHASMSVIITDASDSRSVLYSGKLEGVTQSDMTVTGSVTIDAHKPKLWWPRDMGN
QQLYNITVSVSSAGSKTPILVSQRRVGFRTILFSSGNITDAQIASGITPGNNWHFEINGHEFYAKGANLIPPDAFWPRVT
SDRMNRLFDSVESQNFNMLRVWSSGTYLPDWIYDIADERGVLLWSEFQFSDTLYPDSDDFKANVVGEITYNVRRLNHHAS
LACWMGGNEFENLMLPIAQGADPATYPYVLGQYENLFITTLFNVLAANSHSISYSPCSANNGWLEIDLDLPVPIVERYYN
TTSGHIYGDTDFYNYDTSVSFDTSAYPVGRFANEFGFISMPSIQTWQQAVDPEELSFNSTTVILRNHHYPAGGLTRNIHN
STLGQVEMTLAVERYYPTPDKTDPVANFSSWCHATQLFQADMYKSEIQFYRRGSGLPERQLGSLYWQLNDIWQAPTWAGL
EYDGRWKVLPYVSRRTYEHVIASAFWNYTANELEIWVTSDLWEPVAGEVSLTWVDLKGKPIANNAGMTKSTKFNVGAINT
TQIITANIQSDLKIPDTSDAVLVIELTAHGKLPNAASSKTTTFTHHNHFLPVWPNQAKVSDPKLHLSYNKSTKKFTVEAT
AGVSLYTWLTHPAGVLGFFDDNAFVLRPGEKKEVGFTLQQDTTGGKWTEQVTVESLWDLTTP
;
_entity_poly.pdbx_strand_id   A,B
#
# COMPACT_ATOMS: atom_id res chain seq x y z
N GLY A 26 21.07 28.41 44.79
CA GLY A 26 19.68 28.67 44.42
C GLY A 26 19.39 28.49 42.94
N LYS A 27 19.90 27.41 42.35
CA LYS A 27 19.70 27.09 40.93
C LYS A 27 18.25 26.73 40.61
N ALA A 28 17.83 26.94 39.37
CA ALA A 28 16.48 26.64 38.92
C ALA A 28 16.34 25.15 38.62
N SER A 29 15.35 24.50 39.23
CA SER A 29 15.08 23.06 39.05
C SER A 29 14.16 22.89 37.83
N ILE A 30 14.66 22.20 36.79
CA ILE A 30 13.90 22.00 35.55
C ILE A 30 13.57 20.53 35.26
N HIS A 31 12.28 20.28 35.06
CA HIS A 31 11.76 19.01 34.58
C HIS A 31 11.24 19.16 33.18
N ASP A 32 11.89 18.50 32.24
CA ASP A 32 11.47 18.45 30.86
C ASP A 32 10.24 17.57 30.80
N LEU A 33 9.22 18.06 30.11
CA LEU A 33 7.97 17.34 29.98
C LEU A 33 8.05 16.14 29.03
N ALA A 34 9.10 16.13 28.23
CA ALA A 34 9.42 15.02 27.34
C ALA A 34 9.79 13.76 28.13
N LEU A 35 10.36 13.95 29.33
CA LEU A 35 10.82 12.87 30.21
C LEU A 35 9.74 12.34 31.16
N GLN A 36 8.52 12.88 31.03
CA GLN A 36 7.38 12.43 31.84
C GLN A 36 6.57 11.39 31.05
N LYS A 37 5.83 10.51 31.74
CA LYS A 37 5.04 9.50 31.05
C LYS A 37 3.68 10.12 30.70
N TRP A 38 3.26 9.99 29.43
CA TRP A 38 2.01 10.55 28.93
C TRP A 38 1.01 9.51 28.41
N THR A 39 -0.29 9.80 28.56
CA THR A 39 -1.38 8.97 28.08
C THR A 39 -2.36 9.86 27.28
N VAL A 40 -2.73 9.43 26.07
CA VAL A 40 -3.64 10.17 25.21
C VAL A 40 -5.01 9.49 25.25
N THR A 41 -6.03 10.31 25.48
CA THR A 41 -7.44 9.88 25.53
C THR A 41 -8.32 10.75 24.65
N ASN A 42 -9.33 10.15 24.06
CA ASN A 42 -10.26 10.87 23.24
C ASN A 42 -11.39 11.52 24.04
N GLU A 43 -12.31 12.17 23.35
CA GLU A 43 -13.44 12.79 23.99
C GLU A 43 -14.39 11.81 24.66
N TYR A 44 -14.59 10.66 24.05
CA TYR A 44 -15.61 9.70 24.47
C TYR A 44 -15.15 8.59 25.39
N GLY A 45 -13.90 8.64 25.83
CA GLY A 45 -13.42 7.68 26.79
C GLY A 45 -13.28 6.28 26.24
N ASN A 46 -13.48 6.09 24.95
CA ASN A 46 -13.31 4.79 24.34
C ASN A 46 -11.94 4.53 23.70
N ILE A 47 -11.07 5.54 23.63
CA ILE A 47 -9.74 5.36 23.07
C ILE A 47 -8.67 5.84 24.05
N THR A 48 -7.72 4.98 24.33
CA THR A 48 -6.63 5.25 25.27
C THR A 48 -5.33 4.68 24.70
N VAL A 49 -4.39 5.57 24.37
CA VAL A 49 -3.09 5.19 23.77
C VAL A 49 -1.91 5.88 24.50
N PRO A 50 -0.69 5.29 24.48
CA PRO A 50 0.47 5.98 25.08
C PRO A 50 0.76 7.26 24.31
N GLY A 51 1.17 8.29 25.03
CA GLY A 51 1.49 9.58 24.43
C GLY A 51 2.96 9.96 24.47
N LYS A 52 3.30 10.99 23.68
CA LYS A 52 4.63 11.56 23.62
C LYS A 52 4.57 13.08 23.72
N PHE A 53 5.69 13.70 24.10
CA PHE A 53 5.79 15.15 24.28
C PHE A 53 7.17 15.58 23.82
N PRO A 54 7.28 16.43 22.80
CA PRO A 54 6.25 16.99 21.97
C PRO A 54 5.64 15.97 20.99
N SER A 55 4.36 16.14 20.67
CA SER A 55 3.63 15.27 19.73
C SER A 55 2.28 15.88 19.33
N GLN A 56 1.48 15.11 18.58
CA GLN A 56 0.10 15.43 18.18
C GLN A 56 -0.68 14.12 18.18
N ALA A 57 -2.00 14.19 18.42
CA ALA A 57 -2.85 12.99 18.57
C ALA A 57 -2.74 11.99 17.42
N HIS A 58 -2.80 12.46 16.17
CA HIS A 58 -2.63 11.61 14.97
C HIS A 58 -1.38 10.71 15.05
N LEU A 59 -0.26 11.27 15.52
CA LEU A 59 1.01 10.56 15.62
C LEU A 59 0.99 9.50 16.72
N ASP A 60 0.37 9.80 17.85
CA ASP A 60 0.28 8.86 18.97
C ASP A 60 -0.70 7.73 18.66
N LEU A 61 -1.78 8.06 17.93
CA LEU A 61 -2.76 7.09 17.45
C LEU A 61 -2.11 6.11 16.44
N HIS A 62 -1.27 6.66 15.55
CA HIS A 62 -0.58 5.87 14.55
C HIS A 62 0.49 4.99 15.16
N ALA A 63 1.31 5.53 16.07
CA ALA A 63 2.37 4.78 16.75
C ALA A 63 1.80 3.55 17.50
N ALA A 64 0.53 3.65 17.95
CA ALA A 64 -0.16 2.61 18.69
C ALA A 64 -0.90 1.62 17.79
N GLY A 65 -0.98 1.93 16.50
CA GLY A 65 -1.65 1.09 15.52
C GLY A 65 -3.15 1.28 15.40
N VAL A 66 -3.69 2.32 16.04
CA VAL A 66 -5.12 2.64 15.98
C VAL A 66 -5.49 3.15 14.58
N ILE A 67 -4.56 3.84 13.95
CA ILE A 67 -4.71 4.33 12.59
C ILE A 67 -3.43 3.99 11.80
N GLY A 68 -3.60 3.92 10.49
CA GLY A 68 -2.56 3.74 9.51
C GLY A 68 -1.86 5.07 9.37
N GLU A 69 -0.78 5.10 8.59
CA GLU A 69 -0.12 6.34 8.34
C GLU A 69 -1.11 7.31 7.75
N SER A 70 -1.09 8.49 8.27
CA SER A 70 -2.05 9.49 7.92
C SER A 70 -2.01 9.95 6.46
N ASN A 71 -0.82 10.01 5.88
CA ASN A 71 -0.64 10.41 4.47
C ASN A 71 -1.20 9.41 3.47
N ASN A 72 -1.52 8.19 3.89
CA ASN A 72 -1.97 7.11 3.01
C ASN A 72 -3.38 7.24 2.44
N GLY A 73 -3.54 6.72 1.22
CA GLY A 73 -4.80 6.59 0.49
C GLY A 73 -5.74 7.76 0.55
N LEU A 74 -6.94 7.52 1.10
CA LEU A 74 -7.99 8.51 1.24
C LEU A 74 -8.18 8.91 2.70
N ASN A 75 -7.09 8.89 3.49
CA ASN A 75 -7.11 9.23 4.91
C ASN A 75 -7.44 10.67 5.24
N ASP A 76 -7.32 11.56 4.25
CA ASP A 76 -7.70 12.96 4.41
C ASP A 76 -9.20 13.04 4.75
N PHE A 77 -10.01 12.28 4.02
CA PHE A 77 -11.38 12.03 4.38
C PHE A 77 -11.62 11.08 5.56
N ASP A 78 -10.96 9.95 5.53
CA ASP A 78 -11.19 8.85 6.45
C ASP A 78 -10.89 9.15 7.90
N LEU A 79 -9.94 10.02 8.14
CA LEU A 79 -9.50 10.30 9.50
C LEU A 79 -10.12 11.55 10.17
N ARG A 80 -11.13 12.13 9.54
CA ARG A 80 -11.84 13.33 10.01
C ARG A 80 -12.47 13.21 11.40
N TRP A 81 -12.68 11.98 11.89
CA TRP A 81 -13.21 11.71 13.22
C TRP A 81 -12.24 12.11 14.33
N ILE A 82 -10.95 12.19 14.02
CA ILE A 82 -9.91 12.61 14.97
C ILE A 82 -10.06 14.12 15.24
N ALA A 83 -10.04 14.93 14.18
CA ALA A 83 -10.15 16.38 14.25
C ALA A 83 -11.51 16.89 14.77
N ALA A 84 -12.49 16.03 14.71
CA ALA A 84 -13.83 16.31 15.14
C ALA A 84 -14.05 16.19 16.63
N GLN A 85 -13.02 15.81 17.38
CA GLN A 85 -13.15 15.62 18.80
C GLN A 85 -11.98 16.14 19.62
N ASN A 86 -12.15 16.20 20.93
CA ASN A 86 -11.11 16.59 21.87
C ASN A 86 -10.11 15.42 22.12
N TRP A 87 -8.85 15.76 22.37
CA TRP A 87 -7.78 14.82 22.71
C TRP A 87 -7.07 15.37 23.92
N THR A 88 -6.96 14.55 24.95
CA THR A 88 -6.35 14.94 26.22
C THR A 88 -5.03 14.19 26.44
N TYR A 89 -4.00 14.97 26.78
CA TYR A 89 -2.66 14.49 27.11
C TYR A 89 -2.55 14.54 28.62
N THR A 90 -2.47 13.38 29.26
CA THR A 90 -2.41 13.29 30.71
C THR A 90 -1.13 12.65 31.15
N SER A 91 -0.39 13.35 32.02
CA SER A 91 0.84 12.82 32.59
C SER A 91 0.53 11.89 33.77
N LYS A 92 1.47 11.00 34.09
CA LYS A 92 1.39 10.20 35.31
C LYS A 92 1.75 11.18 36.44
N PRO A 93 1.43 10.90 37.73
CA PRO A 93 1.85 11.83 38.78
C PRO A 93 3.33 12.25 38.69
N ILE A 94 3.60 13.55 38.80
CA ILE A 94 4.95 14.13 38.68
C ILE A 94 5.68 14.15 40.03
N SER A 95 6.80 13.39 40.11
CA SER A 95 7.63 13.28 41.30
C SER A 95 8.82 14.25 41.23
N GLY A 96 9.40 14.56 42.38
CA GLY A 96 10.57 15.43 42.47
C GLY A 96 10.36 16.93 42.58
N LEU A 97 9.12 17.36 42.71
CA LEU A 97 8.85 18.76 42.87
C LEU A 97 8.89 19.13 44.35
N SER A 98 9.64 20.16 44.68
CA SER A 98 9.63 20.65 46.04
C SER A 98 8.27 21.22 46.42
N LYS A 99 7.81 20.84 47.61
CA LYS A 99 6.55 21.27 48.20
C LYS A 99 6.72 22.52 49.07
N HIS A 100 7.95 23.02 49.18
CA HIS A 100 8.31 24.21 49.95
C HIS A 100 7.60 25.42 49.33
N SER A 101 6.79 26.10 50.12
CA SER A 101 5.92 27.20 49.64
C SER A 101 6.78 28.43 49.20
N ASP A 102 8.06 28.33 49.54
CA ASP A 102 9.17 29.24 49.23
C ASP A 102 9.60 29.23 47.77
N ILE A 103 8.96 28.36 47.00
CA ILE A 103 9.37 28.05 45.66
C ILE A 103 8.22 28.22 44.70
N ALA A 104 8.47 29.04 43.69
CA ALA A 104 7.49 29.31 42.64
C ALA A 104 7.63 28.23 41.55
N THR A 105 6.54 27.50 41.29
CA THR A 105 6.49 26.44 40.31
C THR A 105 5.76 26.95 39.06
N TRP A 106 6.45 26.89 37.90
CA TRP A 106 5.93 27.39 36.62
C TRP A 106 5.83 26.31 35.55
N LEU A 107 4.69 26.27 34.83
CA LEU A 107 4.54 25.45 33.65
C LEU A 107 4.93 26.35 32.48
N VAL A 108 5.93 25.92 31.67
CA VAL A 108 6.39 26.68 30.50
C VAL A 108 6.20 25.81 29.25
N PHE A 109 5.38 26.30 28.30
CA PHE A 109 5.08 25.63 27.05
C PHE A 109 5.53 26.47 25.88
N ASP A 110 6.45 25.93 25.05
CA ASP A 110 6.95 26.63 23.86
C ASP A 110 5.97 26.55 22.70
N GLY A 111 4.96 25.69 22.84
CA GLY A 111 3.92 25.53 21.84
C GLY A 111 2.88 24.50 22.19
N LEU A 112 1.62 24.94 22.12
CA LEU A 112 0.44 24.10 22.26
C LEU A 112 -0.51 24.38 21.11
N ASP A 113 -1.02 23.31 20.49
CA ASP A 113 -1.79 23.42 19.28
C ASP A 113 -3.15 22.79 19.44
N THR A 114 -4.21 23.58 19.47
CA THR A 114 -4.17 25.04 19.69
C THR A 114 -5.01 25.44 20.93
N TYR A 115 -6.34 25.31 20.86
CA TYR A 115 -7.26 25.57 21.98
C TYR A 115 -7.07 24.46 22.98
N ALA A 116 -6.58 24.81 24.17
CA ALA A 116 -6.35 23.83 25.23
C ALA A 116 -6.85 24.28 26.60
N THR A 117 -7.08 23.31 27.49
CA THR A 117 -7.42 23.52 28.89
C THR A 117 -6.31 22.85 29.71
N VAL A 118 -5.47 23.64 30.37
CA VAL A 118 -4.34 23.14 31.15
C VAL A 118 -4.74 22.97 32.62
N LYS A 119 -4.69 21.71 33.09
CA LYS A 119 -5.01 21.37 34.47
C LYS A 119 -3.78 20.86 35.21
N PHE A 120 -3.55 21.40 36.40
CA PHE A 120 -2.46 20.98 37.30
C PHE A 120 -3.11 20.64 38.63
N CYS A 121 -3.03 19.36 39.00
CA CYS A 121 -3.70 18.81 40.18
C CYS A 121 -5.22 19.11 40.17
N ASP A 122 -5.88 18.78 39.04
CA ASP A 122 -7.33 18.95 38.77
C ASP A 122 -7.85 20.42 38.80
N HIS A 123 -6.93 21.40 38.74
CA HIS A 123 -7.25 22.81 38.75
C HIS A 123 -6.95 23.43 37.40
N ILE A 124 -7.90 24.10 36.79
CA ILE A 124 -7.62 24.77 35.54
C ILE A 124 -6.76 25.98 35.82
N VAL A 125 -5.58 26.04 35.23
CA VAL A 125 -4.69 27.16 35.42
C VAL A 125 -4.48 27.99 34.17
N GLY A 126 -4.84 27.45 33.02
CA GLY A 126 -4.73 28.18 31.78
C GLY A 126 -5.64 27.70 30.68
N THR A 127 -6.01 28.60 29.79
CA THR A 127 -6.76 28.23 28.58
C THR A 127 -6.11 28.82 27.29
N PRO A 128 -4.97 28.26 26.84
CA PRO A 128 -4.32 28.80 25.65
C PRO A 128 -5.12 28.67 24.34
N ASP A 129 -4.96 29.65 23.46
CA ASP A 129 -5.64 29.71 22.15
C ASP A 129 -4.74 30.24 20.99
N ASN A 130 -3.45 29.91 21.02
CA ASN A 130 -2.48 30.30 19.98
C ASN A 130 -1.36 29.29 19.88
N GLN A 131 -1.22 28.69 18.70
CA GLN A 131 -0.18 27.72 18.38
C GLN A 131 1.21 28.35 18.43
N PHE A 132 1.28 29.64 18.06
CA PHE A 132 2.50 30.40 17.87
C PHE A 132 2.99 31.18 19.09
N ARG A 133 2.40 30.95 20.25
CA ARG A 133 2.79 31.63 21.49
C ARG A 133 3.39 30.68 22.52
N GLN A 134 4.29 31.25 23.33
CA GLN A 134 4.87 30.57 24.48
C GLN A 134 3.96 30.89 25.67
N TRP A 135 3.40 29.85 26.29
CA TRP A 135 2.52 30.01 27.43
C TRP A 135 3.23 29.61 28.73
N PHE A 136 3.00 30.39 29.79
CA PHE A 136 3.58 30.15 31.12
C PHE A 136 2.57 30.44 32.22
N TYR A 137 2.40 29.47 33.14
CA TYR A 137 1.42 29.57 34.23
C TYR A 137 2.04 29.25 35.58
N ASP A 138 1.75 30.08 36.59
CA ASP A 138 2.18 29.86 37.98
C ASP A 138 1.24 28.85 38.61
N VAL A 139 1.78 27.67 38.93
CA VAL A 139 1.00 26.57 39.51
C VAL A 139 1.35 26.27 40.99
N SER A 140 1.96 27.24 41.68
CA SER A 140 2.37 27.13 43.08
C SER A 140 1.22 26.75 44.03
N SER A 141 0.06 27.43 43.87
CA SER A 141 -1.11 27.20 44.72
C SER A 141 -1.78 25.84 44.46
N ALA A 142 -1.83 25.41 43.18
CA ALA A 142 -2.38 24.11 42.79
C ALA A 142 -1.52 22.99 43.36
N LEU A 143 -0.18 23.19 43.34
CA LEU A 143 0.80 22.26 43.88
C LEU A 143 0.62 22.12 45.39
N ALA A 144 0.48 23.25 46.08
CA ALA A 144 0.30 23.31 47.54
C ALA A 144 -0.98 22.60 48.00
N SER A 145 -2.06 22.74 47.21
CA SER A 145 -3.38 22.14 47.45
C SER A 145 -3.39 20.62 47.23
N CYS A 146 -2.42 20.11 46.47
CA CYS A 146 -2.33 18.69 46.08
C CYS A 146 -2.10 17.68 47.17
N LYS A 147 -3.04 16.73 47.28
CA LYS A 147 -3.02 15.68 48.30
C LYS A 147 -1.93 14.63 48.02
N SER A 148 -1.58 14.44 46.74
CA SER A 148 -0.54 13.52 46.26
C SER A 148 0.30 14.18 45.13
N ASP A 149 1.21 13.41 44.49
CA ASP A 149 2.07 13.92 43.40
C ASP A 149 1.18 14.48 42.28
N PRO A 150 1.49 15.68 41.74
CA PRO A 150 0.58 16.33 40.79
C PRO A 150 0.52 15.78 39.36
N VAL A 151 -0.70 15.70 38.85
CA VAL A 151 -0.99 15.24 37.50
C VAL A 151 -1.26 16.47 36.63
N LEU A 152 -0.53 16.55 35.51
CA LEU A 152 -0.69 17.62 34.52
C LEU A 152 -1.47 17.05 33.34
N SER A 153 -2.58 17.72 33.01
CA SER A 153 -3.42 17.30 31.89
C SER A 153 -3.72 18.48 30.97
N ILE A 154 -3.64 18.23 29.66
CA ILE A 154 -3.98 19.21 28.68
C ILE A 154 -5.02 18.70 27.71
N ASN A 155 -6.18 19.33 27.67
CA ASN A 155 -7.29 18.88 26.87
C ASN A 155 -7.44 19.79 25.68
N PHE A 156 -7.22 19.21 24.51
CA PHE A 156 -7.13 19.94 23.29
C PHE A 156 -8.46 19.81 22.63
N GLY A 157 -9.01 20.95 22.28
CA GLY A 157 -10.29 20.97 21.63
C GLY A 157 -10.27 20.60 20.16
N SER A 158 -11.44 20.30 19.63
CA SER A 158 -11.68 20.10 18.20
C SER A 158 -11.74 21.51 17.59
N VAL A 159 -10.68 21.89 16.89
CA VAL A 159 -10.55 23.21 16.27
C VAL A 159 -11.70 23.54 15.29
N PRO A 160 -12.12 22.61 14.39
CA PRO A 160 -13.28 22.93 13.53
C PRO A 160 -14.57 23.21 14.31
N ARG A 161 -14.79 22.50 15.42
CA ARG A 161 -15.96 22.71 16.27
C ARG A 161 -15.93 24.11 16.92
N ILE A 162 -14.81 24.48 17.50
CA ILE A 162 -14.65 25.73 18.16
C ILE A 162 -14.75 26.89 17.21
N ILE A 163 -14.15 26.79 16.05
CA ILE A 163 -14.29 27.87 15.07
C ILE A 163 -15.68 28.01 14.48
N ASN A 164 -16.37 26.90 14.30
CA ASN A 164 -17.74 26.92 13.83
C ASN A 164 -18.67 27.64 14.81
N ALA A 165 -18.43 27.42 16.08
CA ALA A 165 -19.17 28.00 17.18
C ALA A 165 -18.89 29.53 17.24
N ILE A 166 -17.62 29.93 17.03
CA ILE A 166 -17.22 31.33 16.99
C ILE A 166 -17.94 32.03 15.82
N ASN A 167 -17.86 31.48 14.60
CA ASN A 167 -18.55 32.04 13.43
C ASN A 167 -20.10 32.10 13.58
N ALA A 168 -20.70 31.08 14.21
CA ALA A 168 -22.17 30.96 14.39
C ALA A 168 -22.81 32.18 15.08
N SER A 169 -22.07 32.86 15.96
CA SER A 169 -22.51 34.08 16.66
C SER A 169 -22.74 35.21 15.67
N ASP A 170 -23.90 35.84 15.77
CA ASP A 170 -24.23 37.06 15.02
C ASP A 170 -23.46 38.26 15.50
N GLU A 171 -22.97 38.18 16.73
CA GLU A 171 -22.16 39.23 17.31
C GLU A 171 -20.74 39.41 16.72
N VAL A 172 -20.17 38.39 16.10
CA VAL A 172 -18.86 38.48 15.39
C VAL A 172 -18.94 38.97 13.95
N GLN A 173 -17.78 39.32 13.41
CA GLN A 173 -17.65 39.78 12.04
C GLN A 173 -17.88 38.66 11.01
N HIS A 174 -18.49 39.00 9.88
CA HIS A 174 -18.72 38.09 8.76
C HIS A 174 -18.27 38.77 7.48
N TRP A 175 -17.73 37.97 6.55
CA TRP A 175 -17.21 38.45 5.28
C TRP A 175 -17.96 37.77 4.13
N PRO A 176 -17.95 38.34 2.90
CA PRO A 176 -18.56 37.63 1.78
C PRO A 176 -17.94 36.24 1.53
N ALA A 177 -18.73 35.34 0.91
CA ALA A 177 -18.36 33.97 0.64
C ALA A 177 -17.01 33.81 -0.08
N SER A 178 -16.74 34.67 -1.06
CA SER A 178 -15.51 34.61 -1.86
C SER A 178 -14.25 35.02 -1.05
N VAL A 179 -14.45 35.79 0.02
CA VAL A 179 -13.37 36.26 0.87
C VAL A 179 -12.93 35.17 1.85
N VAL A 180 -13.88 34.45 2.44
CA VAL A 180 -13.61 33.39 3.40
C VAL A 180 -13.81 31.96 2.82
N TYR A 181 -13.81 31.85 1.49
CA TYR A 181 -13.93 30.59 0.76
C TYR A 181 -12.90 29.58 1.26
N PRO A 182 -13.33 28.38 1.69
CA PRO A 182 -12.38 27.43 2.26
C PRO A 182 -11.65 26.56 1.25
N PHE A 183 -10.60 25.87 1.72
CA PHE A 183 -9.90 24.83 0.97
C PHE A 183 -10.68 23.59 1.32
N GLU A 184 -10.69 23.21 2.59
CA GLU A 184 -11.48 22.11 3.12
C GLU A 184 -12.36 22.56 4.31
N TYR A 185 -11.81 22.75 5.51
CA TYR A 185 -12.56 23.21 6.67
C TYR A 185 -12.80 24.71 6.61
N PRO A 186 -14.02 25.19 6.91
CA PRO A 186 -14.27 26.63 6.90
C PRO A 186 -13.92 27.32 8.24
N ASN A 187 -14.02 28.66 8.27
CA ASN A 187 -13.81 29.51 9.45
C ASN A 187 -12.40 29.58 10.05
N ARG A 188 -11.37 29.21 9.27
CA ARG A 188 -9.97 29.20 9.72
C ARG A 188 -9.43 30.57 10.16
N GLN A 189 -10.06 31.67 9.70
CA GLN A 189 -9.67 33.05 10.05
C GLN A 189 -9.88 33.38 11.53
N TRP A 190 -10.68 32.57 12.22
CA TRP A 190 -10.95 32.76 13.64
C TRP A 190 -9.92 32.13 14.58
N VAL A 191 -9.03 31.27 14.06
CA VAL A 191 -8.06 30.57 14.91
C VAL A 191 -6.61 30.95 14.60
N ARG A 192 -5.80 31.06 15.66
CA ARG A 192 -4.36 31.33 15.55
C ARG A 192 -3.67 29.96 15.57
N LYS A 193 -3.81 29.27 14.42
CA LYS A 193 -3.31 27.95 14.12
C LYS A 193 -2.88 27.96 12.65
N GLU A 194 -1.84 27.14 12.34
CA GLU A 194 -1.27 26.94 11.02
C GLU A 194 -2.42 26.75 10.06
N GLN A 195 -2.62 27.74 9.16
CA GLN A 195 -3.76 27.79 8.25
C GLN A 195 -3.90 26.60 7.28
N ASN A 196 -2.77 26.02 6.82
CA ASN A 196 -2.80 24.85 5.94
C ASN A 196 -3.30 23.57 6.63
N ASP A 197 -3.39 23.56 7.99
CA ASP A 197 -3.93 22.43 8.76
C ASP A 197 -5.39 22.12 8.43
N PHE A 198 -6.07 23.10 7.83
CA PHE A 198 -7.47 23.01 7.39
C PHE A 198 -7.55 22.71 5.89
N GLY A 199 -6.39 22.35 5.33
CA GLY A 199 -6.22 22.00 3.92
C GLY A 199 -5.70 23.14 3.08
N TRP A 200 -5.00 22.80 2.02
CA TRP A 200 -4.52 23.74 1.03
C TRP A 200 -4.55 23.07 -0.31
N ASP A 201 -4.16 23.76 -1.35
CA ASP A 201 -4.20 23.19 -2.67
C ASP A 201 -3.02 22.31 -3.01
N TRP A 202 -2.12 22.12 -2.08
CA TRP A 202 -1.05 21.17 -2.20
C TRP A 202 -1.00 20.20 -1.03
N GLY A 203 -1.93 20.29 -0.12
CA GLY A 203 -1.90 19.48 1.11
C GLY A 203 -3.22 19.08 1.74
N PRO A 204 -3.15 18.11 2.69
CA PRO A 204 -4.36 17.61 3.36
C PRO A 204 -4.85 18.51 4.50
N ALA A 205 -6.01 18.16 5.08
CA ALA A 205 -6.65 18.91 6.16
C ALA A 205 -6.79 18.06 7.43
N PHE A 206 -5.67 17.75 8.08
CA PHE A 206 -5.73 16.92 9.29
C PHE A 206 -6.09 17.64 10.58
N SER A 207 -5.89 18.98 10.64
CA SER A 207 -6.17 19.78 11.85
C SER A 207 -5.63 19.06 13.11
N PRO A 208 -4.31 18.78 13.18
CA PRO A 208 -3.78 18.06 14.35
C PRO A 208 -3.75 18.88 15.62
N VAL A 209 -3.81 18.20 16.76
CA VAL A 209 -3.74 18.85 18.06
C VAL A 209 -2.75 18.14 18.99
N GLY A 210 -2.14 18.92 19.86
CA GLY A 210 -1.22 18.40 20.86
C GLY A 210 -0.13 19.36 21.28
N PRO A 211 0.77 18.89 22.19
CA PRO A 211 1.89 19.73 22.59
C PRO A 211 2.93 19.69 21.46
N TRP A 212 2.72 20.55 20.45
CA TRP A 212 3.53 20.55 19.25
C TRP A 212 5.00 21.00 19.38
N GLN A 213 5.36 21.68 20.49
CA GLN A 213 6.73 22.16 20.75
C GLN A 213 7.16 21.82 22.20
N PRO A 214 8.47 21.95 22.55
CA PRO A 214 8.89 21.56 23.91
C PRO A 214 8.22 22.31 25.06
N GLY A 215 8.30 21.69 26.23
CA GLY A 215 7.66 22.10 27.44
C GLY A 215 8.47 21.67 28.64
N ARG A 216 8.21 22.31 29.78
CA ARG A 216 9.10 22.29 30.93
C ARG A 216 8.31 22.61 32.16
N ILE A 217 8.77 22.14 33.30
CA ILE A 217 8.33 22.66 34.58
C ILE A 217 9.51 23.32 35.23
N VAL A 218 9.32 24.54 35.72
CA VAL A 218 10.41 25.34 36.25
C VAL A 218 10.12 25.68 37.70
N GLN A 219 11.05 25.31 38.59
CA GLN A 219 10.93 25.64 40.02
C GLN A 219 12.02 26.63 40.37
N LEU A 220 11.60 27.82 40.77
CA LEU A 220 12.50 28.92 41.15
C LEU A 220 12.47 29.16 42.66
N SER A 221 13.66 29.34 43.26
CA SER A 221 13.80 29.65 44.68
C SER A 221 13.99 31.16 44.87
N LYS A 222 13.46 31.70 45.99
CA LYS A 222 13.58 33.12 46.35
C LYS A 222 15.04 33.51 46.49
N GLY A 223 15.43 34.62 45.87
CA GLY A 223 16.80 35.13 45.87
C GLY A 223 17.80 34.30 45.07
N GLY A 224 17.29 33.39 44.27
CA GLY A 224 18.10 32.49 43.45
C GLY A 224 18.14 32.83 41.97
N GLU A 225 18.51 31.82 41.17
CA GLU A 225 18.66 31.90 39.72
C GLU A 225 17.29 32.13 39.06
N LEU A 226 17.29 32.93 37.99
CA LEU A 226 16.10 33.19 37.16
C LEU A 226 16.04 32.21 35.96
N TYR A 227 14.89 32.15 35.30
CA TYR A 227 14.67 31.30 34.14
C TYR A 227 14.46 32.15 32.88
N SER A 228 15.19 31.82 31.81
CA SER A 228 15.14 32.50 30.53
C SER A 228 13.98 32.00 29.67
N LEU A 229 13.03 32.90 29.39
CA LEU A 229 11.88 32.60 28.54
C LEU A 229 12.20 32.81 27.08
N ASN A 230 12.70 34.01 26.77
CA ASN A 230 12.98 34.43 25.39
C ASN A 230 14.06 35.51 25.41
N THR A 231 14.90 35.52 24.39
CA THR A 231 15.93 36.52 24.28
C THR A 231 15.92 37.17 22.93
N ASP A 232 15.91 38.48 22.90
CA ASP A 232 15.96 39.23 21.65
C ASP A 232 17.29 39.90 21.49
N ILE A 233 18.07 39.52 20.50
CA ILE A 233 19.34 40.15 20.24
C ILE A 233 19.13 40.93 18.98
N ASP A 234 19.47 42.21 18.99
CA ASP A 234 19.32 43.05 17.81
C ASP A 234 20.68 43.66 17.50
N ILE A 235 21.29 43.19 16.40
CA ILE A 235 22.58 43.70 15.95
C ILE A 235 22.34 44.50 14.70
N PHE A 236 22.57 45.80 14.80
CA PHE A 236 22.33 46.75 13.75
C PHE A 236 23.41 47.81 13.72
N ARG A 237 23.49 48.55 12.61
CA ARG A 237 24.42 49.67 12.45
C ARG A 237 23.84 50.84 13.23
N LYS A 238 24.70 51.66 13.85
CA LYS A 238 24.24 52.84 14.59
C LYS A 238 23.40 53.74 13.66
N GLY A 239 22.20 54.08 14.12
CA GLY A 239 21.27 54.94 13.41
C GLY A 239 20.36 54.23 12.42
N GLN A 240 20.44 52.90 12.37
CA GLN A 240 19.66 52.07 11.43
C GLN A 240 18.18 52.05 11.78
N PHE A 241 17.35 52.11 10.74
CA PHE A 241 15.91 51.98 10.86
C PHE A 241 15.36 50.99 9.83
N ASN A 242 14.28 50.29 10.17
CA ASN A 242 13.65 49.32 9.29
C ASN A 242 13.31 49.96 7.94
N ASN A 243 13.52 49.22 6.83
CA ASN A 243 13.21 49.63 5.45
C ASN A 243 14.09 50.73 4.82
N PHE A 244 15.07 51.22 5.57
CA PHE A 244 16.02 52.23 5.05
C PHE A 244 17.44 51.68 5.03
N ALA A 245 18.20 52.05 3.99
CA ALA A 245 19.60 51.62 3.82
C ALA A 245 20.49 52.15 4.94
N PRO A 246 21.10 51.28 5.72
CA PRO A 246 21.96 51.71 6.82
C PRO A 246 23.32 52.22 6.34
N ASP A 247 24.03 52.85 7.24
CA ASP A 247 25.37 53.35 6.98
C ASP A 247 26.36 52.23 7.27
N GLN A 248 27.09 51.85 6.25
CA GLN A 248 27.99 50.75 6.35
C GLN A 248 29.30 51.10 7.01
N THR A 249 29.53 52.38 7.25
CA THR A 249 30.75 52.84 7.94
C THR A 249 30.53 53.09 9.44
N ALA A 250 29.26 53.04 9.88
CA ALA A 250 28.85 53.28 11.25
C ALA A 250 29.17 52.11 12.20
N PRO A 251 29.42 52.38 13.51
CA PRO A 251 29.71 51.26 14.42
C PRO A 251 28.52 50.32 14.63
N TRP A 252 28.79 49.10 15.08
CA TRP A 252 27.75 48.11 15.34
C TRP A 252 27.16 48.33 16.72
N VAL A 253 25.82 48.18 16.83
CA VAL A 253 25.11 48.27 18.11
C VAL A 253 24.55 46.89 18.41
N VAL A 254 24.89 46.34 19.59
CA VAL A 254 24.40 45.03 20.01
C VAL A 254 23.43 45.23 21.17
N ASN A 255 22.13 45.12 20.89
CA ASN A 255 21.08 45.32 21.90
C ASN A 255 20.53 43.97 22.40
N ALA A 256 20.66 43.70 23.69
CA ALA A 256 20.22 42.44 24.31
C ALA A 256 19.05 42.68 25.24
N SER A 257 17.90 42.05 24.95
CA SER A 257 16.68 42.16 25.73
C SER A 257 16.24 40.78 26.13
N LEU A 258 16.25 40.50 27.43
CA LEU A 258 15.98 39.18 28.00
C LEU A 258 14.65 39.10 28.75
N ASP A 259 13.75 38.22 28.28
CA ASP A 259 12.48 37.93 28.95
C ASP A 259 12.71 36.76 29.93
N PHE A 260 12.15 36.86 31.14
CA PHE A 260 12.42 35.87 32.18
C PHE A 260 11.29 35.65 33.17
N LEU A 261 11.48 34.63 34.02
CA LEU A 261 10.71 34.33 35.24
C LEU A 261 11.78 34.27 36.35
N GLY A 262 11.60 34.87 37.53
CA GLY A 262 10.47 35.67 37.94
C GLY A 262 10.91 37.01 38.50
N THR A 263 11.61 36.99 39.65
CA THR A 263 12.00 38.23 40.41
C THR A 263 13.46 38.71 40.30
N LEU A 264 13.68 39.78 39.51
CA LEU A 264 15.00 40.40 39.31
C LEU A 264 15.12 41.65 40.16
N PRO A 265 16.09 41.71 41.10
CA PRO A 265 16.20 42.91 41.96
C PRO A 265 16.68 44.16 41.23
N LYS A 266 16.33 45.33 41.77
CA LYS A 266 16.66 46.65 41.25
C LYS A 266 18.18 46.85 41.07
N HIS A 267 18.56 47.81 40.19
CA HIS A 267 19.95 48.15 39.82
C HIS A 267 20.66 46.92 39.26
N ALA A 268 20.02 46.26 38.29
CA ALA A 268 20.59 45.09 37.65
C ALA A 268 21.71 45.49 36.70
N SER A 269 22.75 44.66 36.68
CA SER A 269 23.93 44.82 35.84
C SER A 269 23.90 43.77 34.70
N MET A 270 24.39 44.17 33.52
CA MET A 270 24.45 43.29 32.36
C MET A 270 25.85 43.29 31.76
N SER A 271 26.38 42.10 31.48
CA SER A 271 27.66 41.92 30.80
C SER A 271 27.54 40.92 29.65
N VAL A 272 28.34 41.08 28.60
CA VAL A 272 28.38 40.14 27.46
C VAL A 272 29.80 39.61 27.17
N ILE A 273 29.86 38.41 26.61
CA ILE A 273 31.07 37.81 26.06
C ILE A 273 30.68 37.40 24.65
N ILE A 274 31.27 38.04 23.64
CA ILE A 274 31.04 37.73 22.23
C ILE A 274 32.29 37.02 21.71
N THR A 275 32.17 35.72 21.50
CA THR A 275 33.23 34.86 21.01
C THR A 275 32.91 34.36 19.60
N ASP A 276 33.95 33.97 18.83
CA ASP A 276 33.78 33.39 17.49
C ASP A 276 33.05 32.04 17.63
N ALA A 277 32.01 31.82 16.81
CA ALA A 277 31.22 30.58 16.84
C ALA A 277 32.04 29.33 16.51
N SER A 278 33.11 29.51 15.73
CA SER A 278 34.07 28.45 15.39
C SER A 278 35.07 28.21 16.55
N ASP A 279 35.80 29.26 16.94
CA ASP A 279 36.80 29.19 17.98
C ASP A 279 36.47 30.01 19.26
N SER A 280 36.29 29.30 20.38
CA SER A 280 36.00 29.93 21.67
C SER A 280 37.13 30.87 22.11
N ARG A 281 38.36 30.54 21.75
CA ARG A 281 39.49 31.34 22.14
C ARG A 281 39.48 32.75 21.53
N SER A 282 38.84 32.93 20.39
CA SER A 282 38.78 34.25 19.79
C SER A 282 37.62 35.08 20.33
N VAL A 283 37.93 36.08 21.14
CA VAL A 283 36.95 36.95 21.80
C VAL A 283 36.84 38.28 21.06
N LEU A 284 35.65 38.58 20.57
CA LEU A 284 35.38 39.82 19.84
C LEU A 284 35.20 40.95 20.84
N TYR A 285 34.31 40.76 21.83
CA TYR A 285 34.04 41.73 22.87
C TYR A 285 33.70 41.06 24.20
N SER A 286 34.31 41.58 25.28
CA SER A 286 34.02 41.14 26.64
C SER A 286 33.92 42.39 27.49
N GLY A 287 32.72 42.66 27.99
CA GLY A 287 32.47 43.84 28.82
C GLY A 287 31.04 44.04 29.21
N LYS A 288 30.79 45.16 29.91
CA LYS A 288 29.47 45.54 30.40
C LYS A 288 28.60 46.17 29.31
N LEU A 289 27.28 46.11 29.52
CA LEU A 289 26.27 46.73 28.68
C LEU A 289 25.86 48.04 29.35
N GLU A 290 25.52 49.05 28.53
CA GLU A 290 25.10 50.36 28.99
C GLU A 290 23.60 50.59 28.72
N GLY A 291 23.05 51.63 29.35
CA GLY A 291 21.64 52.02 29.22
C GLY A 291 20.67 50.93 29.62
N VAL A 292 20.96 50.27 30.75
CA VAL A 292 20.18 49.14 31.27
C VAL A 292 18.78 49.60 31.71
N THR A 293 17.75 48.93 31.19
CA THR A 293 16.35 49.13 31.56
C THR A 293 15.78 47.79 32.03
N GLN A 294 14.89 47.83 33.02
CA GLN A 294 14.26 46.62 33.55
C GLN A 294 12.80 46.82 33.93
N SER A 295 12.04 45.72 33.87
CA SER A 295 10.63 45.67 34.22
C SER A 295 10.40 44.38 35.02
N ASP A 296 9.15 44.03 35.27
CA ASP A 296 8.74 42.84 36.03
C ASP A 296 9.40 41.56 35.48
N MET A 297 9.35 41.38 34.14
CA MET A 297 9.87 40.17 33.47
C MET A 297 10.89 40.40 32.32
N THR A 298 11.42 41.62 32.16
CA THR A 298 12.38 41.94 31.09
C THR A 298 13.53 42.81 31.58
N VAL A 299 14.74 42.51 31.09
CA VAL A 299 15.97 43.27 31.33
C VAL A 299 16.65 43.51 29.96
N THR A 300 16.99 44.76 29.67
CA THR A 300 17.57 45.19 28.39
C THR A 300 18.80 46.09 28.59
N GLY A 301 19.79 45.90 27.73
CA GLY A 301 21.02 46.70 27.68
C GLY A 301 21.65 46.62 26.31
N SER A 302 22.65 47.48 26.06
CA SER A 302 23.34 47.47 24.78
C SER A 302 24.82 47.81 24.84
N VAL A 303 25.56 47.41 23.81
CA VAL A 303 26.97 47.74 23.65
C VAL A 303 27.26 48.16 22.21
N THR A 304 28.08 49.19 22.04
CA THR A 304 28.49 49.65 20.73
C THR A 304 29.89 49.13 20.46
N ILE A 305 30.05 48.40 19.36
CA ILE A 305 31.33 47.83 18.93
C ILE A 305 31.82 48.57 17.70
N ASP A 306 33.14 48.79 17.62
CA ASP A 306 33.82 49.46 16.52
C ASP A 306 33.48 48.77 15.18
N ALA A 307 33.12 49.56 14.17
CA ALA A 307 32.78 49.09 12.81
C ALA A 307 33.80 48.14 12.19
N HIS A 308 35.09 48.34 12.47
CA HIS A 308 36.18 47.54 11.91
C HIS A 308 36.36 46.16 12.60
N LYS A 309 35.88 45.99 13.84
CA LYS A 309 36.13 44.76 14.62
C LYS A 309 35.43 43.47 14.14
N PRO A 310 34.09 43.43 13.99
CA PRO A 310 33.47 42.14 13.63
C PRO A 310 33.58 41.77 12.16
N LYS A 311 33.79 40.46 11.93
CA LYS A 311 33.83 39.88 10.59
C LYS A 311 32.37 39.66 10.15
N LEU A 312 32.04 40.17 8.97
CA LEU A 312 30.68 40.13 8.43
C LEU A 312 30.18 38.74 8.03
N TRP A 313 28.87 38.54 8.15
CA TRP A 313 28.15 37.36 7.69
C TRP A 313 27.63 37.68 6.28
N TRP A 314 27.77 36.70 5.38
CA TRP A 314 27.30 36.81 4.00
C TRP A 314 26.51 35.55 3.65
N PRO A 315 25.50 35.64 2.76
CA PRO A 315 24.82 34.42 2.29
C PRO A 315 25.78 33.55 1.48
N ARG A 316 25.42 32.27 1.26
CA ARG A 316 26.25 31.32 0.51
C ARG A 316 26.61 31.84 -0.89
N ASP A 317 27.88 31.60 -1.30
CA ASP A 317 28.50 32.05 -2.55
C ASP A 317 28.61 33.59 -2.65
N MET A 318 28.56 34.28 -1.50
CA MET A 318 28.71 35.74 -1.36
C MET A 318 29.78 36.10 -0.32
N GLY A 319 30.45 35.08 0.21
CA GLY A 319 31.50 35.21 1.22
C GLY A 319 31.35 34.18 2.32
N ASN A 320 31.85 34.50 3.51
CA ASN A 320 31.78 33.59 4.65
C ASN A 320 30.52 33.81 5.49
N GLN A 321 30.09 32.73 6.13
CA GLN A 321 28.92 32.74 7.00
C GLN A 321 29.42 32.87 8.42
N GLN A 322 30.10 33.98 8.69
CA GLN A 322 30.70 34.28 9.97
C GLN A 322 29.62 34.46 11.05
N LEU A 323 29.72 33.63 12.09
CA LEU A 323 28.81 33.66 13.21
C LEU A 323 29.57 33.83 14.51
N TYR A 324 28.88 34.33 15.53
CA TYR A 324 29.44 34.59 16.86
C TYR A 324 28.49 34.10 17.92
N ASN A 325 29.05 33.61 19.02
CA ASN A 325 28.27 33.18 20.17
C ASN A 325 28.25 34.27 21.23
N ILE A 326 27.09 34.83 21.48
CA ILE A 326 26.92 35.90 22.48
C ILE A 326 26.27 35.32 23.75
N THR A 327 26.92 35.54 24.88
CA THR A 327 26.42 35.09 26.17
C THR A 327 26.18 36.32 27.00
N VAL A 328 24.91 36.58 27.35
CA VAL A 328 24.49 37.73 28.13
C VAL A 328 24.29 37.27 29.57
N SER A 329 24.98 37.94 30.50
CA SER A 329 24.91 37.61 31.94
C SER A 329 24.30 38.77 32.72
N VAL A 330 23.25 38.46 33.48
CA VAL A 330 22.55 39.46 34.32
C VAL A 330 22.88 39.24 35.80
N SER A 331 23.54 40.24 36.39
CA SER A 331 23.93 40.23 37.80
C SER A 331 23.16 41.29 38.56
N SER A 332 22.92 41.04 39.85
CA SER A 332 22.24 41.99 40.72
C SER A 332 23.25 42.63 41.68
N ALA A 333 22.94 43.86 42.14
CA ALA A 333 23.76 44.59 43.12
C ALA A 333 23.84 43.76 44.42
N GLY A 334 25.05 43.33 44.76
CA GLY A 334 25.30 42.46 45.92
C GLY A 334 25.16 40.97 45.60
N SER A 335 25.59 40.57 44.40
CA SER A 335 25.60 39.18 43.94
C SER A 335 26.88 38.89 43.13
N LYS A 336 27.67 37.91 43.59
CA LYS A 336 28.93 37.52 42.97
C LYS A 336 28.70 36.80 41.63
N THR A 337 27.74 35.87 41.61
CA THR A 337 27.39 35.08 40.43
C THR A 337 26.16 35.68 39.72
N PRO A 338 26.09 35.59 38.40
CA PRO A 338 24.92 36.09 37.71
C PRO A 338 23.74 35.25 38.01
N ILE A 339 22.56 35.85 37.97
CA ILE A 339 21.35 35.10 38.21
C ILE A 339 20.54 34.71 36.97
N LEU A 340 20.87 35.33 35.84
CA LEU A 340 20.29 35.01 34.55
C LEU A 340 21.37 34.98 33.50
N VAL A 341 21.40 33.92 32.73
CA VAL A 341 22.38 33.74 31.66
C VAL A 341 21.65 33.26 30.39
N SER A 342 21.82 33.97 29.28
CA SER A 342 21.24 33.57 27.99
C SER A 342 22.27 33.57 26.86
N GLN A 343 22.22 32.54 26.03
CA GLN A 343 23.13 32.43 24.90
C GLN A 343 22.43 32.30 23.55
N ARG A 344 22.96 32.99 22.57
CA ARG A 344 22.46 32.94 21.19
C ARG A 344 23.63 33.01 20.22
N ARG A 345 23.45 32.39 19.05
CA ARG A 345 24.42 32.47 17.96
C ARG A 345 23.89 33.55 16.99
N VAL A 346 24.73 34.56 16.75
CA VAL A 346 24.40 35.74 15.95
C VAL A 346 25.39 35.99 14.82
N GLY A 347 25.01 36.89 13.94
CA GLY A 347 25.83 37.33 12.83
C GLY A 347 25.85 38.83 12.72
N PHE A 348 26.96 39.39 12.25
CA PHE A 348 27.08 40.83 12.04
C PHE A 348 26.88 41.07 10.55
N ARG A 349 25.68 41.56 10.22
CA ARG A 349 25.29 41.85 8.83
C ARG A 349 24.10 42.78 8.75
N THR A 350 23.95 43.44 7.60
CA THR A 350 22.76 44.21 7.34
C THR A 350 21.99 43.57 6.18
N ILE A 351 20.69 43.44 6.34
CA ILE A 351 19.82 42.92 5.30
C ILE A 351 18.68 43.90 5.11
N LEU A 352 18.59 44.45 3.91
CA LEU A 352 17.57 45.44 3.57
C LEU A 352 16.58 44.90 2.57
N PHE A 353 15.29 45.03 2.85
CA PHE A 353 14.26 44.78 1.85
C PHE A 353 13.84 46.18 1.36
N SER A 354 14.20 46.50 0.12
CA SER A 354 13.97 47.81 -0.50
C SER A 354 12.66 47.81 -1.29
N SER A 355 11.69 48.62 -0.83
CA SER A 355 10.37 48.71 -1.45
C SER A 355 9.89 50.15 -1.67
N GLY A 356 10.79 51.10 -1.50
CA GLY A 356 10.49 52.52 -1.69
C GLY A 356 10.61 52.92 -3.13
N ASN A 357 10.39 54.20 -3.40
CA ASN A 357 10.36 54.74 -4.75
C ASN A 357 11.69 54.55 -5.47
N ILE A 358 11.64 54.35 -6.77
CA ILE A 358 12.82 54.27 -7.62
C ILE A 358 13.36 55.71 -7.64
N THR A 359 14.60 55.90 -7.16
CA THR A 359 15.23 57.22 -7.03
C THR A 359 15.55 57.87 -8.36
N ASP A 360 15.78 59.19 -8.35
CA ASP A 360 16.16 59.96 -9.54
C ASP A 360 17.48 59.42 -10.13
N ALA A 361 18.40 59.00 -9.25
CA ALA A 361 19.69 58.42 -9.61
C ALA A 361 19.50 57.11 -10.38
N GLN A 362 18.56 56.27 -9.92
CA GLN A 362 18.19 55.01 -10.58
C GLN A 362 17.55 55.29 -11.96
N ILE A 363 16.63 56.27 -12.04
CA ILE A 363 15.97 56.69 -13.29
C ILE A 363 17.04 57.12 -14.30
N ALA A 364 18.02 57.92 -13.84
CA ALA A 364 19.14 58.41 -14.65
C ALA A 364 20.00 57.25 -15.17
N SER A 365 20.16 56.18 -14.38
CA SER A 365 20.94 54.99 -14.78
C SER A 365 20.22 54.11 -15.82
N GLY A 366 18.93 54.40 -16.07
CA GLY A 366 18.11 53.71 -17.07
C GLY A 366 16.98 52.86 -16.53
N ILE A 367 16.88 52.77 -15.19
CA ILE A 367 15.84 52.01 -14.48
C ILE A 367 14.49 52.71 -14.64
N THR A 368 13.47 51.92 -14.97
CA THR A 368 12.10 52.39 -15.12
C THR A 368 11.59 52.92 -13.77
N PRO A 369 10.94 54.11 -13.75
CA PRO A 369 10.40 54.61 -12.49
C PRO A 369 9.30 53.74 -11.90
N GLY A 370 9.03 53.99 -10.62
CA GLY A 370 8.05 53.27 -9.84
C GLY A 370 8.60 52.96 -8.45
N ASN A 371 8.46 51.70 -8.03
CA ASN A 371 8.96 51.28 -6.73
C ASN A 371 9.91 50.09 -6.83
N ASN A 372 10.83 50.02 -5.89
CA ASN A 372 11.76 48.91 -5.75
C ASN A 372 11.06 47.69 -5.17
N TRP A 373 11.69 46.52 -5.36
CA TRP A 373 11.36 45.25 -4.72
C TRP A 373 12.60 44.38 -4.84
N HIS A 374 13.59 44.65 -3.97
CA HIS A 374 14.84 43.90 -3.94
C HIS A 374 15.48 43.84 -2.57
N PHE A 375 16.51 43.00 -2.43
CA PHE A 375 17.26 42.85 -1.19
C PHE A 375 18.69 43.36 -1.35
N GLU A 376 19.28 43.79 -0.24
CA GLU A 376 20.67 44.27 -0.18
C GLU A 376 21.37 43.65 1.04
N ILE A 377 22.49 42.96 0.82
CA ILE A 377 23.31 42.38 1.88
C ILE A 377 24.54 43.24 2.10
N ASN A 378 24.70 43.75 3.33
CA ASN A 378 25.80 44.65 3.71
C ASN A 378 25.98 45.81 2.71
N GLY A 379 24.86 46.38 2.25
CA GLY A 379 24.84 47.51 1.33
C GLY A 379 24.96 47.16 -0.14
N HIS A 380 25.08 45.87 -0.45
CA HIS A 380 25.20 45.37 -1.84
C HIS A 380 23.93 44.73 -2.35
N GLU A 381 23.45 45.17 -3.50
CA GLU A 381 22.34 44.56 -4.23
C GLU A 381 22.76 43.15 -4.65
N PHE A 382 21.85 42.21 -4.62
CA PHE A 382 22.14 40.88 -5.11
C PHE A 382 20.95 40.30 -5.80
N TYR A 383 21.17 39.34 -6.67
CA TYR A 383 20.07 38.66 -7.32
C TYR A 383 19.68 37.46 -6.50
N ALA A 384 18.44 37.48 -6.03
CA ALA A 384 17.92 36.45 -5.15
C ALA A 384 17.48 35.25 -5.97
N LYS A 385 17.96 34.06 -5.58
CA LYS A 385 17.61 32.83 -6.28
C LYS A 385 17.12 31.79 -5.29
N GLY A 386 15.96 31.24 -5.54
CA GLY A 386 15.40 30.23 -4.67
C GLY A 386 13.98 29.81 -5.01
N ALA A 387 13.21 29.50 -3.97
CA ALA A 387 11.84 29.01 -4.05
C ALA A 387 11.09 29.27 -2.74
N ASN A 388 9.82 28.82 -2.69
CA ASN A 388 8.97 28.98 -1.54
C ASN A 388 8.94 27.73 -0.70
N LEU A 389 9.20 27.88 0.58
CA LEU A 389 9.25 26.77 1.47
C LEU A 389 7.96 26.66 2.19
N ILE A 390 7.36 25.50 2.07
CA ILE A 390 6.13 25.14 2.75
C ILE A 390 6.41 24.09 3.78
N PRO A 391 5.46 23.90 4.74
CA PRO A 391 5.79 22.92 5.75
C PRO A 391 6.06 21.55 5.17
N PRO A 392 7.10 20.87 5.60
CA PRO A 392 7.44 19.58 5.00
C PRO A 392 6.58 18.40 5.42
N ASP A 393 5.71 18.60 6.42
CA ASP A 393 4.86 17.55 7.00
C ASP A 393 3.61 18.17 7.58
N ALA A 394 2.52 17.39 7.61
CA ALA A 394 1.25 17.83 8.19
C ALA A 394 1.37 17.88 9.72
N PHE A 395 2.38 17.16 10.27
CA PHE A 395 2.64 17.05 11.72
C PHE A 395 4.05 17.48 12.08
N TRP A 396 4.21 18.77 12.42
CA TRP A 396 5.49 19.38 12.81
C TRP A 396 6.34 18.57 13.81
N PRO A 397 5.76 17.90 14.78
CA PRO A 397 6.60 17.17 15.73
C PRO A 397 7.51 16.08 15.12
N ARG A 398 7.08 15.44 14.05
CA ARG A 398 7.92 14.44 13.42
C ARG A 398 8.94 14.96 12.42
N VAL A 399 9.00 16.26 12.17
CA VAL A 399 10.01 16.84 11.32
C VAL A 399 11.33 16.91 12.07
N THR A 400 12.31 16.14 11.59
CA THR A 400 13.60 15.93 12.25
C THR A 400 14.71 16.80 11.70
N SER A 401 15.83 16.81 12.43
CA SER A 401 17.06 17.51 12.03
C SER A 401 17.62 16.95 10.70
N ASP A 402 17.60 15.63 10.56
CA ASP A 402 18.04 14.92 9.37
C ASP A 402 17.20 15.29 8.14
N ARG A 403 15.89 15.31 8.28
CA ARG A 403 14.97 15.67 7.20
C ARG A 403 15.21 17.11 6.69
N MET A 404 15.38 18.07 7.62
CA MET A 404 15.62 19.45 7.27
C MET A 404 17.01 19.68 6.70
N ASN A 405 18.02 18.99 7.26
CA ASN A 405 19.38 19.10 6.73
C ASN A 405 19.45 18.54 5.29
N ARG A 406 18.68 17.46 4.99
CA ARG A 406 18.63 16.89 3.65
C ARG A 406 17.95 17.85 2.66
N LEU A 407 16.90 18.55 3.14
CA LEU A 407 16.19 19.56 2.35
C LEU A 407 17.14 20.73 2.03
N PHE A 408 17.89 21.14 3.02
CA PHE A 408 18.87 22.17 2.87
C PHE A 408 20.04 21.83 1.96
N ASP A 409 20.46 20.57 1.92
CA ASP A 409 21.42 20.12 0.97
C ASP A 409 20.91 20.33 -0.45
N SER A 410 19.65 20.02 -0.66
CA SER A 410 19.00 20.22 -1.93
C SER A 410 18.84 21.67 -2.33
N VAL A 411 18.64 22.52 -1.35
CA VAL A 411 18.49 23.97 -1.53
C VAL A 411 19.84 24.55 -2.02
N GLU A 412 20.93 24.18 -1.34
CA GLU A 412 22.29 24.62 -1.69
C GLU A 412 22.73 24.10 -3.06
N SER A 413 22.45 22.82 -3.34
CA SER A 413 22.83 22.15 -4.59
C SER A 413 22.15 22.79 -5.79
N GLN A 414 20.98 23.36 -5.58
CA GLN A 414 20.20 24.02 -6.61
C GLN A 414 20.66 25.46 -6.85
N ASN A 415 21.73 25.83 -6.15
CA ASN A 415 22.30 27.19 -6.14
C ASN A 415 21.41 28.31 -5.63
N PHE A 416 20.61 28.00 -4.60
CA PHE A 416 19.81 28.96 -3.87
C PHE A 416 20.63 29.89 -2.97
N ASN A 417 20.20 31.12 -2.83
CA ASN A 417 20.62 31.97 -1.72
C ASN A 417 19.50 32.41 -0.80
N MET A 418 18.28 32.10 -1.17
CA MET A 418 17.08 32.50 -0.45
C MET A 418 15.93 31.49 -0.51
N LEU A 419 15.18 31.39 0.59
CA LEU A 419 13.93 30.67 0.65
C LEU A 419 12.89 31.68 1.17
N ARG A 420 11.68 31.64 0.62
CA ARG A 420 10.58 32.42 1.19
C ARG A 420 9.84 31.48 2.11
N VAL A 421 9.86 31.77 3.41
CA VAL A 421 9.18 30.96 4.41
C VAL A 421 7.69 31.38 4.37
N TRP A 422 6.94 30.66 3.54
CA TRP A 422 5.55 30.92 3.22
C TRP A 422 4.61 30.86 4.42
N SER A 423 3.64 31.80 4.45
CA SER A 423 2.57 31.83 5.44
C SER A 423 1.25 31.37 4.76
N SER A 424 0.46 30.49 5.38
CA SER A 424 0.65 29.88 6.70
C SER A 424 0.33 28.38 6.63
N GLY A 425 1.24 27.49 7.01
CA GLY A 425 2.58 27.79 7.54
C GLY A 425 2.63 28.09 9.01
N THR A 426 3.83 28.03 9.59
CA THR A 426 4.07 28.39 10.97
C THR A 426 5.39 29.18 11.11
N TYR A 427 5.65 29.74 12.30
CA TYR A 427 6.92 30.40 12.57
C TYR A 427 7.89 29.24 12.83
N LEU A 428 8.98 29.16 12.05
CA LEU A 428 9.93 28.04 12.19
C LEU A 428 10.62 28.04 13.54
N PRO A 429 10.84 26.85 14.14
CA PRO A 429 11.59 26.80 15.40
C PRO A 429 13.02 27.23 15.23
N ASP A 430 13.68 27.60 16.34
CA ASP A 430 15.08 28.06 16.37
C ASP A 430 16.04 27.15 15.55
N TRP A 431 15.93 25.81 15.77
CA TRP A 431 16.79 24.85 15.13
C TRP A 431 16.80 24.88 13.59
N ILE A 432 15.68 25.24 12.97
CA ILE A 432 15.62 25.34 11.50
C ILE A 432 16.37 26.60 11.02
N TYR A 433 16.18 27.75 11.70
CA TYR A 433 16.89 28.99 11.39
C TYR A 433 18.41 28.83 11.61
N ASP A 434 18.81 28.03 12.60
CA ASP A 434 20.21 27.68 12.88
C ASP A 434 20.88 27.05 11.66
N ILE A 435 20.13 26.19 10.94
CA ILE A 435 20.60 25.51 9.74
C ILE A 435 20.85 26.54 8.65
N ALA A 436 19.89 27.41 8.45
CA ALA A 436 20.02 28.47 7.49
C ALA A 436 21.13 29.46 7.81
N ASP A 437 21.34 29.76 9.09
CA ASP A 437 22.42 30.62 9.54
C ASP A 437 23.76 30.05 9.17
N GLU A 438 23.95 28.76 9.44
CA GLU A 438 25.23 28.07 9.21
C GLU A 438 25.59 27.92 7.72
N ARG A 439 24.56 27.73 6.92
CA ARG A 439 24.62 27.43 5.48
C ARG A 439 24.61 28.65 4.58
N GLY A 440 24.10 29.76 5.10
CA GLY A 440 24.03 31.00 4.37
C GLY A 440 22.83 31.15 3.47
N VAL A 441 21.69 30.60 3.88
CA VAL A 441 20.47 30.71 3.11
C VAL A 441 19.60 31.75 3.78
N LEU A 442 19.31 32.85 3.07
CA LEU A 442 18.45 33.92 3.58
C LEU A 442 17.02 33.44 3.65
N LEU A 443 16.31 33.77 4.74
CA LEU A 443 14.92 33.38 4.92
C LEU A 443 13.97 34.60 4.96
N TRP A 444 13.29 34.82 3.84
CA TRP A 444 12.23 35.83 3.73
C TRP A 444 11.10 35.26 4.59
N SER A 445 10.83 35.88 5.73
CA SER A 445 9.86 35.34 6.69
C SER A 445 8.54 36.11 6.73
N GLU A 446 7.49 35.40 7.16
CA GLU A 446 6.14 35.96 7.17
C GLU A 446 5.36 35.64 8.45
N PHE A 447 4.36 36.50 8.76
CA PHE A 447 3.45 36.32 9.88
C PHE A 447 2.29 35.43 9.38
N GLN A 448 1.72 34.61 10.27
CA GLN A 448 0.75 33.60 9.87
C GLN A 448 -0.69 34.03 9.50
N PHE A 449 -0.79 34.70 8.35
CA PHE A 449 -2.04 35.22 7.79
C PHE A 449 -1.97 34.99 6.28
N SER A 450 -2.95 34.26 5.72
CA SER A 450 -2.86 33.80 4.34
C SER A 450 -4.16 33.59 3.59
N ASP A 451 -4.22 34.16 2.39
CA ASP A 451 -5.27 34.00 1.39
C ASP A 451 -6.71 34.13 1.91
N THR A 452 -6.92 35.10 2.81
CA THR A 452 -8.22 35.46 3.39
C THR A 452 -8.10 36.77 4.16
N LEU A 453 -9.24 37.35 4.54
CA LEU A 453 -9.25 38.52 5.42
C LEU A 453 -9.51 38.09 6.86
N TYR A 454 -8.91 38.82 7.80
CA TYR A 454 -8.91 38.45 9.20
C TYR A 454 -9.71 39.42 10.09
N PRO A 455 -10.21 38.93 11.26
CA PRO A 455 -10.90 39.84 12.17
C PRO A 455 -9.97 40.87 12.81
N ASP A 456 -10.55 41.95 13.36
CA ASP A 456 -9.77 43.02 13.99
C ASP A 456 -10.36 43.46 15.33
N SER A 457 -10.99 42.52 16.03
CA SER A 457 -11.54 42.77 17.36
C SER A 457 -10.35 42.94 18.32
N ASP A 458 -10.59 43.64 19.43
CA ASP A 458 -9.56 43.92 20.43
C ASP A 458 -8.91 42.65 20.99
N ASP A 459 -9.71 41.61 21.21
CA ASP A 459 -9.23 40.35 21.75
C ASP A 459 -8.37 39.59 20.76
N PHE A 460 -8.79 39.57 19.48
CA PHE A 460 -8.05 38.90 18.42
C PHE A 460 -6.73 39.61 18.22
N LYS A 461 -6.78 40.95 18.15
CA LYS A 461 -5.60 41.79 17.97
C LYS A 461 -4.61 41.57 19.10
N ALA A 462 -5.10 41.51 20.34
CA ALA A 462 -4.27 41.29 21.53
C ALA A 462 -3.54 39.95 21.46
N ASN A 463 -4.25 38.89 21.00
CA ASN A 463 -3.73 37.53 20.83
C ASN A 463 -2.65 37.50 19.74
N VAL A 464 -2.91 38.21 18.63
CA VAL A 464 -1.98 38.37 17.52
C VAL A 464 -0.73 39.10 18.04
N VAL A 465 -0.91 40.20 18.83
CA VAL A 465 0.21 40.99 19.39
C VAL A 465 1.14 40.07 20.20
N GLY A 466 0.58 39.19 21.01
CA GLY A 466 1.37 38.25 21.81
C GLY A 466 2.24 37.35 20.96
N GLU A 467 1.64 36.84 19.87
CA GLU A 467 2.28 35.98 18.88
C GLU A 467 3.36 36.72 18.10
N ILE A 468 3.09 37.96 17.65
CA ILE A 468 4.05 38.76 16.91
C ILE A 468 5.19 39.17 17.82
N THR A 469 4.89 39.62 19.05
CA THR A 469 5.92 40.04 20.01
C THR A 469 6.85 38.88 20.33
N TYR A 470 6.29 37.70 20.64
CA TYR A 470 7.10 36.51 20.95
C TYR A 470 8.02 36.10 19.81
N ASN A 471 7.47 35.90 18.60
CA ASN A 471 8.23 35.40 17.45
C ASN A 471 9.25 36.37 16.87
N VAL A 472 8.93 37.66 16.84
CA VAL A 472 9.86 38.70 16.38
C VAL A 472 11.05 38.73 17.36
N ARG A 473 10.78 38.67 18.66
CA ARG A 473 11.81 38.65 19.69
C ARG A 473 12.64 37.38 19.66
N ARG A 474 11.97 36.24 19.46
CA ARG A 474 12.60 34.92 19.38
C ARG A 474 13.56 34.79 18.21
N LEU A 475 13.11 35.22 17.02
CA LEU A 475 13.84 35.04 15.77
C LEU A 475 14.82 36.14 15.34
N ASN A 476 14.76 37.33 15.97
CA ASN A 476 15.59 38.48 15.59
C ASN A 476 17.10 38.24 15.52
N HIS A 477 17.64 37.39 16.40
CA HIS A 477 19.09 37.09 16.48
C HIS A 477 19.66 36.38 15.26
N HIS A 478 18.79 35.70 14.51
CA HIS A 478 19.16 34.90 13.34
C HIS A 478 19.69 35.68 12.16
N ALA A 479 20.94 35.38 11.77
CA ALA A 479 21.60 36.01 10.64
C ALA A 479 20.85 35.77 9.31
N SER A 480 20.20 34.60 9.20
CA SER A 480 19.43 34.21 8.03
C SER A 480 18.10 34.99 7.83
N LEU A 481 17.52 35.53 8.91
CA LEU A 481 16.28 36.29 8.82
C LEU A 481 16.48 37.48 7.88
N ALA A 482 15.79 37.47 6.76
CA ALA A 482 15.95 38.45 5.69
C ALA A 482 14.98 39.62 5.75
N CYS A 483 13.76 39.37 6.25
CA CYS A 483 12.66 40.33 6.32
C CYS A 483 11.47 39.67 7.00
N TRP A 484 10.46 40.49 7.35
CA TRP A 484 9.15 40.06 7.89
C TRP A 484 8.08 40.64 7.00
N MET A 485 7.15 39.80 6.55
CA MET A 485 5.99 40.24 5.75
C MET A 485 4.72 39.82 6.48
N GLY A 486 3.79 40.77 6.60
CA GLY A 486 2.58 40.62 7.39
C GLY A 486 1.72 39.41 7.09
N GLY A 487 1.67 39.05 5.83
CA GLY A 487 0.88 37.93 5.38
C GLY A 487 0.94 37.66 3.89
N ASN A 488 0.19 36.68 3.44
CA ASN A 488 0.23 36.21 2.08
C ASN A 488 -1.00 36.60 1.27
N GLU A 489 -0.75 37.14 0.10
CA GLU A 489 -1.74 37.43 -0.93
C GLU A 489 -2.92 38.41 -0.59
N PHE A 490 -2.61 39.55 0.04
CA PHE A 490 -3.60 40.58 0.39
C PHE A 490 -3.88 41.67 -0.63
N GLU A 491 -2.95 42.57 -0.85
CA GLU A 491 -3.14 43.69 -1.79
C GLU A 491 -3.27 43.27 -3.25
N ASN A 492 -2.67 42.14 -3.63
CA ASN A 492 -2.70 41.67 -5.02
C ASN A 492 -3.87 40.73 -5.31
N LEU A 493 -4.52 40.24 -4.27
CA LEU A 493 -5.57 39.28 -4.45
C LEU A 493 -6.81 39.44 -3.57
N MET A 494 -6.68 39.20 -2.29
CA MET A 494 -7.79 39.18 -1.37
C MET A 494 -8.51 40.50 -1.16
N LEU A 495 -7.78 41.58 -1.05
CA LEU A 495 -8.39 42.90 -0.98
C LEU A 495 -9.10 43.32 -2.25
N PRO A 496 -8.50 43.13 -3.42
CA PRO A 496 -9.33 43.39 -4.63
C PRO A 496 -10.60 42.52 -4.72
N ILE A 497 -10.55 41.27 -4.21
CA ILE A 497 -11.72 40.37 -4.15
C ILE A 497 -12.82 40.98 -3.26
N ALA A 498 -12.43 41.47 -2.07
CA ALA A 498 -13.31 42.12 -1.11
C ALA A 498 -13.97 43.38 -1.70
N GLN A 499 -13.22 44.18 -2.48
CA GLN A 499 -13.77 45.40 -3.11
C GLN A 499 -14.87 45.06 -4.12
N GLY A 500 -14.67 43.95 -4.83
CA GLY A 500 -15.63 43.45 -5.81
C GLY A 500 -16.83 42.80 -5.16
N ALA A 501 -16.57 41.93 -4.15
CA ALA A 501 -17.60 41.15 -3.45
C ALA A 501 -18.54 42.00 -2.60
N ASP A 502 -18.01 43.08 -2.01
CA ASP A 502 -18.79 44.01 -1.17
C ASP A 502 -18.21 45.44 -1.20
N PRO A 503 -18.53 46.24 -2.25
CA PRO A 503 -17.97 47.61 -2.33
C PRO A 503 -18.27 48.50 -1.12
N ALA A 504 -19.43 48.29 -0.47
CA ALA A 504 -19.88 49.07 0.68
C ALA A 504 -19.05 48.85 1.93
N THR A 505 -18.67 47.62 2.19
CA THR A 505 -17.91 47.31 3.36
C THR A 505 -16.41 47.37 3.17
N TYR A 506 -15.98 47.66 1.97
CA TYR A 506 -14.58 47.59 1.66
C TYR A 506 -13.67 48.55 2.39
N PRO A 507 -14.11 49.85 2.46
CA PRO A 507 -13.21 50.75 3.17
C PRO A 507 -12.97 50.37 4.62
N TYR A 508 -13.99 49.83 5.25
CA TYR A 508 -13.92 49.33 6.62
C TYR A 508 -12.91 48.22 6.71
N VAL A 509 -13.04 47.24 5.81
CA VAL A 509 -12.20 46.04 5.72
C VAL A 509 -10.73 46.40 5.39
N LEU A 510 -10.53 47.44 4.53
CA LEU A 510 -9.21 47.98 4.20
C LEU A 510 -8.61 48.66 5.41
N GLY A 511 -9.46 49.34 6.17
CA GLY A 511 -9.08 50.00 7.40
C GLY A 511 -8.59 49.04 8.47
N GLN A 512 -9.22 47.86 8.54
CA GLN A 512 -8.84 46.81 9.49
C GLN A 512 -7.46 46.23 9.11
N TYR A 513 -7.23 46.07 7.79
CA TYR A 513 -5.99 45.58 7.22
C TYR A 513 -4.84 46.47 7.64
N GLU A 514 -4.99 47.79 7.40
CA GLU A 514 -3.99 48.79 7.80
C GLU A 514 -3.80 48.80 9.32
N ASN A 515 -4.90 48.69 10.07
CA ASN A 515 -4.84 48.71 11.52
C ASN A 515 -4.07 47.52 12.09
N LEU A 516 -4.35 46.31 11.57
CA LEU A 516 -3.68 45.12 12.05
C LEU A 516 -2.28 44.97 11.46
N PHE A 517 -2.18 44.91 10.12
CA PHE A 517 -0.91 44.66 9.41
C PHE A 517 0.10 45.83 9.35
N ILE A 518 -0.35 47.06 9.59
CA ILE A 518 0.58 48.20 9.52
C ILE A 518 0.72 48.85 10.91
N THR A 519 -0.33 49.52 11.38
CA THR A 519 -0.36 50.25 12.65
C THR A 519 0.09 49.36 13.79
N THR A 520 -0.54 48.23 13.99
CA THR A 520 -0.07 47.34 15.04
C THR A 520 1.19 46.57 14.75
N LEU A 521 1.21 45.87 13.63
CA LEU A 521 2.29 44.95 13.33
C LEU A 521 3.63 45.58 13.04
N PHE A 522 3.65 46.66 12.29
CA PHE A 522 4.88 47.36 12.06
C PHE A 522 5.42 47.96 13.33
N ASN A 523 4.54 48.46 14.18
CA ASN A 523 4.96 49.03 15.48
C ASN A 523 5.56 47.96 16.41
N VAL A 524 4.95 46.77 16.45
CA VAL A 524 5.48 45.66 17.26
C VAL A 524 6.88 45.26 16.71
N LEU A 525 7.04 45.22 15.37
CA LEU A 525 8.33 44.90 14.78
C LEU A 525 9.39 45.98 15.08
N ALA A 526 9.04 47.27 14.79
CA ALA A 526 9.94 48.43 14.99
C ALA A 526 10.43 48.54 16.44
N ALA A 527 9.56 48.20 17.41
CA ALA A 527 9.87 48.20 18.82
C ALA A 527 10.89 47.15 19.19
N ASN A 528 10.89 46.03 18.48
CA ASN A 528 11.73 44.89 18.80
C ASN A 528 12.86 44.62 17.83
N SER A 529 12.96 45.44 16.78
CA SER A 529 13.99 45.29 15.77
C SER A 529 14.21 46.58 14.99
N HIS A 530 15.47 46.98 14.83
CA HIS A 530 15.90 48.12 14.00
C HIS A 530 16.49 47.62 12.67
N SER A 531 16.87 46.34 12.66
CA SER A 531 17.59 45.64 11.59
C SER A 531 16.75 44.97 10.49
N ILE A 532 15.53 44.51 10.82
CA ILE A 532 14.68 43.77 9.88
C ILE A 532 13.59 44.64 9.22
N SER A 533 13.58 44.66 7.87
CA SER A 533 12.60 45.43 7.08
C SER A 533 11.24 44.73 7.03
N TYR A 534 10.19 45.51 6.77
CA TYR A 534 8.81 45.02 6.76
C TYR A 534 8.03 45.40 5.51
N SER A 535 7.04 44.57 5.19
CA SER A 535 6.05 44.77 4.14
C SER A 535 4.71 44.22 4.69
N PRO A 536 3.59 44.98 4.64
CA PRO A 536 2.34 44.48 5.21
C PRO A 536 1.81 43.17 4.59
N CYS A 537 2.25 42.86 3.37
CA CYS A 537 1.90 41.61 2.67
C CYS A 537 2.99 41.22 1.65
N SER A 538 2.96 39.94 1.25
CA SER A 538 3.92 39.29 0.35
C SER A 538 4.02 39.92 -1.05
N ALA A 539 2.96 40.60 -1.49
CA ALA A 539 2.92 41.21 -2.82
C ALA A 539 2.12 42.51 -2.81
N ASN A 540 2.80 43.60 -3.14
CA ASN A 540 2.23 44.94 -3.20
C ASN A 540 3.08 45.85 -4.09
N ASN A 541 2.59 47.07 -4.35
CA ASN A 541 3.24 48.07 -5.19
C ASN A 541 4.20 48.99 -4.45
N GLY A 542 4.61 48.57 -3.25
CA GLY A 542 5.52 49.32 -2.42
C GLY A 542 4.88 50.41 -1.57
N TRP A 543 5.72 51.23 -0.93
CA TRP A 543 5.25 52.30 -0.05
C TRP A 543 5.59 53.70 -0.57
N LEU A 544 4.67 54.62 -0.33
CA LEU A 544 4.90 56.05 -0.44
C LEU A 544 5.68 56.71 0.68
N GLU A 545 5.38 56.35 1.92
CA GLU A 545 6.01 56.95 3.08
C GLU A 545 6.13 55.93 4.16
N ILE A 546 7.18 56.04 4.93
CA ILE A 546 7.27 55.34 6.19
C ILE A 546 7.61 56.35 7.28
N ASP A 547 6.75 56.47 8.26
CA ASP A 547 6.89 57.41 9.35
C ASP A 547 6.04 56.99 10.52
N LEU A 548 6.68 56.68 11.65
CA LEU A 548 6.01 56.26 12.87
C LEU A 548 5.11 57.34 13.50
N ASP A 549 5.30 58.60 13.08
CA ASP A 549 4.49 59.73 13.51
C ASP A 549 3.11 59.71 12.85
N LEU A 550 2.95 58.99 11.73
CA LEU A 550 1.68 58.93 11.00
C LEU A 550 0.68 57.94 11.63
N PRO A 551 -0.64 58.25 11.59
CA PRO A 551 -1.63 57.31 12.16
C PRO A 551 -1.55 55.91 11.58
N VAL A 552 -1.15 55.82 10.30
CA VAL A 552 -0.85 54.55 9.61
C VAL A 552 0.64 54.67 9.22
N PRO A 553 1.57 54.01 9.97
CA PRO A 553 3.01 54.25 9.78
C PRO A 553 3.58 54.00 8.39
N ILE A 554 3.03 53.04 7.65
CA ILE A 554 3.46 52.74 6.28
C ILE A 554 2.30 53.13 5.36
N VAL A 555 2.51 54.17 4.56
CA VAL A 555 1.53 54.68 3.61
C VAL A 555 1.73 53.89 2.32
N GLU A 556 0.87 52.90 2.08
CA GLU A 556 0.98 52.01 0.92
C GLU A 556 0.58 52.69 -0.38
N ARG A 557 1.25 52.33 -1.47
CA ARG A 557 0.97 52.92 -2.77
C ARG A 557 -0.36 52.42 -3.30
N TYR A 558 -0.66 51.12 -3.04
CA TYR A 558 -1.86 50.43 -3.51
C TYR A 558 -1.96 50.56 -5.03
N TYR A 559 -3.00 51.23 -5.54
CA TYR A 559 -3.28 51.36 -6.97
C TYR A 559 -3.10 52.82 -7.44
N ASN A 560 -2.29 53.54 -6.68
CA ASN A 560 -1.85 54.90 -7.00
C ASN A 560 -0.65 54.81 -7.92
N THR A 561 -0.86 54.26 -9.11
CA THR A 561 0.19 53.94 -10.07
C THR A 561 0.11 54.84 -11.31
N THR A 562 1.24 54.99 -12.01
CA THR A 562 1.35 55.78 -13.23
C THR A 562 1.67 54.82 -14.37
N SER A 563 1.03 55.01 -15.53
CA SER A 563 1.24 54.14 -16.71
C SER A 563 2.70 54.16 -17.16
N GLY A 564 3.22 52.99 -17.45
CA GLY A 564 4.62 52.81 -17.87
C GLY A 564 5.56 52.48 -16.74
N HIS A 565 5.19 52.88 -15.51
CA HIS A 565 5.98 52.64 -14.30
C HIS A 565 5.81 51.20 -13.81
N ILE A 566 6.87 50.66 -13.20
CA ILE A 566 6.89 49.29 -12.70
C ILE A 566 6.96 49.29 -11.17
N TYR A 567 6.08 48.50 -10.53
CA TYR A 567 5.99 48.40 -9.09
C TYR A 567 5.88 46.95 -8.63
N GLY A 568 6.47 46.68 -7.47
CA GLY A 568 6.38 45.40 -6.77
C GLY A 568 6.95 44.15 -7.38
N ASP A 569 6.64 43.04 -6.74
CA ASP A 569 7.05 41.70 -7.15
C ASP A 569 5.97 41.05 -7.98
N THR A 570 6.29 39.95 -8.66
CA THR A 570 5.36 39.25 -9.55
C THR A 570 4.99 37.88 -9.00
N ASP A 571 3.69 37.63 -9.02
CA ASP A 571 3.04 36.48 -8.41
C ASP A 571 2.17 35.92 -9.50
N PHE A 572 2.81 35.15 -10.39
CA PHE A 572 2.25 34.76 -11.67
C PHE A 572 2.01 33.25 -11.97
N TYR A 573 0.76 32.91 -12.26
CA TYR A 573 0.34 31.59 -12.71
C TYR A 573 -0.60 31.76 -13.87
N ASN A 574 -0.34 31.06 -14.95
CA ASN A 574 -1.17 31.05 -16.13
C ASN A 574 -1.22 29.60 -16.57
N TYR A 575 -2.40 29.01 -16.48
CA TYR A 575 -2.61 27.61 -16.78
C TYR A 575 -3.03 27.33 -18.23
N ASP A 576 -3.06 28.35 -19.08
CA ASP A 576 -3.28 28.15 -20.49
C ASP A 576 -1.97 27.72 -21.12
N THR A 577 -1.93 26.47 -21.54
CA THR A 577 -0.71 25.84 -21.98
C THR A 577 -0.23 26.33 -23.32
N SER A 578 -1.10 27.02 -24.05
CA SER A 578 -0.74 27.55 -25.35
C SER A 578 0.26 28.70 -25.29
N VAL A 579 0.37 29.36 -24.15
CA VAL A 579 1.26 30.50 -23.95
C VAL A 579 2.37 30.23 -22.90
N SER A 580 2.49 28.99 -22.44
CA SER A 580 3.44 28.56 -21.40
C SER A 580 4.89 28.92 -21.66
N PHE A 581 5.31 28.89 -22.91
CA PHE A 581 6.64 29.27 -23.32
C PHE A 581 6.69 30.58 -24.11
N ASP A 582 5.63 31.38 -24.05
CA ASP A 582 5.60 32.66 -24.74
C ASP A 582 5.96 33.77 -23.75
N THR A 583 7.10 34.41 -23.94
CA THR A 583 7.60 35.37 -22.97
C THR A 583 6.79 36.62 -22.88
N SER A 584 6.09 36.98 -23.95
CA SER A 584 5.21 38.16 -23.96
C SER A 584 4.04 38.00 -22.97
N ALA A 585 3.79 36.75 -22.53
CA ALA A 585 2.78 36.41 -21.52
C ALA A 585 3.34 36.52 -20.09
N TYR A 586 4.67 36.56 -19.97
CA TYR A 586 5.33 36.67 -18.66
C TYR A 586 5.25 38.09 -18.07
N PRO A 587 5.11 38.23 -16.74
CA PRO A 587 5.02 39.57 -16.16
C PRO A 587 6.36 40.31 -16.03
N VAL A 588 6.34 41.62 -16.29
CA VAL A 588 7.51 42.49 -16.19
C VAL A 588 7.43 43.17 -14.83
N GLY A 589 8.32 42.75 -13.92
CA GLY A 589 8.35 43.27 -12.56
C GLY A 589 9.75 43.40 -12.00
N ARG A 590 9.82 43.83 -10.76
CA ARG A 590 11.05 43.92 -9.99
C ARG A 590 11.64 42.63 -9.47
N PHE A 591 10.78 41.69 -9.12
CA PHE A 591 11.12 40.48 -8.41
C PHE A 591 10.04 39.48 -8.68
N ALA A 592 10.38 38.22 -8.78
CA ALA A 592 9.36 37.19 -8.91
C ALA A 592 9.36 36.32 -7.69
N ASN A 593 8.33 36.46 -6.88
CA ASN A 593 8.23 35.76 -5.59
C ASN A 593 7.44 34.46 -5.63
N GLU A 594 6.64 34.29 -6.71
CA GLU A 594 5.75 33.14 -6.94
C GLU A 594 5.52 32.95 -8.43
N PHE A 595 5.59 31.69 -8.88
CA PHE A 595 5.33 31.23 -10.24
C PHE A 595 5.44 29.72 -10.29
N GLY A 596 4.59 29.10 -11.10
CA GLY A 596 4.61 27.65 -11.22
C GLY A 596 3.46 27.00 -11.94
N PHE A 597 3.56 25.67 -12.04
CA PHE A 597 2.63 24.75 -12.69
C PHE A 597 2.81 23.39 -11.99
N ILE A 598 1.72 22.63 -11.83
CA ILE A 598 1.77 21.36 -11.11
C ILE A 598 2.39 20.24 -11.94
N SER A 599 2.92 19.23 -11.26
CA SER A 599 3.43 18.02 -11.89
C SER A 599 3.21 16.84 -10.97
N MET A 600 3.17 15.65 -11.55
CA MET A 600 3.00 14.43 -10.79
C MET A 600 4.29 14.07 -10.05
N PRO A 601 4.22 13.52 -8.82
CA PRO A 601 5.48 13.03 -8.21
C PRO A 601 5.86 11.71 -8.87
N SER A 602 7.07 11.21 -8.61
CA SER A 602 7.52 9.91 -9.15
C SER A 602 6.60 8.73 -8.71
N ILE A 603 6.68 7.60 -9.42
CA ILE A 603 5.93 6.40 -9.04
C ILE A 603 6.42 5.86 -7.66
N GLN A 604 7.71 6.02 -7.37
CA GLN A 604 8.32 5.56 -6.11
C GLN A 604 7.67 6.26 -4.91
N THR A 605 7.37 7.56 -5.08
CA THR A 605 6.72 8.41 -4.07
C THR A 605 5.25 7.96 -3.93
N TRP A 606 4.55 7.76 -5.08
CA TRP A 606 3.16 7.29 -5.12
C TRP A 606 2.98 5.98 -4.36
N GLN A 607 3.92 5.04 -4.56
CA GLN A 607 3.94 3.71 -3.94
C GLN A 607 4.02 3.72 -2.41
N GLN A 608 4.51 4.82 -1.82
CA GLN A 608 4.64 4.96 -0.36
C GLN A 608 3.28 5.14 0.33
N ALA A 609 2.32 5.74 -0.40
CA ALA A 609 1.03 6.14 0.16
C ALA A 609 -0.22 5.56 -0.49
N VAL A 610 -0.15 5.21 -1.77
CA VAL A 610 -1.30 4.74 -2.56
C VAL A 610 -1.18 3.24 -2.90
N ASP A 611 -2.30 2.52 -2.88
CA ASP A 611 -2.41 1.11 -3.21
C ASP A 611 -1.99 0.84 -4.65
N PRO A 612 -1.35 -0.34 -4.94
CA PRO A 612 -0.94 -0.65 -6.32
C PRO A 612 -2.03 -0.53 -7.38
N GLU A 613 -3.25 -0.93 -7.08
CA GLU A 613 -4.38 -0.83 -8.03
C GLU A 613 -4.81 0.61 -8.35
N GLU A 614 -4.35 1.56 -7.54
CA GLU A 614 -4.67 2.96 -7.72
C GLU A 614 -3.52 3.71 -8.45
N LEU A 615 -2.51 2.96 -8.89
CA LEU A 615 -1.38 3.53 -9.62
C LEU A 615 -1.68 3.71 -11.12
N SER A 616 -2.57 4.66 -11.42
CA SER A 616 -2.94 5.07 -12.76
C SER A 616 -3.22 6.57 -12.73
N PHE A 617 -2.94 7.27 -13.83
CA PHE A 617 -3.04 8.73 -13.92
C PHE A 617 -4.35 9.29 -13.36
N ASN A 618 -5.48 8.65 -13.69
CA ASN A 618 -6.81 9.13 -13.30
C ASN A 618 -7.60 8.21 -12.37
N SER A 619 -6.90 7.54 -11.49
CA SER A 619 -7.53 6.70 -10.50
C SER A 619 -8.22 7.60 -9.53
N THR A 620 -9.21 7.08 -8.84
CA THR A 620 -9.96 7.85 -7.88
C THR A 620 -9.14 8.37 -6.71
N THR A 621 -8.27 7.55 -6.17
CA THR A 621 -7.35 7.99 -5.15
C THR A 621 -6.33 9.05 -5.63
N VAL A 622 -5.75 8.93 -6.82
CA VAL A 622 -4.80 9.90 -7.37
C VAL A 622 -5.50 11.28 -7.56
N ILE A 623 -6.69 11.28 -8.20
CA ILE A 623 -7.52 12.47 -8.44
C ILE A 623 -7.83 13.17 -7.11
N LEU A 624 -8.39 12.43 -6.13
CA LEU A 624 -8.78 12.99 -4.84
C LEU A 624 -7.63 13.54 -3.99
N ARG A 625 -6.39 13.14 -4.32
CA ARG A 625 -5.21 13.63 -3.65
C ARG A 625 -4.67 14.87 -4.35
N ASN A 626 -5.18 15.18 -5.54
CA ASN A 626 -4.80 16.39 -6.27
C ASN A 626 -5.71 17.49 -5.74
N HIS A 627 -5.15 18.43 -4.98
CA HIS A 627 -5.92 19.50 -4.39
C HIS A 627 -5.91 20.79 -5.23
N HIS A 628 -5.46 20.68 -6.48
CA HIS A 628 -5.51 21.77 -7.45
C HIS A 628 -6.60 21.36 -8.46
N TYR A 629 -7.85 21.84 -8.34
CA TYR A 629 -8.32 22.90 -7.46
C TYR A 629 -8.98 22.38 -6.18
N PRO A 630 -9.01 23.19 -5.09
CA PRO A 630 -9.53 22.68 -3.81
C PRO A 630 -11.04 22.40 -3.80
N ALA A 631 -11.48 21.57 -2.86
CA ALA A 631 -12.88 21.17 -2.75
C ALA A 631 -13.84 22.35 -2.45
N GLY A 632 -13.33 23.34 -1.70
CA GLY A 632 -14.08 24.50 -1.25
C GLY A 632 -15.08 24.14 -0.16
N GLY A 633 -14.77 23.06 0.54
CA GLY A 633 -15.62 22.48 1.57
C GLY A 633 -15.19 21.06 1.91
N LEU A 634 -16.10 20.30 2.54
CA LEU A 634 -15.80 18.95 3.02
C LEU A 634 -16.20 17.81 2.09
N THR A 635 -16.61 18.13 0.86
CA THR A 635 -17.05 17.12 -0.12
C THR A 635 -15.84 16.46 -0.80
N ARG A 636 -16.09 15.30 -1.41
CA ARG A 636 -15.11 14.57 -2.21
C ARG A 636 -15.31 15.15 -3.60
N ASN A 637 -14.64 16.26 -3.87
CA ASN A 637 -14.78 17.04 -5.08
C ASN A 637 -13.90 16.53 -6.23
N ILE A 638 -14.43 15.55 -6.95
CA ILE A 638 -13.81 14.95 -8.13
C ILE A 638 -13.67 15.98 -9.27
N HIS A 639 -14.70 16.80 -9.48
CA HIS A 639 -14.73 17.82 -10.53
C HIS A 639 -13.55 18.82 -10.41
N ASN A 640 -13.41 19.43 -9.24
CA ASN A 640 -12.37 20.44 -9.00
C ASN A 640 -10.96 19.86 -9.12
N SER A 641 -10.78 18.65 -8.59
CA SER A 641 -9.51 17.93 -8.65
C SER A 641 -9.15 17.53 -10.07
N THR A 642 -10.15 17.18 -10.88
CA THR A 642 -9.97 16.76 -12.28
C THR A 642 -9.43 17.92 -13.13
N LEU A 643 -9.73 19.17 -12.73
CA LEU A 643 -9.27 20.38 -13.41
C LEU A 643 -7.74 20.43 -13.49
N GLY A 644 -7.08 20.03 -12.39
CA GLY A 644 -5.63 19.98 -12.31
C GLY A 644 -5.06 18.86 -13.14
N GLN A 645 -5.72 17.70 -13.09
CA GLN A 645 -5.37 16.52 -13.87
C GLN A 645 -5.41 16.83 -15.37
N VAL A 646 -6.38 17.66 -15.80
CA VAL A 646 -6.58 18.08 -17.18
C VAL A 646 -5.45 19.01 -17.61
N GLU A 647 -5.09 19.96 -16.75
CA GLU A 647 -4.00 20.91 -16.98
C GLU A 647 -2.69 20.18 -17.28
N MET A 648 -2.39 19.15 -16.47
CA MET A 648 -1.19 18.32 -16.66
C MET A 648 -1.28 17.55 -17.97
N THR A 649 -2.46 16.97 -18.27
CA THR A 649 -2.70 16.23 -19.52
C THR A 649 -2.48 17.08 -20.76
N LEU A 650 -3.12 18.25 -20.83
CA LEU A 650 -2.98 19.17 -21.96
C LEU A 650 -1.52 19.65 -22.17
N ALA A 651 -0.81 19.93 -21.07
CA ALA A 651 0.59 20.38 -21.09
C ALA A 651 1.51 19.34 -21.76
N VAL A 652 1.32 18.05 -21.42
CA VAL A 652 2.07 16.94 -22.00
C VAL A 652 1.67 16.80 -23.49
N GLU A 653 0.36 16.73 -23.75
CA GLU A 653 -0.18 16.56 -25.11
C GLU A 653 0.28 17.62 -26.11
N ARG A 654 0.35 18.87 -25.66
CA ARG A 654 0.75 19.97 -26.50
C ARG A 654 2.23 19.93 -26.89
N TYR A 655 3.12 19.54 -25.95
CA TYR A 655 4.57 19.66 -26.14
C TYR A 655 5.45 18.41 -26.02
N TYR A 656 4.98 17.37 -25.32
CA TYR A 656 5.83 16.22 -25.04
C TYR A 656 5.29 14.91 -25.59
N PRO A 657 6.20 13.95 -25.92
CA PRO A 657 5.73 12.63 -26.36
C PRO A 657 4.73 12.03 -25.38
N THR A 658 3.58 11.57 -25.86
CA THR A 658 2.53 11.00 -25.02
C THR A 658 2.74 9.49 -24.85
N PRO A 659 3.07 9.02 -23.63
CA PRO A 659 3.29 7.60 -23.44
C PRO A 659 2.07 6.69 -23.69
N ASP A 660 2.34 5.46 -24.09
CA ASP A 660 1.36 4.44 -24.37
C ASP A 660 1.97 3.05 -24.09
N LYS A 661 2.44 2.89 -22.87
CA LYS A 661 3.11 1.67 -22.45
C LYS A 661 2.12 0.56 -22.18
N THR A 662 2.46 -0.65 -22.66
CA THR A 662 1.65 -1.87 -22.51
C THR A 662 1.51 -2.24 -21.03
N ASP A 663 2.55 -1.99 -20.23
CA ASP A 663 2.52 -2.22 -18.78
C ASP A 663 1.85 -1.00 -18.10
N PRO A 664 0.71 -1.19 -17.41
CA PRO A 664 0.03 -0.02 -16.79
C PRO A 664 0.91 0.74 -15.77
N VAL A 665 1.78 0.01 -15.05
CA VAL A 665 2.68 0.54 -14.07
C VAL A 665 3.65 1.50 -14.79
N ALA A 666 4.26 1.02 -15.90
CA ALA A 666 5.18 1.79 -16.71
C ALA A 666 4.46 2.97 -17.37
N ASN A 667 3.21 2.79 -17.79
CA ASN A 667 2.44 3.85 -18.41
C ASN A 667 2.22 5.02 -17.44
N PHE A 668 1.82 4.68 -16.21
CA PHE A 668 1.62 5.65 -15.13
C PHE A 668 2.94 6.39 -14.85
N SER A 669 4.03 5.63 -14.65
CA SER A 669 5.34 6.18 -14.36
C SER A 669 5.80 7.16 -15.47
N SER A 670 5.62 6.78 -16.73
CA SER A 670 6.07 7.59 -17.87
C SER A 670 5.24 8.86 -18.01
N TRP A 671 3.94 8.78 -17.76
CA TRP A 671 3.07 9.95 -17.77
C TRP A 671 3.45 10.90 -16.63
N CYS A 672 3.75 10.37 -15.44
CA CYS A 672 4.23 11.13 -14.29
C CYS A 672 5.49 11.91 -14.67
N HIS A 673 6.44 11.22 -15.32
CA HIS A 673 7.69 11.80 -15.78
C HIS A 673 7.47 12.90 -16.83
N ALA A 674 6.57 12.66 -17.79
CA ALA A 674 6.24 13.62 -18.83
C ALA A 674 5.70 14.95 -18.26
N THR A 675 4.89 14.89 -17.17
CA THR A 675 4.37 16.10 -16.51
C THR A 675 5.53 16.90 -15.87
N GLN A 676 6.54 16.17 -15.37
CA GLN A 676 7.74 16.72 -14.77
C GLN A 676 8.63 17.44 -15.80
N LEU A 677 8.69 16.90 -17.03
CA LEU A 677 9.48 17.51 -18.12
C LEU A 677 8.91 18.88 -18.46
N PHE A 678 7.58 18.98 -18.57
CA PHE A 678 6.88 20.23 -18.86
C PHE A 678 7.12 21.26 -17.78
N GLN A 679 6.91 20.86 -16.50
CA GLN A 679 7.10 21.73 -15.34
C GLN A 679 8.52 22.32 -15.33
N ALA A 680 9.55 21.46 -15.49
CA ALA A 680 10.97 21.85 -15.50
C ALA A 680 11.30 22.90 -16.57
N ASP A 681 10.93 22.60 -17.80
CA ASP A 681 11.17 23.44 -18.93
C ASP A 681 10.45 24.76 -18.84
N MET A 682 9.25 24.74 -18.32
CA MET A 682 8.52 25.95 -18.14
C MET A 682 9.15 26.92 -17.14
N TYR A 683 9.56 26.41 -16.00
CA TYR A 683 10.18 27.20 -14.98
C TYR A 683 11.48 27.79 -15.47
N LYS A 684 12.23 26.98 -16.22
CA LYS A 684 13.47 27.38 -16.87
C LYS A 684 13.21 28.59 -17.77
N SER A 685 12.16 28.53 -18.59
CA SER A 685 11.75 29.57 -19.51
C SER A 685 11.44 30.86 -18.74
N GLU A 686 10.81 30.71 -17.57
CA GLU A 686 10.49 31.83 -16.71
C GLU A 686 11.75 32.38 -16.00
N ILE A 687 12.52 31.49 -15.31
CA ILE A 687 13.75 31.89 -14.59
C ILE A 687 14.71 32.70 -15.50
N GLN A 688 15.03 32.17 -16.69
CA GLN A 688 15.95 32.84 -17.62
C GLN A 688 15.43 34.22 -18.04
N PHE A 689 14.10 34.36 -18.17
CA PHE A 689 13.42 35.61 -18.52
C PHE A 689 13.55 36.62 -17.36
N TYR A 690 13.26 36.16 -16.11
CA TYR A 690 13.38 36.99 -14.91
C TYR A 690 14.83 37.43 -14.69
N ARG A 691 15.78 36.48 -14.82
CA ARG A 691 17.20 36.76 -14.65
C ARG A 691 17.72 37.76 -15.66
N ARG A 692 17.34 37.60 -16.93
CA ARG A 692 17.72 38.52 -18.02
C ARG A 692 17.21 39.97 -17.72
N GLY A 693 16.09 40.07 -17.01
CA GLY A 693 15.49 41.34 -16.61
C GLY A 693 16.38 42.23 -15.74
N SER A 694 17.41 41.63 -15.11
CA SER A 694 18.38 42.35 -14.27
C SER A 694 19.10 43.46 -15.04
N GLY A 695 19.35 43.22 -16.31
CA GLY A 695 20.00 44.18 -17.20
C GLY A 695 19.05 44.99 -18.07
N LEU A 696 17.75 44.77 -17.88
CA LEU A 696 16.70 45.47 -18.62
C LEU A 696 16.07 46.57 -17.75
N PRO A 697 15.25 47.50 -18.32
CA PRO A 697 14.78 48.65 -17.51
C PRO A 697 14.08 48.37 -16.18
N GLU A 698 13.46 47.18 -16.04
CA GLU A 698 12.83 46.80 -14.77
C GLU A 698 13.86 46.51 -13.68
N ARG A 699 15.08 46.14 -14.05
CA ARG A 699 16.18 45.82 -13.13
C ARG A 699 15.68 44.76 -12.12
N GLN A 700 15.26 43.63 -12.67
CA GLN A 700 14.73 42.49 -11.96
C GLN A 700 15.81 41.88 -11.06
N LEU A 701 15.52 41.71 -9.76
CA LEU A 701 16.53 41.22 -8.82
C LEU A 701 16.15 39.97 -8.00
N GLY A 702 15.25 39.16 -8.52
CA GLY A 702 14.90 37.93 -7.80
C GLY A 702 13.98 36.93 -8.47
N SER A 703 14.23 35.65 -8.16
CA SER A 703 13.43 34.53 -8.64
C SER A 703 13.23 33.54 -7.51
N LEU A 704 11.97 33.39 -7.06
CA LEU A 704 11.58 32.40 -6.06
C LEU A 704 10.41 31.60 -6.65
N TYR A 705 10.68 30.40 -7.15
CA TYR A 705 9.63 29.60 -7.76
C TYR A 705 8.68 28.97 -6.75
N TRP A 706 7.45 28.71 -7.20
CA TRP A 706 6.44 28.04 -6.40
C TRP A 706 6.41 26.59 -6.91
N GLN A 707 6.74 25.59 -6.10
CA GLN A 707 7.15 25.68 -4.69
C GLN A 707 8.33 24.73 -4.51
N LEU A 708 9.05 24.81 -3.40
CA LEU A 708 10.22 23.95 -3.24
C LEU A 708 9.87 22.51 -2.96
N ASN A 709 9.05 22.30 -1.92
CA ASN A 709 8.82 20.99 -1.34
C ASN A 709 7.37 20.54 -1.21
N ASP A 710 7.19 19.22 -0.99
CA ASP A 710 5.89 18.58 -0.79
C ASP A 710 5.63 18.27 0.69
N ILE A 711 4.37 18.42 1.10
CA ILE A 711 3.87 18.12 2.45
C ILE A 711 3.40 16.66 2.50
N TRP A 712 3.07 16.09 1.33
CA TRP A 712 2.62 14.69 1.17
C TRP A 712 2.77 14.20 -0.31
N GLN A 713 2.41 12.95 -0.59
CA GLN A 713 2.52 12.33 -1.90
C GLN A 713 1.28 12.70 -2.75
N ALA A 714 1.43 13.67 -3.66
CA ALA A 714 0.33 14.21 -4.46
C ALA A 714 0.82 15.08 -5.64
N PRO A 715 -0.01 15.35 -6.68
CA PRO A 715 0.45 16.25 -7.75
C PRO A 715 0.41 17.72 -7.31
N THR A 716 1.58 18.38 -7.31
CA THR A 716 1.74 19.78 -6.86
C THR A 716 2.80 20.53 -7.70
N TRP A 717 3.05 21.80 -7.34
CA TRP A 717 4.02 22.71 -7.91
C TRP A 717 5.45 22.43 -7.39
N ALA A 718 5.58 21.44 -6.47
CA ALA A 718 6.85 21.12 -5.83
C ALA A 718 7.94 20.62 -6.76
N GLY A 719 9.19 20.90 -6.37
CA GLY A 719 10.39 20.39 -7.05
C GLY A 719 10.96 19.21 -6.26
N LEU A 720 10.77 19.22 -4.94
CA LEU A 720 11.25 18.16 -4.05
C LEU A 720 10.04 17.44 -3.48
N GLU A 721 9.99 16.13 -3.70
CA GLU A 721 8.90 15.30 -3.24
C GLU A 721 8.95 15.11 -1.71
N TYR A 722 7.94 14.47 -1.13
CA TYR A 722 7.75 14.43 0.29
C TYR A 722 8.95 13.86 1.05
N ASP A 723 9.58 12.82 0.52
CA ASP A 723 10.75 12.21 1.14
C ASP A 723 12.08 12.83 0.76
N GLY A 724 11.99 13.84 -0.07
CA GLY A 724 13.11 14.58 -0.54
C GLY A 724 13.51 14.34 -1.95
N ARG A 725 12.93 13.35 -2.60
CA ARG A 725 13.26 13.00 -3.99
C ARG A 725 13.15 14.18 -4.97
N TRP A 726 14.13 14.28 -5.85
CA TRP A 726 14.17 15.34 -6.84
C TRP A 726 13.31 14.98 -8.04
N LYS A 727 12.49 15.94 -8.45
CA LYS A 727 11.76 15.87 -9.71
C LYS A 727 12.75 16.36 -10.80
N VAL A 728 12.30 16.46 -12.06
CA VAL A 728 13.14 16.99 -13.14
C VAL A 728 13.47 18.46 -12.84
N LEU A 729 12.46 19.22 -12.30
CA LEU A 729 12.57 20.63 -11.94
C LEU A 729 13.86 21.06 -11.20
N PRO A 730 14.18 20.54 -9.99
CA PRO A 730 15.43 20.98 -9.32
C PRO A 730 16.74 20.79 -10.09
N TYR A 731 16.80 19.86 -11.05
CA TYR A 731 18.00 19.65 -11.87
C TYR A 731 18.15 20.73 -12.94
N VAL A 732 17.03 21.16 -13.50
CA VAL A 732 16.97 22.20 -14.52
C VAL A 732 17.14 23.56 -13.86
N SER A 733 16.54 23.74 -12.67
CA SER A 733 16.65 25.01 -11.95
C SER A 733 18.06 25.20 -11.37
N ARG A 734 18.77 24.10 -11.02
CA ARG A 734 20.15 24.18 -10.54
C ARG A 734 21.03 24.84 -11.60
N ARG A 735 20.90 24.36 -12.83
CA ARG A 735 21.61 24.92 -13.97
C ARG A 735 21.17 26.34 -14.25
N THR A 736 19.88 26.60 -14.14
CA THR A 736 19.37 27.90 -14.47
C THR A 736 19.69 28.92 -13.42
N TYR A 737 20.05 28.43 -12.24
CA TYR A 737 20.43 29.28 -11.13
C TYR A 737 21.93 29.44 -10.97
N GLU A 738 22.69 28.91 -11.90
CA GLU A 738 24.15 29.08 -11.88
C GLU A 738 24.55 30.54 -11.98
N HIS A 739 25.77 30.88 -11.55
CA HIS A 739 26.22 32.27 -11.53
C HIS A 739 26.21 32.93 -12.91
N VAL A 740 26.76 32.25 -13.91
CA VAL A 740 26.83 32.74 -15.30
C VAL A 740 26.14 31.68 -16.18
N ILE A 741 25.08 32.10 -16.89
CA ILE A 741 24.26 31.23 -17.74
C ILE A 741 24.12 31.77 -19.17
N ALA A 742 23.99 30.85 -20.14
CA ALA A 742 23.69 31.15 -21.54
C ALA A 742 22.25 30.67 -21.78
N SER A 743 21.36 31.62 -22.08
CA SER A 743 19.94 31.33 -22.24
C SER A 743 19.44 31.52 -23.67
N ALA A 744 18.70 30.53 -24.18
CA ALA A 744 18.10 30.55 -25.50
C ALA A 744 16.64 30.98 -25.39
N PHE A 745 16.28 32.09 -26.03
CA PHE A 745 14.95 32.67 -26.07
C PHE A 745 14.39 32.47 -27.46
N TRP A 746 13.22 31.84 -27.56
CA TRP A 746 12.62 31.53 -28.86
C TRP A 746 11.30 32.19 -29.05
N ASN A 747 11.26 33.16 -29.97
CA ASN A 747 10.02 33.82 -30.39
C ASN A 747 9.53 32.90 -31.52
N TYR A 748 8.74 31.87 -31.17
CA TYR A 748 8.25 30.86 -32.14
C TYR A 748 7.25 31.37 -33.21
N THR A 749 6.56 32.48 -32.92
CA THR A 749 5.64 33.09 -33.88
C THR A 749 6.41 33.88 -34.95
N ALA A 750 7.52 34.54 -34.55
CA ALA A 750 8.42 35.29 -35.44
C ALA A 750 9.56 34.43 -35.99
N ASN A 751 9.74 33.21 -35.44
CA ASN A 751 10.81 32.26 -35.79
C ASN A 751 12.23 32.82 -35.53
N GLU A 752 12.37 33.58 -34.45
CA GLU A 752 13.63 34.23 -34.07
C GLU A 752 14.24 33.59 -32.83
N LEU A 753 15.55 33.39 -32.88
CA LEU A 753 16.34 32.84 -31.77
C LEU A 753 17.26 33.92 -31.25
N GLU A 754 17.25 34.10 -29.92
CA GLU A 754 18.12 35.03 -29.22
C GLU A 754 18.86 34.26 -28.13
N ILE A 755 20.18 34.37 -28.10
CA ILE A 755 20.96 33.78 -27.01
C ILE A 755 21.58 34.92 -26.21
N TRP A 756 21.30 34.93 -24.90
CA TRP A 756 21.77 35.95 -23.97
C TRP A 756 22.62 35.29 -22.88
N VAL A 757 23.61 36.05 -22.37
CA VAL A 757 24.44 35.62 -21.26
C VAL A 757 24.11 36.50 -20.05
N THR A 758 23.72 35.86 -18.93
CA THR A 758 23.32 36.53 -17.71
C THR A 758 24.21 36.10 -16.55
N SER A 759 24.71 37.06 -15.82
CA SER A 759 25.57 36.85 -14.68
C SER A 759 25.06 37.54 -13.44
N ASP A 760 25.10 36.85 -12.31
CA ASP A 760 24.79 37.45 -11.04
C ASP A 760 25.97 37.88 -10.17
N LEU A 761 27.17 37.82 -10.74
CA LEU A 761 28.37 38.25 -10.06
C LEU A 761 28.47 39.75 -9.85
N TRP A 762 29.22 40.16 -8.83
CA TRP A 762 29.32 41.56 -8.47
C TRP A 762 30.43 42.31 -9.20
N GLU A 763 31.11 41.62 -10.11
CA GLU A 763 32.17 42.17 -10.96
C GLU A 763 31.91 41.75 -12.42
N PRO A 764 32.37 42.50 -13.42
CA PRO A 764 32.21 42.04 -14.78
C PRO A 764 32.96 40.75 -15.08
N VAL A 765 32.41 39.92 -15.96
CA VAL A 765 33.11 38.71 -16.42
C VAL A 765 33.17 38.57 -17.90
N ALA A 766 34.20 37.92 -18.35
CA ALA A 766 34.40 37.64 -19.73
C ALA A 766 34.41 36.14 -19.88
N GLY A 767 34.11 35.68 -21.07
CA GLY A 767 34.09 34.27 -21.36
C GLY A 767 33.72 33.97 -22.79
N GLU A 768 33.41 32.71 -23.06
CA GLU A 768 33.07 32.22 -24.40
C GLU A 768 31.92 31.23 -24.35
N VAL A 769 31.11 31.21 -25.41
CA VAL A 769 30.01 30.29 -25.57
C VAL A 769 30.19 29.46 -26.86
N SER A 770 30.25 28.15 -26.70
CA SER A 770 30.34 27.16 -27.77
C SER A 770 28.91 26.87 -28.32
N LEU A 771 28.74 26.93 -29.66
CA LEU A 771 27.43 26.75 -30.30
C LEU A 771 27.52 25.69 -31.39
N THR A 772 27.09 24.47 -31.08
CA THR A 772 27.21 23.32 -31.98
C THR A 772 25.86 22.81 -32.47
N TRP A 773 25.64 22.91 -33.78
CA TRP A 773 24.42 22.46 -34.42
C TRP A 773 24.67 21.05 -34.95
N VAL A 774 23.94 20.08 -34.43
CA VAL A 774 24.03 18.71 -34.88
C VAL A 774 22.65 18.15 -35.15
N ASP A 775 22.57 17.14 -35.98
CA ASP A 775 21.32 16.40 -36.13
C ASP A 775 21.17 15.41 -34.99
N LEU A 776 20.04 14.75 -34.92
CA LEU A 776 19.69 13.91 -33.79
C LEU A 776 20.45 12.62 -33.76
N LYS A 777 21.23 12.38 -34.79
CA LYS A 777 22.18 11.30 -34.80
C LYS A 777 23.58 11.68 -34.32
N GLY A 778 23.80 12.97 -34.11
CA GLY A 778 25.08 13.50 -33.67
C GLY A 778 25.97 14.08 -34.76
N LYS A 779 25.58 13.89 -36.03
CA LYS A 779 26.31 14.38 -37.18
C LYS A 779 26.15 15.91 -37.30
N PRO A 780 27.23 16.67 -37.48
CA PRO A 780 27.08 18.14 -37.59
C PRO A 780 26.26 18.59 -38.78
N ILE A 781 25.53 19.69 -38.62
CA ILE A 781 24.78 20.30 -39.71
C ILE A 781 25.79 21.17 -40.49
N ALA A 782 25.75 21.08 -41.83
CA ALA A 782 26.65 21.81 -42.72
C ALA A 782 26.77 23.29 -42.35
N ASN A 783 28.02 23.77 -42.25
CA ASN A 783 28.39 25.14 -41.92
C ASN A 783 27.84 25.61 -40.58
N ASN A 784 27.66 24.65 -39.64
CA ASN A 784 27.08 24.85 -38.30
C ASN A 784 25.74 25.62 -38.40
N ALA A 785 24.92 25.21 -39.38
CA ALA A 785 23.64 25.81 -39.76
C ALA A 785 23.69 27.33 -40.05
N GLY A 786 24.86 27.81 -40.45
CA GLY A 786 25.09 29.23 -40.74
C GLY A 786 25.46 30.07 -39.53
N MET A 787 25.48 29.45 -38.35
CA MET A 787 25.79 30.09 -37.07
C MET A 787 27.26 29.88 -36.71
N THR A 788 27.86 30.86 -36.03
CA THR A 788 29.22 30.79 -35.51
C THR A 788 29.40 29.61 -34.53
N LYS A 789 30.55 28.96 -34.57
CA LYS A 789 30.87 27.81 -33.71
C LYS A 789 31.13 28.22 -32.29
N SER A 790 31.63 29.43 -32.11
CA SER A 790 32.02 29.99 -30.80
C SER A 790 31.91 31.52 -30.83
N THR A 791 31.55 32.11 -29.68
CA THR A 791 31.48 33.56 -29.53
C THR A 791 31.95 33.99 -28.13
N LYS A 792 32.71 35.10 -28.08
CA LYS A 792 33.19 35.68 -26.83
C LYS A 792 32.15 36.66 -26.27
N PHE A 793 32.14 36.85 -24.95
CA PHE A 793 31.21 37.78 -24.32
C PHE A 793 31.86 38.59 -23.22
N ASN A 794 31.19 39.68 -22.88
CA ASN A 794 31.52 40.58 -21.78
C ASN A 794 30.19 40.96 -21.16
N VAL A 795 29.98 40.51 -19.92
CA VAL A 795 28.76 40.81 -19.17
C VAL A 795 29.12 41.56 -17.89
N GLY A 796 28.36 42.62 -17.60
CA GLY A 796 28.56 43.42 -16.41
C GLY A 796 28.09 42.74 -15.12
N ALA A 797 28.34 43.41 -13.99
CA ALA A 797 27.92 42.95 -12.69
C ALA A 797 26.39 42.90 -12.67
N ILE A 798 25.82 41.78 -12.17
CA ILE A 798 24.36 41.55 -12.09
C ILE A 798 23.66 42.17 -13.32
N ASN A 799 23.99 41.63 -14.46
CA ASN A 799 23.60 42.15 -15.76
C ASN A 799 23.50 41.05 -16.82
N THR A 800 23.11 41.43 -18.03
CA THR A 800 22.91 40.52 -19.14
C THR A 800 23.53 41.11 -20.42
N THR A 801 23.73 40.26 -21.44
CA THR A 801 24.26 40.66 -22.74
C THR A 801 23.76 39.74 -23.83
N GLN A 802 23.29 40.30 -24.91
CA GLN A 802 22.78 39.50 -26.01
C GLN A 802 23.94 39.07 -26.89
N ILE A 803 24.15 37.77 -27.03
CA ILE A 803 25.26 37.28 -27.83
C ILE A 803 24.93 36.80 -29.25
N ILE A 804 23.71 36.36 -29.49
CA ILE A 804 23.27 35.83 -30.77
C ILE A 804 21.87 36.31 -31.08
N THR A 805 21.63 36.56 -32.33
CA THR A 805 20.31 36.90 -32.85
C THR A 805 20.19 36.31 -34.24
N ALA A 806 19.24 35.40 -34.45
CA ALA A 806 19.09 34.71 -35.73
C ALA A 806 17.69 34.24 -36.02
N ASN A 807 17.24 34.49 -37.25
CA ASN A 807 15.97 33.94 -37.74
C ASN A 807 16.27 32.52 -38.20
N ILE A 808 15.57 31.53 -37.65
CA ILE A 808 15.76 30.10 -37.96
C ILE A 808 15.58 29.79 -39.46
N GLN A 809 14.76 30.59 -40.17
CA GLN A 809 14.48 30.44 -41.60
C GLN A 809 15.36 31.35 -42.48
N SER A 810 15.33 32.67 -42.22
CA SER A 810 16.04 33.70 -42.98
C SER A 810 17.55 33.72 -42.76
N ASP A 811 18.01 33.67 -41.50
CA ASP A 811 19.45 33.78 -41.17
C ASP A 811 20.18 32.44 -41.01
N LEU A 812 19.45 31.35 -40.74
CA LEU A 812 20.04 30.01 -40.54
C LEU A 812 19.69 29.05 -41.66
N LYS A 813 20.50 27.98 -41.80
CA LYS A 813 20.27 26.95 -42.79
C LYS A 813 20.22 25.57 -42.13
N ILE A 814 19.05 25.24 -41.57
CA ILE A 814 18.79 23.94 -40.95
C ILE A 814 17.97 23.09 -41.96
N PRO A 815 18.51 21.97 -42.43
CA PRO A 815 17.76 21.17 -43.40
C PRO A 815 16.47 20.64 -42.87
N ASP A 816 16.48 20.11 -41.64
CA ASP A 816 15.26 19.67 -41.00
C ASP A 816 15.20 20.13 -39.58
N THR A 817 14.25 20.97 -39.24
CA THR A 817 14.14 21.45 -37.90
C THR A 817 13.77 20.40 -36.89
N SER A 818 13.13 19.33 -37.33
CA SER A 818 12.74 18.20 -36.47
C SER A 818 13.87 17.14 -36.34
N ASP A 819 15.03 17.43 -36.93
CA ASP A 819 16.23 16.59 -36.90
C ASP A 819 17.44 17.53 -36.66
N ALA A 820 17.32 18.37 -35.62
CA ALA A 820 18.32 19.38 -35.27
C ALA A 820 18.30 19.74 -33.79
N VAL A 821 19.48 19.99 -33.23
CA VAL A 821 19.66 20.45 -31.85
C VAL A 821 20.91 21.32 -31.78
N LEU A 822 20.80 22.44 -31.08
CA LEU A 822 21.92 23.35 -30.82
C LEU A 822 22.36 23.08 -29.39
N VAL A 823 23.61 22.64 -29.22
CA VAL A 823 24.21 22.36 -27.92
C VAL A 823 25.00 23.63 -27.54
N ILE A 824 24.67 24.19 -26.36
CA ILE A 824 25.25 25.43 -25.83
C ILE A 824 26.16 25.13 -24.64
N GLU A 825 27.43 25.55 -24.70
CA GLU A 825 28.40 25.35 -23.62
C GLU A 825 29.12 26.67 -23.33
N LEU A 826 28.85 27.22 -22.14
CA LEU A 826 29.45 28.47 -21.67
C LEU A 826 30.62 28.21 -20.72
N THR A 827 31.70 28.97 -20.91
CA THR A 827 32.86 28.99 -20.03
C THR A 827 33.15 30.46 -19.72
N ALA A 828 33.37 30.78 -18.45
CA ALA A 828 33.68 32.12 -18.00
C ALA A 828 34.61 32.05 -16.81
N HIS A 829 35.36 33.13 -16.58
CA HIS A 829 36.32 33.20 -15.48
C HIS A 829 36.08 34.47 -14.72
N GLY A 830 35.93 34.34 -13.43
CA GLY A 830 35.68 35.45 -12.54
C GLY A 830 35.82 35.07 -11.10
N LYS A 831 35.39 35.97 -10.20
CA LYS A 831 35.47 35.76 -8.76
C LYS A 831 34.09 35.90 -8.13
N LEU A 832 33.81 35.05 -7.13
CA LEU A 832 32.57 35.15 -6.34
C LEU A 832 32.70 36.36 -5.42
N PRO A 833 31.60 36.99 -4.97
CA PRO A 833 31.73 38.11 -4.03
C PRO A 833 32.52 37.75 -2.77
N ASN A 834 33.38 38.68 -2.35
CA ASN A 834 34.20 38.57 -1.16
C ASN A 834 35.13 37.37 -1.09
N ALA A 835 35.72 37.00 -2.21
CA ALA A 835 36.64 35.90 -2.20
C ALA A 835 38.01 36.46 -1.90
N ALA A 836 38.65 35.88 -0.89
CA ALA A 836 40.03 36.25 -0.56
C ALA A 836 40.95 35.89 -1.71
N SER A 837 40.67 34.74 -2.31
CA SER A 837 41.58 34.07 -3.23
C SER A 837 41.97 34.88 -4.44
N SER A 838 43.25 34.83 -4.73
CA SER A 838 43.76 35.34 -5.98
C SER A 838 43.20 34.51 -7.13
N LYS A 839 43.07 33.20 -6.91
CA LYS A 839 42.67 32.28 -7.98
C LYS A 839 41.21 32.51 -8.43
N THR A 840 41.04 32.76 -9.73
CA THR A 840 39.72 32.98 -10.33
C THR A 840 38.99 31.64 -10.45
N THR A 841 37.68 31.68 -10.23
CA THR A 841 36.79 30.53 -10.35
C THR A 841 36.42 30.39 -11.84
N THR A 842 36.28 29.13 -12.29
CA THR A 842 35.83 28.84 -13.64
C THR A 842 34.35 28.44 -13.58
N PHE A 843 33.51 29.24 -14.26
CA PHE A 843 32.07 29.03 -14.34
C PHE A 843 31.73 28.35 -15.66
N THR A 844 30.96 27.25 -15.58
CA THR A 844 30.54 26.49 -16.76
C THR A 844 29.03 26.29 -16.72
N HIS A 845 28.38 26.43 -17.88
CA HIS A 845 26.94 26.24 -18.00
C HIS A 845 26.62 25.44 -19.26
N HIS A 846 25.78 24.41 -19.10
CA HIS A 846 25.34 23.55 -20.19
C HIS A 846 23.87 23.75 -20.45
N ASN A 847 23.52 23.98 -21.72
CA ASN A 847 22.15 24.26 -22.16
C ASN A 847 21.97 23.75 -23.60
N HIS A 848 20.73 23.82 -24.10
CA HIS A 848 20.43 23.42 -25.47
C HIS A 848 19.26 24.22 -26.06
N PHE A 849 19.13 24.19 -27.38
CA PHE A 849 18.00 24.77 -28.08
C PHE A 849 17.50 23.80 -29.15
N LEU A 850 16.22 23.46 -29.07
CA LEU A 850 15.55 22.56 -30.00
C LEU A 850 14.66 23.44 -30.87
N PRO A 851 14.86 23.47 -32.20
CA PRO A 851 14.05 24.39 -33.05
C PRO A 851 12.61 23.96 -33.29
N VAL A 852 12.19 22.87 -32.63
CA VAL A 852 10.82 22.34 -32.61
C VAL A 852 10.45 21.98 -31.17
N TRP A 853 9.17 21.71 -30.91
CA TRP A 853 8.73 21.27 -29.57
C TRP A 853 9.22 19.83 -29.34
N PRO A 854 9.38 19.40 -28.10
CA PRO A 854 9.98 18.09 -27.83
C PRO A 854 9.23 16.94 -28.47
N ASN A 855 7.92 17.03 -28.57
CA ASN A 855 7.12 16.06 -29.30
C ASN A 855 7.32 16.03 -30.82
N GLN A 856 7.94 17.05 -31.38
CA GLN A 856 8.25 17.05 -32.81
C GLN A 856 9.63 16.58 -33.20
N ALA A 857 10.52 16.46 -32.24
CA ALA A 857 11.90 16.01 -32.49
C ALA A 857 11.95 14.55 -32.92
N LYS A 858 12.57 14.31 -34.07
CA LYS A 858 12.69 12.98 -34.69
C LYS A 858 13.78 12.15 -33.96
N VAL A 859 13.61 11.93 -32.68
CA VAL A 859 14.54 11.12 -31.92
C VAL A 859 14.51 9.64 -32.26
N SER A 860 15.66 9.03 -32.14
CA SER A 860 15.81 7.62 -32.36
C SER A 860 16.50 7.07 -31.13
N ASP A 861 16.55 5.77 -31.02
CA ASP A 861 17.12 5.15 -29.87
C ASP A 861 18.57 5.60 -29.78
N PRO A 862 18.94 6.25 -28.70
CA PRO A 862 20.32 6.70 -28.53
C PRO A 862 21.25 5.59 -28.08
N LYS A 863 20.68 4.44 -27.68
CA LYS A 863 21.39 3.27 -27.20
C LYS A 863 22.32 3.60 -26.03
N LEU A 864 21.71 4.05 -24.92
CA LEU A 864 22.41 4.48 -23.70
C LEU A 864 23.07 3.31 -22.96
N HIS A 865 24.29 3.55 -22.50
CA HIS A 865 25.04 2.61 -21.68
CA HIS A 865 25.07 2.61 -21.71
C HIS A 865 25.30 3.25 -20.33
N LEU A 866 25.00 2.50 -19.27
CA LEU A 866 25.19 2.96 -17.91
C LEU A 866 26.10 2.02 -17.15
N SER A 867 27.00 2.60 -16.35
CA SER A 867 27.91 1.84 -15.52
C SER A 867 28.24 2.65 -14.29
N TYR A 868 28.61 1.97 -13.20
CA TYR A 868 29.00 2.63 -11.96
C TYR A 868 30.40 2.18 -11.56
N ASN A 869 31.21 3.13 -11.11
CA ASN A 869 32.57 2.86 -10.66
C ASN A 869 32.64 3.07 -9.15
N LYS A 870 32.90 1.98 -8.41
CA LYS A 870 32.91 1.95 -6.94
C LYS A 870 34.00 2.78 -6.29
N SER A 871 35.06 3.11 -7.03
CA SER A 871 36.18 3.85 -6.50
C SER A 871 35.98 5.37 -6.64
N THR A 872 35.58 5.80 -7.84
CA THR A 872 35.35 7.21 -8.15
C THR A 872 33.99 7.68 -7.69
N LYS A 873 33.08 6.72 -7.41
CA LYS A 873 31.68 6.94 -7.00
C LYS A 873 30.89 7.70 -8.08
N LYS A 874 31.28 7.47 -9.33
CA LYS A 874 30.71 8.11 -10.51
C LYS A 874 30.00 7.10 -11.40
N PHE A 875 28.87 7.52 -11.95
CA PHE A 875 28.11 6.77 -12.95
C PHE A 875 28.61 7.31 -14.28
N THR A 876 28.86 6.44 -15.26
CA THR A 876 29.25 6.86 -16.59
C THR A 876 28.05 6.61 -17.50
N VAL A 877 27.61 7.68 -18.17
CA VAL A 877 26.49 7.64 -19.08
C VAL A 877 27.01 7.94 -20.47
N GLU A 878 26.76 7.03 -21.40
CA GLU A 878 27.14 7.20 -22.78
C GLU A 878 26.01 6.87 -23.74
N ALA A 879 25.78 7.79 -24.65
CA ALA A 879 24.91 7.61 -25.80
C ALA A 879 25.72 7.04 -26.93
N THR A 880 25.29 5.92 -27.44
CA THR A 880 26.05 5.14 -28.33
C THR A 880 25.63 5.30 -29.79
N ALA A 881 24.34 5.37 -30.04
CA ALA A 881 23.84 5.43 -31.41
C ALA A 881 23.53 6.80 -31.93
N GLY A 882 23.23 7.74 -31.06
CA GLY A 882 22.85 9.09 -31.45
C GLY A 882 22.64 10.05 -30.29
N VAL A 883 21.98 11.17 -30.57
CA VAL A 883 21.69 12.18 -29.56
C VAL A 883 20.59 11.70 -28.61
N SER A 884 20.83 11.90 -27.31
CA SER A 884 19.89 11.60 -26.25
C SER A 884 19.42 12.92 -25.65
N LEU A 885 18.12 13.18 -25.67
CA LEU A 885 17.53 14.39 -25.10
C LEU A 885 16.87 14.01 -23.77
N TYR A 886 16.94 14.92 -22.79
CA TYR A 886 16.39 14.71 -21.44
C TYR A 886 16.87 13.38 -20.83
N THR A 887 18.18 13.13 -20.90
CA THR A 887 18.79 11.93 -20.32
C THR A 887 18.49 11.94 -18.83
N TRP A 888 17.83 10.89 -18.36
CA TRP A 888 17.31 10.84 -17.02
C TRP A 888 17.76 9.62 -16.22
N LEU A 889 18.40 9.90 -15.09
CA LEU A 889 18.83 8.89 -14.13
C LEU A 889 17.83 8.78 -13.00
N THR A 890 17.39 7.56 -12.68
CA THR A 890 16.45 7.35 -11.58
C THR A 890 17.09 6.51 -10.51
N HIS A 891 17.19 7.03 -9.28
CA HIS A 891 17.72 6.24 -8.16
C HIS A 891 16.55 5.43 -7.58
N PRO A 892 16.80 4.20 -7.08
CA PRO A 892 15.68 3.41 -6.55
C PRO A 892 15.20 3.92 -5.19
N ALA A 893 14.14 3.32 -4.68
CA ALA A 893 13.67 3.52 -3.31
C ALA A 893 14.76 2.89 -2.41
N GLY A 894 14.80 3.28 -1.16
CA GLY A 894 15.80 2.72 -0.25
C GLY A 894 17.08 3.54 -0.15
N VAL A 895 17.20 4.53 -1.04
CA VAL A 895 18.31 5.48 -1.06
C VAL A 895 17.75 6.94 -1.15
N LEU A 896 18.39 7.85 -0.41
CA LEU A 896 18.05 9.27 -0.40
C LEU A 896 19.25 10.07 -0.88
N GLY A 897 18.99 11.05 -1.75
CA GLY A 897 20.00 11.96 -2.29
C GLY A 897 19.65 12.54 -3.64
N PHE A 898 20.67 12.89 -4.42
CA PHE A 898 20.52 13.50 -5.76
C PHE A 898 21.80 13.39 -6.56
N PHE A 899 21.62 13.29 -7.86
CA PHE A 899 22.68 13.27 -8.83
C PHE A 899 23.29 14.65 -9.03
N ASP A 900 24.54 14.69 -9.47
CA ASP A 900 25.20 15.96 -9.75
C ASP A 900 24.74 16.69 -11.01
N ASP A 901 24.04 15.97 -11.86
CA ASP A 901 23.33 16.53 -12.97
C ASP A 901 22.29 15.52 -13.39
N ASN A 902 21.30 15.96 -14.12
CA ASN A 902 20.24 15.12 -14.66
C ASN A 902 19.44 15.94 -15.68
N ALA A 903 18.65 15.25 -16.51
CA ALA A 903 17.84 15.85 -17.58
C ALA A 903 18.72 16.72 -18.49
N PHE A 904 19.74 16.08 -19.07
CA PHE A 904 20.75 16.70 -19.95
C PHE A 904 20.78 16.09 -21.35
N VAL A 905 21.42 16.80 -22.28
CA VAL A 905 21.62 16.36 -23.64
C VAL A 905 22.94 15.60 -23.68
N LEU A 906 22.96 14.47 -24.39
CA LEU A 906 24.15 13.66 -24.64
C LEU A 906 24.35 13.45 -26.14
N ARG A 907 25.53 13.79 -26.64
CA ARG A 907 25.93 13.59 -28.03
C ARG A 907 26.63 12.23 -28.06
N PRO A 908 26.54 11.44 -29.16
CA PRO A 908 27.17 10.12 -29.15
C PRO A 908 28.68 10.16 -28.95
N GLY A 909 29.18 9.20 -28.17
CA GLY A 909 30.61 9.09 -27.87
C GLY A 909 31.12 9.93 -26.70
N GLU A 910 30.32 10.94 -26.28
CA GLU A 910 30.63 11.82 -25.15
C GLU A 910 30.37 11.02 -23.89
N LYS A 911 31.43 10.78 -23.11
CA LYS A 911 31.26 9.99 -21.89
C LYS A 911 31.06 11.00 -20.77
N LYS A 912 29.88 10.94 -20.17
CA LYS A 912 29.43 11.83 -19.12
C LYS A 912 29.54 11.12 -17.78
N GLU A 913 30.24 11.74 -16.83
CA GLU A 913 30.41 11.25 -15.47
C GLU A 913 29.40 11.97 -14.56
N VAL A 914 28.58 11.20 -13.84
CA VAL A 914 27.56 11.76 -12.94
C VAL A 914 27.73 11.17 -11.54
N GLY A 915 28.06 12.03 -10.60
CA GLY A 915 28.18 11.67 -9.19
C GLY A 915 26.85 11.75 -8.46
N PHE A 916 26.79 11.20 -7.24
CA PHE A 916 25.58 11.20 -6.43
C PHE A 916 25.90 11.61 -4.99
N THR A 917 25.16 12.59 -4.46
CA THR A 917 25.25 13.00 -3.06
C THR A 917 24.39 12.02 -2.26
N LEU A 918 25.03 11.05 -1.60
CA LEU A 918 24.37 10.02 -0.84
C LEU A 918 24.11 10.53 0.56
N GLN A 919 22.82 10.75 0.88
CA GLN A 919 22.35 11.26 2.17
C GLN A 919 21.95 10.13 3.11
N GLN A 920 21.38 9.06 2.57
CA GLN A 920 20.95 7.90 3.33
C GLN A 920 20.84 6.71 2.41
N ASP A 921 21.27 5.52 2.89
CA ASP A 921 21.20 4.26 2.16
C ASP A 921 20.69 3.14 3.08
N THR A 922 19.68 2.41 2.63
CA THR A 922 19.17 1.24 3.36
C THR A 922 19.48 -0.07 2.61
N THR A 923 20.09 0.02 1.41
CA THR A 923 20.42 -1.10 0.51
C THR A 923 21.79 -1.77 0.71
N GLY A 924 22.63 -1.23 1.60
CA GLY A 924 23.97 -1.74 1.82
C GLY A 924 24.85 -1.60 0.57
N GLY A 925 24.71 -0.48 -0.13
CA GLY A 925 25.45 -0.19 -1.35
C GLY A 925 24.89 -0.73 -2.66
N LYS A 926 23.93 -1.65 -2.58
CA LYS A 926 23.32 -2.31 -3.73
C LYS A 926 22.50 -1.39 -4.65
N TRP A 927 22.08 -0.22 -4.14
CA TRP A 927 21.28 0.76 -4.87
C TRP A 927 21.84 1.15 -6.26
N THR A 928 23.18 1.16 -6.40
CA THR A 928 23.88 1.51 -7.63
C THR A 928 23.55 0.59 -8.82
N GLU A 929 23.26 -0.69 -8.51
CA GLU A 929 22.88 -1.73 -9.49
C GLU A 929 21.46 -1.49 -9.97
N GLN A 930 20.65 -0.83 -9.15
CA GLN A 930 19.24 -0.57 -9.40
C GLN A 930 18.94 0.78 -10.09
N VAL A 931 19.98 1.63 -10.25
CA VAL A 931 19.87 2.92 -10.92
C VAL A 931 19.61 2.69 -12.42
N THR A 932 18.64 3.41 -12.99
CA THR A 932 18.31 3.29 -14.40
C THR A 932 18.56 4.58 -15.15
N VAL A 933 18.79 4.49 -16.45
CA VAL A 933 18.94 5.64 -17.33
C VAL A 933 17.90 5.54 -18.46
N GLU A 934 17.40 6.69 -18.90
CA GLU A 934 16.42 6.80 -19.96
C GLU A 934 16.52 8.17 -20.63
N SER A 935 15.73 8.39 -21.67
CA SER A 935 15.72 9.64 -22.43
C SER A 935 14.34 9.86 -23.05
N LEU A 936 14.16 11.01 -23.73
CA LEU A 936 12.92 11.40 -24.40
C LEU A 936 12.37 10.25 -25.25
N TRP A 937 13.29 9.51 -25.92
CA TRP A 937 12.97 8.34 -26.75
CA TRP A 937 12.94 8.36 -26.76
C TRP A 937 12.15 7.28 -26.00
N ASP A 938 12.48 7.03 -24.73
CA ASP A 938 11.82 5.98 -23.94
C ASP A 938 10.36 6.26 -23.61
N LEU A 939 9.91 7.48 -23.77
CA LEU A 939 8.50 7.81 -23.56
C LEU A 939 7.59 7.12 -24.55
N THR A 940 8.04 6.95 -25.77
CA THR A 940 7.19 6.39 -26.79
C THR A 940 7.39 4.97 -27.22
N THR A 941 8.25 4.25 -26.58
CA THR A 941 8.34 2.84 -26.84
C THR A 941 7.17 2.12 -26.15
N PRO A 942 6.76 0.96 -26.65
CA PRO A 942 5.72 0.19 -25.92
C PRO A 942 6.19 -0.31 -24.54
N GLY B 26 -46.66 -20.39 -25.66
CA GLY B 26 -46.71 -20.23 -24.19
C GLY B 26 -45.37 -20.39 -23.49
N LYS B 27 -44.32 -19.78 -24.06
CA LYS B 27 -42.97 -19.82 -23.49
C LYS B 27 -42.87 -19.06 -22.17
N ALA B 28 -41.92 -19.46 -21.32
CA ALA B 28 -41.71 -18.82 -20.03
C ALA B 28 -40.89 -17.51 -20.22
N SER B 29 -41.42 -16.38 -19.74
CA SER B 29 -40.79 -15.07 -19.82
C SER B 29 -39.82 -14.92 -18.65
N ILE B 30 -38.52 -14.79 -18.96
CA ILE B 30 -37.49 -14.69 -17.92
C ILE B 30 -36.75 -13.33 -17.94
N HIS B 31 -36.76 -12.69 -16.78
CA HIS B 31 -35.98 -11.49 -16.49
C HIS B 31 -34.87 -11.81 -15.51
N ASP B 32 -33.64 -11.72 -15.98
CA ASP B 32 -32.47 -11.94 -15.16
C ASP B 32 -32.29 -10.73 -14.27
N LEU B 33 -32.11 -10.99 -13.00
CA LEU B 33 -31.94 -9.91 -12.04
C LEU B 33 -30.64 -9.12 -12.20
N ALA B 34 -29.67 -9.74 -12.87
CA ALA B 34 -28.38 -9.13 -13.17
C ALA B 34 -28.55 -7.94 -14.12
N LEU B 35 -29.59 -7.99 -14.96
CA LEU B 35 -29.89 -6.96 -15.97
C LEU B 35 -30.78 -5.83 -15.44
N GLN B 36 -31.13 -5.87 -14.15
CA GLN B 36 -31.92 -4.82 -13.49
C GLN B 36 -30.98 -3.83 -12.81
N LYS B 37 -31.43 -2.58 -12.61
CA LYS B 37 -30.59 -1.58 -11.95
C LYS B 37 -30.78 -1.72 -10.43
N TRP B 38 -29.67 -1.81 -9.67
CA TRP B 38 -29.69 -1.98 -8.21
C TRP B 38 -29.03 -0.84 -7.44
N THR B 39 -29.55 -0.56 -6.23
CA THR B 39 -29.03 0.43 -5.31
C THR B 39 -28.85 -0.21 -3.93
N VAL B 40 -27.67 -0.04 -3.33
CA VAL B 40 -27.37 -0.58 -2.02
C VAL B 40 -27.44 0.53 -0.99
N THR B 41 -28.16 0.26 0.09
CA THR B 41 -28.38 1.16 1.22
C THR B 41 -28.06 0.48 2.54
N ASN B 42 -27.50 1.23 3.46
CA ASN B 42 -27.20 0.78 4.80
C ASN B 42 -28.39 0.84 5.75
N GLU B 43 -28.21 0.37 6.97
CA GLU B 43 -29.26 0.41 7.97
C GLU B 43 -29.71 1.82 8.33
N TYR B 44 -28.77 2.75 8.39
CA TYR B 44 -29.01 4.08 8.90
C TYR B 44 -29.36 5.18 7.89
N GLY B 45 -29.53 4.80 6.63
CA GLY B 45 -29.94 5.75 5.62
C GLY B 45 -28.87 6.73 5.19
N ASN B 46 -27.69 6.67 5.79
CA ASN B 46 -26.62 7.59 5.45
C ASN B 46 -25.61 7.10 4.40
N ILE B 47 -25.77 5.88 3.90
CA ILE B 47 -24.90 5.35 2.84
C ILE B 47 -25.74 4.81 1.70
N THR B 48 -25.46 5.27 0.50
CA THR B 48 -26.20 4.89 -0.71
C THR B 48 -25.20 4.75 -1.85
N VAL B 49 -25.04 3.51 -2.35
CA VAL B 49 -24.09 3.19 -3.44
C VAL B 49 -24.75 2.35 -4.56
N PRO B 50 -24.25 2.41 -5.81
CA PRO B 50 -24.82 1.55 -6.85
C PRO B 50 -24.55 0.09 -6.53
N GLY B 51 -25.51 -0.78 -6.82
CA GLY B 51 -25.39 -2.20 -6.56
C GLY B 51 -25.25 -3.08 -7.79
N LYS B 52 -24.85 -4.33 -7.57
CA LYS B 52 -24.72 -5.34 -8.61
C LYS B 52 -25.39 -6.62 -8.15
N PHE B 53 -25.73 -7.49 -9.11
CA PHE B 53 -26.43 -8.76 -8.86
C PHE B 53 -25.87 -9.77 -9.83
N PRO B 54 -25.23 -10.85 -9.37
CA PRO B 54 -24.92 -11.21 -8.01
C PRO B 54 -23.79 -10.37 -7.43
N SER B 55 -23.83 -10.12 -6.12
CA SER B 55 -22.79 -9.35 -5.41
C SER B 55 -22.95 -9.49 -3.88
N GLN B 56 -22.17 -8.71 -3.13
CA GLN B 56 -22.20 -8.60 -1.67
C GLN B 56 -21.88 -7.15 -1.32
N ALA B 57 -22.40 -6.65 -0.20
CA ALA B 57 -22.25 -5.24 0.19
C ALA B 57 -20.82 -4.72 0.18
N HIS B 58 -19.88 -5.46 0.78
CA HIS B 58 -18.45 -5.10 0.79
C HIS B 58 -17.92 -4.75 -0.62
N LEU B 59 -18.32 -5.53 -1.63
CA LEU B 59 -17.88 -5.34 -3.00
C LEU B 59 -18.47 -4.10 -3.63
N ASP B 60 -19.75 -3.82 -3.36
CA ASP B 60 -20.41 -2.64 -3.92
C ASP B 60 -19.93 -1.35 -3.24
N LEU B 61 -19.61 -1.45 -1.94
CA LEU B 61 -19.02 -0.36 -1.17
C LEU B 61 -17.62 -0.03 -1.70
N HIS B 62 -16.82 -1.07 -2.00
CA HIS B 62 -15.47 -0.91 -2.53
C HIS B 62 -15.46 -0.38 -3.95
N ALA B 63 -16.33 -0.91 -4.83
CA ALA B 63 -16.44 -0.43 -6.21
C ALA B 63 -16.78 1.07 -6.28
N ALA B 64 -17.50 1.59 -5.27
CA ALA B 64 -17.92 2.98 -5.18
C ALA B 64 -16.89 3.88 -4.47
N GLY B 65 -15.84 3.28 -3.92
CA GLY B 65 -14.78 3.99 -3.23
C GLY B 65 -15.08 4.37 -1.78
N VAL B 66 -16.16 3.82 -1.21
CA VAL B 66 -16.52 4.06 0.18
C VAL B 66 -15.51 3.36 1.11
N ILE B 67 -15.02 2.22 0.68
CA ILE B 67 -14.00 1.46 1.40
C ILE B 67 -12.90 1.08 0.40
N GLY B 68 -11.73 0.83 0.97
CA GLY B 68 -10.55 0.30 0.29
C GLY B 68 -10.80 -1.17 0.10
N GLU B 69 -9.89 -1.82 -0.62
CA GLU B 69 -10.01 -3.24 -0.81
C GLU B 69 -10.04 -3.90 0.54
N SER B 70 -10.95 -4.83 0.68
CA SER B 70 -11.20 -5.44 1.95
C SER B 70 -10.03 -6.26 2.51
N ASN B 71 -9.26 -6.90 1.64
CA ASN B 71 -8.12 -7.71 2.07
C ASN B 71 -6.94 -6.90 2.62
N ASN B 72 -6.93 -5.58 2.42
CA ASN B 72 -5.82 -4.71 2.81
C ASN B 72 -5.64 -4.46 4.31
N GLY B 73 -4.40 -4.29 4.71
CA GLY B 73 -3.96 -3.93 6.04
C GLY B 73 -4.66 -4.59 7.20
N LEU B 74 -5.31 -3.77 8.03
CA LEU B 74 -6.02 -4.20 9.23
C LEU B 74 -7.52 -4.08 9.04
N ASN B 75 -8.00 -4.24 7.79
CA ASN B 75 -9.42 -4.13 7.43
C ASN B 75 -10.32 -5.19 8.04
N ASP B 76 -9.72 -6.30 8.50
CA ASP B 76 -10.48 -7.35 9.19
C ASP B 76 -11.12 -6.77 10.45
N PHE B 77 -10.35 -5.99 11.19
CA PHE B 77 -10.87 -5.14 12.26
C PHE B 77 -11.63 -3.88 11.84
N ASP B 78 -11.07 -3.14 10.92
CA ASP B 78 -11.56 -1.83 10.51
C ASP B 78 -12.90 -1.82 9.81
N LEU B 79 -13.24 -2.88 9.12
CA LEU B 79 -14.47 -2.92 8.37
C LEU B 79 -15.65 -3.60 9.10
N ARG B 80 -15.51 -3.90 10.38
CA ARG B 80 -16.54 -4.56 11.20
C ARG B 80 -17.87 -3.83 11.28
N TRP B 81 -17.89 -2.53 10.98
CA TRP B 81 -19.10 -1.72 10.95
C TRP B 81 -20.06 -2.12 9.82
N ILE B 82 -19.54 -2.76 8.77
CA ILE B 82 -20.34 -3.25 7.64
C ILE B 82 -21.18 -4.46 8.09
N ALA B 83 -20.52 -5.49 8.65
CA ALA B 83 -21.15 -6.73 9.13
C ALA B 83 -22.08 -6.52 10.34
N ALA B 84 -21.92 -5.39 11.00
CA ALA B 84 -22.70 -5.00 12.14
C ALA B 84 -24.08 -4.41 11.83
N GLN B 85 -24.40 -4.23 10.58
CA GLN B 85 -25.64 -3.58 10.23
C GLN B 85 -26.31 -4.24 9.03
N ASN B 86 -27.57 -3.90 8.77
CA ASN B 86 -28.32 -4.38 7.60
C ASN B 86 -27.88 -3.68 6.30
N TRP B 87 -27.96 -4.37 5.18
CA TRP B 87 -27.72 -3.87 3.84
C TRP B 87 -28.88 -4.27 2.95
N THR B 88 -29.46 -3.29 2.28
CA THR B 88 -30.64 -3.51 1.43
C THR B 88 -30.28 -3.30 -0.04
N TYR B 89 -30.65 -4.26 -0.87
CA TYR B 89 -30.50 -4.24 -2.31
C TYR B 89 -31.86 -3.90 -2.88
N THR B 90 -31.97 -2.73 -3.50
CA THR B 90 -33.24 -2.26 -4.03
C THR B 90 -33.13 -2.04 -5.52
N SER B 91 -34.02 -2.68 -6.27
CA SER B 91 -34.09 -2.52 -7.72
C SER B 91 -34.86 -1.24 -8.08
N LYS B 92 -34.63 -0.72 -9.28
CA LYS B 92 -35.44 0.36 -9.82
C LYS B 92 -36.75 -0.32 -10.25
N PRO B 93 -37.87 0.42 -10.44
CA PRO B 93 -39.10 -0.26 -10.90
C PRO B 93 -38.86 -1.21 -12.08
N ILE B 94 -39.40 -2.43 -11.99
CA ILE B 94 -39.22 -3.47 -13.01
C ILE B 94 -40.30 -3.40 -14.08
N SER B 95 -39.89 -3.14 -15.32
CA SER B 95 -40.76 -3.03 -16.50
C SER B 95 -40.83 -4.35 -17.27
N GLY B 96 -41.84 -4.49 -18.12
CA GLY B 96 -42.03 -5.65 -18.99
C GLY B 96 -42.72 -6.87 -18.43
N LEU B 97 -43.29 -6.77 -17.25
CA LEU B 97 -43.98 -7.91 -16.67
C LEU B 97 -45.45 -7.87 -17.06
N SER B 98 -45.95 -8.96 -17.60
CA SER B 98 -47.34 -9.05 -17.94
C SER B 98 -48.25 -9.00 -16.72
N LYS B 99 -49.33 -8.24 -16.83
CA LYS B 99 -50.21 -8.01 -15.71
C LYS B 99 -51.47 -8.87 -15.79
N HIS B 100 -51.52 -9.72 -16.80
CA HIS B 100 -52.61 -10.67 -16.95
C HIS B 100 -52.64 -11.56 -15.70
N SER B 101 -53.82 -11.73 -15.14
CA SER B 101 -54.00 -12.51 -13.91
C SER B 101 -53.87 -14.04 -14.18
N ASP B 102 -53.88 -14.36 -15.46
CA ASP B 102 -53.67 -15.67 -16.07
C ASP B 102 -52.21 -16.15 -15.97
N ILE B 103 -51.36 -15.32 -15.37
CA ILE B 103 -49.94 -15.50 -15.36
C ILE B 103 -49.41 -15.61 -13.94
N ALA B 104 -48.60 -16.62 -13.69
CA ALA B 104 -47.95 -16.79 -12.40
C ALA B 104 -46.52 -16.19 -12.47
N THR B 105 -46.25 -15.20 -11.61
CA THR B 105 -44.97 -14.52 -11.53
C THR B 105 -44.20 -15.05 -10.33
N TRP B 106 -42.99 -15.58 -10.60
CA TRP B 106 -42.12 -16.17 -9.58
C TRP B 106 -40.76 -15.48 -9.43
N LEU B 107 -40.35 -15.22 -8.19
CA LEU B 107 -38.99 -14.78 -7.90
C LEU B 107 -38.20 -16.06 -7.64
N VAL B 108 -37.12 -16.28 -8.39
CA VAL B 108 -36.23 -17.44 -8.21
C VAL B 108 -34.81 -16.95 -7.88
N PHE B 109 -34.31 -17.35 -6.69
CA PHE B 109 -32.99 -16.99 -6.19
C PHE B 109 -32.15 -18.24 -5.99
N ASP B 110 -31.00 -18.33 -6.71
CA ASP B 110 -30.09 -19.48 -6.59
C ASP B 110 -29.21 -19.37 -5.32
N GLY B 111 -29.23 -18.19 -4.70
CA GLY B 111 -28.48 -17.93 -3.49
C GLY B 111 -28.63 -16.53 -2.94
N LEU B 112 -28.97 -16.47 -1.66
CA LEU B 112 -29.03 -15.25 -0.86
C LEU B 112 -28.31 -15.45 0.44
N ASP B 113 -27.45 -14.50 0.79
CA ASP B 113 -26.56 -14.67 1.91
C ASP B 113 -26.77 -13.58 2.92
N THR B 114 -27.31 -13.91 4.09
CA THR B 114 -28.07 -15.12 4.39
C THR B 114 -29.52 -14.79 4.86
N TYR B 115 -29.67 -14.18 6.04
CA TYR B 115 -30.98 -13.77 6.56
C TYR B 115 -31.42 -12.55 5.78
N ALA B 116 -32.53 -12.71 5.07
CA ALA B 116 -33.07 -11.63 4.24
C ALA B 116 -34.59 -11.46 4.39
N THR B 117 -35.08 -10.26 4.03
CA THR B 117 -36.49 -9.94 3.93
C THR B 117 -36.73 -9.53 2.48
N VAL B 118 -37.46 -10.37 1.73
CA VAL B 118 -37.74 -10.13 0.29
C VAL B 118 -39.08 -9.42 0.14
N LYS B 119 -39.03 -8.19 -0.40
CA LYS B 119 -40.22 -7.39 -0.66
C LYS B 119 -40.43 -7.19 -2.15
N PHE B 120 -41.67 -7.42 -2.59
CA PHE B 120 -42.09 -7.20 -3.98
C PHE B 120 -43.31 -6.27 -3.91
N CYS B 121 -43.15 -5.06 -4.44
CA CYS B 121 -44.15 -3.99 -4.39
C CYS B 121 -44.57 -3.69 -2.93
N ASP B 122 -43.55 -3.50 -2.07
CA ASP B 122 -43.68 -3.18 -0.62
C ASP B 122 -44.37 -4.29 0.26
N HIS B 123 -44.49 -5.50 -0.29
CA HIS B 123 -45.09 -6.64 0.37
C HIS B 123 -44.03 -7.67 0.71
N ILE B 124 -43.91 -8.07 1.97
CA ILE B 124 -43.00 -9.12 2.30
C ILE B 124 -43.53 -10.42 1.78
N VAL B 125 -42.74 -11.09 0.95
CA VAL B 125 -43.12 -12.34 0.35
C VAL B 125 -42.29 -13.51 0.79
N GLY B 126 -41.12 -13.25 1.33
CA GLY B 126 -40.27 -14.27 1.86
C GLY B 126 -39.27 -13.82 2.89
N THR B 127 -38.88 -14.73 3.75
CA THR B 127 -37.82 -14.46 4.72
C THR B 127 -36.73 -15.57 4.70
N PRO B 128 -35.88 -15.62 3.65
CA PRO B 128 -34.87 -16.68 3.57
C PRO B 128 -33.80 -16.65 4.65
N ASP B 129 -33.38 -17.84 5.10
CA ASP B 129 -32.37 -17.99 6.16
C ASP B 129 -31.33 -19.14 5.88
N ASN B 130 -30.95 -19.30 4.62
CA ASN B 130 -29.95 -20.28 4.20
C ASN B 130 -29.24 -19.84 2.96
N GLN B 131 -27.92 -19.70 3.05
CA GLN B 131 -27.04 -19.32 1.95
C GLN B 131 -27.03 -20.38 0.84
N PHE B 132 -27.17 -21.65 1.27
CA PHE B 132 -27.02 -22.84 0.45
C PHE B 132 -28.30 -23.38 -0.19
N ARG B 133 -29.40 -22.62 -0.09
CA ARG B 133 -30.68 -23.02 -0.67
C ARG B 133 -31.13 -22.12 -1.81
N GLN B 134 -31.88 -22.72 -2.74
CA GLN B 134 -32.55 -22.01 -3.81
C GLN B 134 -33.93 -21.63 -3.28
N TRP B 135 -34.23 -20.33 -3.28
CA TRP B 135 -35.51 -19.82 -2.79
C TRP B 135 -36.39 -19.35 -3.95
N PHE B 136 -37.68 -19.66 -3.88
CA PHE B 136 -38.67 -19.29 -4.89
C PHE B 136 -39.98 -18.85 -4.25
N TYR B 137 -40.49 -17.67 -4.66
CA TYR B 137 -41.71 -17.10 -4.11
C TYR B 137 -42.68 -16.66 -5.20
N ASP B 138 -43.98 -16.99 -5.02
CA ASP B 138 -45.06 -16.60 -5.94
C ASP B 138 -45.45 -15.17 -5.58
N VAL B 139 -45.18 -14.23 -6.49
CA VAL B 139 -45.44 -12.81 -6.29
C VAL B 139 -46.60 -12.26 -7.16
N SER B 140 -47.45 -13.17 -7.67
CA SER B 140 -48.60 -12.83 -8.51
C SER B 140 -49.56 -11.81 -7.87
N SER B 141 -49.92 -12.05 -6.59
CA SER B 141 -50.86 -11.18 -5.85
C SER B 141 -50.26 -9.80 -5.55
N ALA B 142 -48.94 -9.74 -5.25
CA ALA B 142 -48.22 -8.49 -5.02
C ALA B 142 -48.19 -7.66 -6.30
N LEU B 143 -47.94 -8.34 -7.44
CA LEU B 143 -47.91 -7.74 -8.76
C LEU B 143 -49.27 -7.12 -9.12
N ALA B 144 -50.35 -7.89 -8.90
CA ALA B 144 -51.73 -7.50 -9.19
C ALA B 144 -52.18 -6.24 -8.45
N SER B 145 -51.75 -6.10 -7.18
CA SER B 145 -52.11 -4.95 -6.32
C SER B 145 -51.25 -3.70 -6.57
N CYS B 146 -50.14 -3.85 -7.31
CA CYS B 146 -49.20 -2.76 -7.57
C CYS B 146 -49.73 -1.62 -8.41
N LYS B 147 -49.64 -0.41 -7.84
CA LYS B 147 -50.13 0.82 -8.48
C LYS B 147 -49.25 1.28 -9.65
N SER B 148 -47.98 0.83 -9.68
CA SER B 148 -47.02 1.13 -10.75
C SER B 148 -46.08 -0.07 -10.97
N ASP B 149 -45.00 0.10 -11.78
CA ASP B 149 -44.01 -0.96 -12.04
C ASP B 149 -43.40 -1.41 -10.70
N PRO B 150 -43.33 -2.74 -10.45
CA PRO B 150 -42.89 -3.22 -9.12
C PRO B 150 -41.41 -3.10 -8.79
N VAL B 151 -41.14 -2.71 -7.54
CA VAL B 151 -39.80 -2.59 -6.97
C VAL B 151 -39.54 -3.82 -6.11
N LEU B 152 -38.42 -4.50 -6.39
CA LEU B 152 -37.95 -5.65 -5.62
C LEU B 152 -36.84 -5.19 -4.69
N SER B 153 -37.01 -5.47 -3.40
CA SER B 153 -36.02 -5.10 -2.39
C SER B 153 -35.69 -6.29 -1.49
N ILE B 154 -34.42 -6.45 -1.19
CA ILE B 154 -33.99 -7.46 -0.28
C ILE B 154 -33.15 -6.89 0.83
N ASN B 155 -33.62 -7.03 2.07
CA ASN B 155 -32.96 -6.47 3.22
C ASN B 155 -32.19 -7.55 3.94
N PHE B 156 -30.87 -7.43 3.92
CA PHE B 156 -30.03 -8.45 4.45
C PHE B 156 -29.67 -8.02 5.83
N GLY B 157 -29.89 -8.91 6.77
CA GLY B 157 -29.60 -8.63 8.16
C GLY B 157 -28.14 -8.71 8.52
N SER B 158 -27.80 -8.15 9.67
CA SER B 158 -26.48 -8.31 10.27
C SER B 158 -26.50 -9.73 10.90
N VAL B 159 -25.71 -10.64 10.31
CA VAL B 159 -25.62 -12.03 10.75
C VAL B 159 -25.10 -12.16 12.20
N PRO B 160 -24.03 -11.45 12.62
CA PRO B 160 -23.61 -11.54 14.03
C PRO B 160 -24.71 -11.10 15.02
N ARG B 161 -25.47 -10.07 14.67
CA ARG B 161 -26.58 -9.59 15.51
C ARG B 161 -27.68 -10.63 15.65
N ILE B 162 -28.10 -11.21 14.54
CA ILE B 162 -29.11 -12.23 14.55
C ILE B 162 -28.68 -13.48 15.28
N ILE B 163 -27.45 -13.92 15.10
CA ILE B 163 -26.99 -15.07 15.83
C ILE B 163 -26.80 -14.88 17.31
N ASN B 164 -26.37 -13.69 17.70
CA ASN B 164 -26.28 -13.36 19.10
C ASN B 164 -27.65 -13.37 19.80
N ALA B 165 -28.66 -12.89 19.10
CA ALA B 165 -30.04 -12.85 19.59
C ALA B 165 -30.59 -14.27 19.76
N ILE B 166 -30.29 -15.17 18.80
CA ILE B 166 -30.68 -16.57 18.84
C ILE B 166 -30.03 -17.25 20.06
N ASN B 167 -28.71 -17.10 20.24
CA ASN B 167 -28.01 -17.66 21.39
C ASN B 167 -28.47 -17.10 22.76
N ALA B 168 -28.77 -15.78 22.83
CA ALA B 168 -29.17 -15.06 24.04
C ALA B 168 -30.38 -15.68 24.75
N SER B 169 -31.27 -16.31 23.98
CA SER B 169 -32.47 -16.99 24.48
C SER B 169 -32.08 -18.21 25.31
N ASP B 170 -32.67 -18.31 26.49
CA ASP B 170 -32.52 -19.45 27.39
C ASP B 170 -33.16 -20.69 26.84
N GLU B 171 -34.10 -20.47 25.94
CA GLU B 171 -34.87 -21.50 25.27
C GLU B 171 -34.11 -22.40 24.28
N VAL B 172 -33.06 -21.87 23.66
CA VAL B 172 -32.21 -22.66 22.76
C VAL B 172 -31.14 -23.46 23.44
N GLN B 173 -30.59 -24.39 22.69
CA GLN B 173 -29.49 -25.24 23.16
C GLN B 173 -28.20 -24.45 23.38
N HIS B 174 -27.44 -24.83 24.40
CA HIS B 174 -26.14 -24.27 24.71
C HIS B 174 -25.12 -25.40 24.91
N TRP B 175 -23.88 -25.15 24.49
CA TRP B 175 -22.80 -26.12 24.57
C TRP B 175 -21.66 -25.57 25.41
N PRO B 176 -20.77 -26.43 25.96
CA PRO B 176 -19.62 -25.88 26.70
C PRO B 176 -18.74 -24.96 25.84
N ALA B 177 -18.02 -24.04 26.50
CA ALA B 177 -17.18 -23.03 25.88
C ALA B 177 -16.19 -23.59 24.86
N SER B 178 -15.57 -24.74 25.17
CA SER B 178 -14.57 -25.37 24.30
C SER B 178 -15.19 -25.95 23.01
N VAL B 179 -16.50 -26.26 23.06
CA VAL B 179 -17.21 -26.84 21.94
C VAL B 179 -17.59 -25.77 20.91
N VAL B 180 -18.05 -24.62 21.39
CA VAL B 180 -18.46 -23.50 20.54
C VAL B 180 -17.44 -22.35 20.50
N TYR B 181 -16.18 -22.64 20.88
CA TYR B 181 -15.08 -21.67 20.90
C TYR B 181 -14.95 -21.01 19.53
N PRO B 182 -14.98 -19.67 19.45
CA PRO B 182 -14.94 -19.03 18.12
C PRO B 182 -13.54 -18.82 17.57
N PHE B 183 -13.48 -18.46 16.27
CA PHE B 183 -12.27 -18.01 15.59
C PHE B 183 -12.28 -16.52 15.84
N GLU B 184 -13.30 -15.83 15.32
CA GLU B 184 -13.54 -14.40 15.57
C GLU B 184 -14.96 -14.14 16.11
N TYR B 185 -15.99 -14.18 15.25
CA TYR B 185 -17.38 -13.98 15.69
C TYR B 185 -17.93 -15.24 16.33
N PRO B 186 -18.63 -15.13 17.49
CA PRO B 186 -19.22 -16.33 18.11
C PRO B 186 -20.60 -16.67 17.55
N ASN B 187 -21.14 -17.83 18.00
CA ASN B 187 -22.50 -18.31 17.66
C ASN B 187 -22.79 -18.72 16.20
N ARG B 188 -21.73 -19.01 15.42
CA ARG B 188 -21.83 -19.39 14.01
C ARG B 188 -22.65 -20.68 13.77
N GLN B 189 -22.76 -21.55 14.79
CA GLN B 189 -23.51 -22.82 14.70
C GLN B 189 -25.02 -22.61 14.50
N TRP B 190 -25.51 -21.41 14.80
CA TRP B 190 -26.91 -21.07 14.63
C TRP B 190 -27.32 -20.63 13.21
N VAL B 191 -26.34 -20.35 12.34
CA VAL B 191 -26.63 -19.87 10.97
C VAL B 191 -26.19 -20.82 9.87
N ARG B 192 -27.02 -20.93 8.83
CA ARG B 192 -26.74 -21.73 7.66
C ARG B 192 -26.08 -20.77 6.64
N LYS B 193 -24.82 -20.43 6.95
CA LYS B 193 -23.94 -19.54 6.23
C LYS B 193 -22.52 -20.12 6.31
N GLU B 194 -21.73 -19.88 5.25
CA GLU B 194 -20.34 -20.28 5.11
C GLU B 194 -19.63 -19.94 6.41
N GLN B 195 -19.24 -21.00 7.15
CA GLN B 195 -18.68 -20.86 8.50
C GLN B 195 -17.39 -20.03 8.61
N ASN B 196 -16.53 -20.07 7.58
CA ASN B 196 -15.31 -19.26 7.58
C ASN B 196 -15.54 -17.75 7.45
N ASP B 197 -16.77 -17.33 7.10
CA ASP B 197 -17.16 -15.91 7.00
C ASP B 197 -17.06 -15.19 8.34
N PHE B 198 -17.03 -15.97 9.42
CA PHE B 198 -16.89 -15.49 10.80
C PHE B 198 -15.43 -15.63 11.28
N GLY B 199 -14.53 -15.88 10.32
CA GLY B 199 -13.10 -16.04 10.53
C GLY B 199 -12.67 -17.48 10.65
N TRP B 200 -11.42 -17.73 10.29
CA TRP B 200 -10.77 -19.03 10.40
C TRP B 200 -9.31 -18.81 10.67
N ASP B 201 -8.56 -19.88 10.82
CA ASP B 201 -7.16 -19.74 11.15
C ASP B 201 -6.25 -19.46 9.97
N TRP B 202 -6.84 -19.36 8.80
CA TRP B 202 -6.16 -18.92 7.62
C TRP B 202 -6.84 -17.77 6.92
N GLY B 203 -7.90 -17.25 7.49
CA GLY B 203 -8.70 -16.20 6.83
C GLY B 203 -9.40 -15.18 7.70
N PRO B 204 -9.88 -14.08 7.06
CA PRO B 204 -10.58 -13.01 7.78
C PRO B 204 -12.03 -13.31 8.11
N ALA B 205 -12.68 -12.41 8.88
CA ALA B 205 -14.07 -12.54 9.31
C ALA B 205 -14.93 -11.38 8.80
N PHE B 206 -15.17 -11.34 7.48
CA PHE B 206 -15.95 -10.24 6.90
C PHE B 206 -17.45 -10.38 7.00
N SER B 207 -17.97 -11.60 7.19
CA SER B 207 -19.42 -11.87 7.28
C SER B 207 -20.18 -11.09 6.18
N PRO B 208 -19.86 -11.32 4.88
CA PRO B 208 -20.53 -10.54 3.83
C PRO B 208 -21.99 -10.93 3.62
N VAL B 209 -22.76 -9.99 3.10
CA VAL B 209 -24.17 -10.22 2.80
C VAL B 209 -24.53 -9.71 1.40
N GLY B 210 -25.49 -10.39 0.78
CA GLY B 210 -26.01 -9.98 -0.52
C GLY B 210 -26.53 -11.12 -1.37
N PRO B 211 -27.00 -10.78 -2.60
CA PRO B 211 -27.42 -11.83 -3.50
C PRO B 211 -26.18 -12.50 -4.10
N TRP B 212 -25.63 -13.47 -3.35
CA TRP B 212 -24.37 -14.12 -3.70
C TRP B 212 -24.35 -15.02 -4.94
N GLN B 213 -25.52 -15.45 -5.43
CA GLN B 213 -25.66 -16.30 -6.62
C GLN B 213 -26.74 -15.75 -7.58
N PRO B 214 -26.83 -16.23 -8.84
CA PRO B 214 -27.83 -15.68 -9.76
C PRO B 214 -29.30 -15.79 -9.32
N GLY B 215 -30.12 -14.94 -9.92
CA GLY B 215 -31.52 -14.83 -9.63
C GLY B 215 -32.28 -14.31 -10.82
N ARG B 216 -33.58 -14.55 -10.90
CA ARG B 216 -34.41 -14.07 -11.98
C ARG B 216 -35.87 -14.07 -11.63
N ILE B 217 -36.65 -13.44 -12.48
CA ILE B 217 -38.09 -13.42 -12.36
C ILE B 217 -38.63 -14.27 -13.46
N VAL B 218 -39.54 -15.16 -13.12
CA VAL B 218 -40.08 -16.15 -14.07
C VAL B 218 -41.59 -15.94 -14.19
N GLN B 219 -42.08 -15.70 -15.41
CA GLN B 219 -43.51 -15.56 -15.68
C GLN B 219 -43.96 -16.73 -16.51
N LEU B 220 -44.85 -17.53 -15.93
CA LEU B 220 -45.41 -18.73 -16.54
C LEU B 220 -46.87 -18.52 -16.95
N SER B 221 -47.23 -18.96 -18.17
CA SER B 221 -48.59 -18.89 -18.68
C SER B 221 -49.28 -20.24 -18.52
N LYS B 222 -50.60 -20.22 -18.27
CA LYS B 222 -51.44 -21.40 -18.13
C LYS B 222 -51.40 -22.23 -19.42
N GLY B 223 -51.18 -23.54 -19.26
CA GLY B 223 -51.07 -24.49 -20.37
C GLY B 223 -49.80 -24.34 -21.22
N GLY B 224 -48.84 -23.59 -20.71
CA GLY B 224 -47.59 -23.32 -21.41
C GLY B 224 -46.37 -24.03 -20.86
N GLU B 225 -45.20 -23.51 -21.21
CA GLU B 225 -43.90 -24.04 -20.84
C GLU B 225 -43.67 -23.92 -19.34
N LEU B 226 -43.01 -24.93 -18.75
CA LEU B 226 -42.62 -24.95 -17.34
C LEU B 226 -41.18 -24.40 -17.17
N TYR B 227 -40.80 -24.09 -15.92
CA TYR B 227 -39.48 -23.59 -15.59
C TYR B 227 -38.71 -24.61 -14.76
N SER B 228 -37.46 -24.89 -15.16
CA SER B 228 -36.58 -25.85 -14.50
C SER B 228 -35.84 -25.20 -13.32
N LEU B 229 -36.13 -25.71 -12.12
CA LEU B 229 -35.50 -25.26 -10.89
C LEU B 229 -34.18 -25.99 -10.66
N ASN B 230 -34.24 -27.32 -10.66
CA ASN B 230 -33.11 -28.20 -10.36
C ASN B 230 -33.30 -29.54 -11.03
N THR B 231 -32.22 -30.17 -11.45
CA THR B 231 -32.29 -31.48 -12.07
C THR B 231 -31.30 -32.43 -11.44
N ASP B 232 -31.76 -33.60 -11.06
CA ASP B 232 -30.91 -34.59 -10.44
C ASP B 232 -30.75 -35.70 -11.43
N ILE B 233 -29.54 -35.94 -11.90
CA ILE B 233 -29.29 -37.08 -12.78
C ILE B 233 -28.44 -38.07 -12.03
N ASP B 234 -28.87 -39.30 -11.98
CA ASP B 234 -28.15 -40.31 -11.23
C ASP B 234 -27.82 -41.45 -12.18
N ILE B 235 -26.52 -41.59 -12.50
CA ILE B 235 -26.03 -42.63 -13.38
C ILE B 235 -25.25 -43.62 -12.54
N PHE B 236 -25.79 -44.81 -12.42
CA PHE B 236 -25.24 -45.86 -11.58
C PHE B 236 -25.39 -47.21 -12.26
N ARG B 237 -24.65 -48.20 -11.77
CA ARG B 237 -24.73 -49.58 -12.24
C ARG B 237 -25.97 -50.20 -11.64
N LYS B 238 -26.67 -51.06 -12.40
CA LYS B 238 -27.88 -51.71 -11.90
C LYS B 238 -27.55 -52.46 -10.59
N GLY B 239 -28.34 -52.18 -9.56
CA GLY B 239 -28.23 -52.80 -8.24
C GLY B 239 -27.26 -52.13 -7.29
N GLN B 240 -26.69 -51.00 -7.71
CA GLN B 240 -25.69 -50.26 -6.93
C GLN B 240 -26.32 -49.55 -5.73
N PHE B 241 -25.60 -49.58 -4.62
CA PHE B 241 -25.97 -48.87 -3.40
C PHE B 241 -24.76 -48.09 -2.85
N ASN B 242 -25.03 -46.97 -2.18
CA ASN B 242 -24.00 -46.12 -1.59
C ASN B 242 -23.09 -46.95 -0.65
N ASN B 243 -21.78 -46.68 -0.70
CA ASN B 243 -20.74 -47.31 0.14
C ASN B 243 -20.39 -48.79 -0.15
N PHE B 244 -21.04 -49.38 -1.14
CA PHE B 244 -20.77 -50.77 -1.54
C PHE B 244 -20.26 -50.83 -2.97
N ALA B 245 -19.28 -51.73 -3.21
CA ALA B 245 -18.69 -51.93 -4.53
C ALA B 245 -19.73 -52.42 -5.55
N PRO B 246 -19.97 -51.65 -6.60
CA PRO B 246 -20.93 -52.03 -7.62
C PRO B 246 -20.46 -53.15 -8.54
N ASP B 247 -21.39 -53.70 -9.29
CA ASP B 247 -21.06 -54.71 -10.28
C ASP B 247 -20.64 -54.03 -11.58
N GLN B 248 -19.39 -54.23 -11.94
CA GLN B 248 -18.84 -53.61 -13.11
C GLN B 248 -19.33 -54.16 -14.44
N THR B 249 -19.96 -55.32 -14.42
CA THR B 249 -20.49 -55.98 -15.61
C THR B 249 -21.99 -55.70 -15.83
N ALA B 250 -22.64 -55.07 -14.85
CA ALA B 250 -24.06 -54.75 -14.86
C ALA B 250 -24.40 -53.58 -15.79
N PRO B 251 -25.61 -53.56 -16.38
CA PRO B 251 -25.97 -52.40 -17.24
C PRO B 251 -26.07 -51.07 -16.48
N TRP B 252 -25.97 -49.97 -17.21
CA TRP B 252 -26.05 -48.63 -16.62
C TRP B 252 -27.51 -48.23 -16.47
N VAL B 253 -27.84 -47.55 -15.36
CA VAL B 253 -29.17 -47.03 -15.13
C VAL B 253 -29.04 -45.50 -15.09
N VAL B 254 -29.81 -44.80 -15.93
CA VAL B 254 -29.82 -43.34 -15.99
C VAL B 254 -31.15 -42.85 -15.43
N ASN B 255 -31.14 -42.34 -14.20
CA ASN B 255 -32.33 -41.84 -13.52
C ASN B 255 -32.41 -40.29 -13.55
N ALA B 256 -33.44 -39.73 -14.17
CA ALA B 256 -33.62 -38.29 -14.31
C ALA B 256 -34.79 -37.80 -13.49
N SER B 257 -34.52 -36.92 -12.54
CA SER B 257 -35.54 -36.34 -11.65
C SER B 257 -35.47 -34.82 -11.76
N LEU B 258 -36.54 -34.23 -12.28
CA LEU B 258 -36.61 -32.79 -12.59
C LEU B 258 -37.54 -32.00 -11.64
N ASP B 259 -36.97 -31.02 -10.93
CA ASP B 259 -37.74 -30.11 -10.08
C ASP B 259 -38.14 -28.90 -10.94
N PHE B 260 -39.39 -28.43 -10.81
CA PHE B 260 -39.90 -27.35 -11.64
C PHE B 260 -40.95 -26.45 -11.00
N LEU B 261 -41.30 -25.39 -11.74
CA LEU B 261 -42.44 -24.51 -11.51
C LEU B 261 -43.19 -24.53 -12.87
N GLY B 262 -44.51 -24.65 -12.92
CA GLY B 262 -45.44 -24.83 -11.81
C GLY B 262 -46.33 -26.04 -12.02
N THR B 263 -47.22 -25.96 -13.04
CA THR B 263 -48.29 -26.97 -13.30
C THR B 263 -48.07 -27.98 -14.46
N LEU B 264 -47.70 -29.23 -14.09
CA LEU B 264 -47.47 -30.31 -15.04
C LEU B 264 -48.69 -31.23 -15.08
N PRO B 265 -49.36 -31.38 -16.24
CA PRO B 265 -50.57 -32.22 -16.28
C PRO B 265 -50.29 -33.70 -16.08
N LYS B 266 -51.31 -34.43 -15.61
CA LYS B 266 -51.30 -35.86 -15.33
C LYS B 266 -50.88 -36.70 -16.54
N HIS B 267 -50.29 -37.87 -16.27
CA HIS B 267 -49.81 -38.85 -17.27
C HIS B 267 -48.73 -38.20 -18.19
N ALA B 268 -47.70 -37.65 -17.56
CA ALA B 268 -46.58 -37.02 -18.25
C ALA B 268 -45.63 -38.06 -18.84
N SER B 269 -45.07 -37.71 -20.01
CA SER B 269 -44.14 -38.53 -20.75
C SER B 269 -42.72 -37.91 -20.65
N MET B 270 -41.70 -38.77 -20.60
CA MET B 270 -40.31 -38.35 -20.52
C MET B 270 -39.46 -39.05 -21.59
N SER B 271 -38.66 -38.27 -22.30
CA SER B 271 -37.72 -38.78 -23.31
C SER B 271 -36.34 -38.16 -23.09
N VAL B 272 -35.27 -38.90 -23.43
CA VAL B 272 -33.88 -38.41 -23.37
C VAL B 272 -33.13 -38.55 -24.69
N ILE B 273 -32.16 -37.66 -24.91
CA ILE B 273 -31.18 -37.73 -25.98
C ILE B 273 -29.82 -37.62 -25.28
N ILE B 274 -29.05 -38.70 -25.32
CA ILE B 274 -27.70 -38.75 -24.76
C ILE B 274 -26.71 -38.77 -25.94
N THR B 275 -25.97 -37.68 -26.09
CA THR B 275 -24.96 -37.53 -27.15
C THR B 275 -23.58 -37.34 -26.53
N ASP B 276 -22.53 -37.60 -27.32
CA ASP B 276 -21.14 -37.36 -26.90
C ASP B 276 -20.97 -35.86 -26.66
N ALA B 277 -20.33 -35.48 -25.55
CA ALA B 277 -20.08 -34.07 -25.22
C ALA B 277 -19.09 -33.42 -26.19
N SER B 278 -18.23 -34.25 -26.82
CA SER B 278 -17.24 -33.82 -27.83
C SER B 278 -17.91 -33.67 -29.23
N ASP B 279 -18.77 -34.62 -29.60
CA ASP B 279 -19.49 -34.62 -30.88
C ASP B 279 -21.02 -34.83 -30.81
N SER B 280 -21.78 -33.83 -31.26
CA SER B 280 -23.24 -33.93 -31.35
C SER B 280 -23.69 -35.07 -32.27
N ARG B 281 -22.91 -35.36 -33.29
CA ARG B 281 -23.26 -36.40 -34.22
C ARG B 281 -23.31 -37.77 -33.57
N SER B 282 -22.50 -38.00 -32.57
CA SER B 282 -22.49 -39.29 -31.90
C SER B 282 -23.58 -39.35 -30.84
N VAL B 283 -24.57 -40.20 -31.06
CA VAL B 283 -25.72 -40.35 -30.17
C VAL B 283 -25.58 -41.69 -29.45
N LEU B 284 -25.58 -41.66 -28.13
CA LEU B 284 -25.46 -42.87 -27.33
C LEU B 284 -26.84 -43.51 -27.18
N TYR B 285 -27.82 -42.74 -26.71
CA TYR B 285 -29.19 -43.22 -26.52
C TYR B 285 -30.21 -42.14 -26.84
N SER B 286 -31.24 -42.49 -27.61
CA SER B 286 -32.36 -41.61 -27.92
C SER B 286 -33.61 -42.44 -27.77
N GLY B 287 -34.42 -42.08 -26.78
CA GLY B 287 -35.65 -42.80 -26.51
C GLY B 287 -36.39 -42.35 -25.27
N LYS B 288 -37.48 -43.05 -24.96
CA LYS B 288 -38.33 -42.75 -23.81
C LYS B 288 -37.74 -43.28 -22.50
N LEU B 289 -38.19 -42.68 -21.38
CA LEU B 289 -37.87 -43.11 -20.02
C LEU B 289 -39.06 -43.93 -19.50
N GLU B 290 -38.77 -44.92 -18.65
CA GLU B 290 -39.77 -45.80 -18.06
C GLU B 290 -39.94 -45.51 -16.55
N GLY B 291 -41.02 -46.05 -15.97
CA GLY B 291 -41.34 -45.91 -14.55
C GLY B 291 -41.49 -44.47 -14.11
N VAL B 292 -42.19 -43.67 -14.93
CA VAL B 292 -42.42 -42.25 -14.69
C VAL B 292 -43.30 -42.00 -13.47
N THR B 293 -42.78 -41.18 -12.54
CA THR B 293 -43.50 -40.74 -11.34
C THR B 293 -43.54 -39.20 -11.35
N GLN B 294 -44.64 -38.63 -10.85
CA GLN B 294 -44.80 -37.18 -10.78
C GLN B 294 -45.53 -36.70 -9.52
N SER B 295 -45.19 -35.49 -9.09
CA SER B 295 -45.77 -34.79 -7.96
C SER B 295 -46.06 -33.35 -8.38
N ASP B 296 -46.43 -32.50 -7.42
CA ASP B 296 -46.76 -31.09 -7.65
C ASP B 296 -45.64 -30.37 -8.43
N MET B 297 -44.37 -30.57 -8.00
CA MET B 297 -43.20 -29.85 -8.57
C MET B 297 -42.04 -30.76 -9.05
N THR B 298 -42.25 -32.08 -9.13
CA THR B 298 -41.19 -33.02 -9.57
C THR B 298 -41.72 -34.08 -10.53
N VAL B 299 -40.92 -34.42 -11.54
CA VAL B 299 -41.16 -35.48 -12.52
C VAL B 299 -39.86 -36.31 -12.62
N THR B 300 -40.01 -37.64 -12.50
CA THR B 300 -38.90 -38.59 -12.50
C THR B 300 -39.15 -39.78 -13.43
N GLY B 301 -38.09 -40.23 -14.09
CA GLY B 301 -38.09 -41.39 -14.96
C GLY B 301 -36.68 -41.96 -15.12
N SER B 302 -36.56 -43.16 -15.70
CA SER B 302 -35.26 -43.78 -15.89
C SER B 302 -35.13 -44.63 -17.15
N VAL B 303 -33.90 -44.83 -17.60
CA VAL B 303 -33.59 -45.68 -18.74
C VAL B 303 -32.37 -46.56 -18.42
N THR B 304 -32.43 -47.83 -18.83
CA THR B 304 -31.33 -48.77 -18.64
C THR B 304 -30.59 -48.88 -19.97
N ILE B 305 -29.29 -48.61 -19.95
CA ILE B 305 -28.42 -48.69 -21.12
C ILE B 305 -27.47 -49.89 -20.94
N ASP B 306 -27.20 -50.58 -22.06
CA ASP B 306 -26.32 -51.75 -22.13
C ASP B 306 -24.94 -51.41 -21.58
N ALA B 307 -24.40 -52.26 -20.70
CA ALA B 307 -23.06 -52.08 -20.08
C ALA B 307 -21.92 -51.80 -21.06
N HIS B 308 -21.97 -52.39 -22.25
CA HIS B 308 -20.95 -52.24 -23.29
C HIS B 308 -21.01 -50.90 -24.06
N LYS B 309 -22.17 -50.22 -24.09
CA LYS B 309 -22.37 -49.01 -24.91
C LYS B 309 -21.62 -47.71 -24.47
N PRO B 310 -21.73 -47.23 -23.21
CA PRO B 310 -21.05 -45.96 -22.89
C PRO B 310 -19.56 -46.08 -22.62
N LYS B 311 -18.82 -45.07 -23.10
CA LYS B 311 -17.38 -44.94 -22.86
C LYS B 311 -17.20 -44.33 -21.47
N LEU B 312 -16.39 -44.98 -20.64
CA LEU B 312 -16.19 -44.59 -19.24
C LEU B 312 -15.41 -43.29 -19.04
N TRP B 313 -15.74 -42.59 -17.96
CA TRP B 313 -15.03 -41.40 -17.47
C TRP B 313 -13.97 -41.89 -16.46
N TRP B 314 -12.76 -41.34 -16.58
CA TRP B 314 -11.66 -41.64 -15.67
C TRP B 314 -11.04 -40.32 -15.19
N PRO B 315 -10.49 -40.28 -13.96
CA PRO B 315 -9.74 -39.08 -13.53
C PRO B 315 -8.48 -38.90 -14.38
N ARG B 316 -7.88 -37.70 -14.33
CA ARG B 316 -6.67 -37.38 -15.12
C ARG B 316 -5.52 -38.37 -14.84
N ASP B 317 -4.82 -38.75 -15.92
CA ASP B 317 -3.70 -39.73 -15.94
C ASP B 317 -4.16 -41.16 -15.58
N MET B 318 -5.49 -41.41 -15.71
CA MET B 318 -6.12 -42.72 -15.48
C MET B 318 -6.98 -43.14 -16.70
N GLY B 319 -6.92 -42.34 -17.76
CA GLY B 319 -7.66 -42.57 -19.00
C GLY B 319 -8.30 -41.30 -19.52
N ASN B 320 -9.38 -41.44 -20.29
CA ASN B 320 -10.09 -40.29 -20.84
C ASN B 320 -11.20 -39.78 -19.90
N GLN B 321 -11.46 -38.48 -20.01
CA GLN B 321 -12.50 -37.81 -19.24
C GLN B 321 -13.74 -37.71 -20.12
N GLN B 322 -14.25 -38.88 -20.52
CA GLN B 322 -15.39 -39.00 -21.39
C GLN B 322 -16.65 -38.46 -20.71
N LEU B 323 -17.26 -37.48 -21.36
CA LEU B 323 -18.48 -36.83 -20.89
C LEU B 323 -19.57 -36.92 -21.98
N TYR B 324 -20.83 -36.79 -21.54
CA TYR B 324 -21.99 -36.87 -22.42
C TYR B 324 -22.95 -35.76 -22.07
N ASN B 325 -23.65 -35.24 -23.08
CA ASN B 325 -24.71 -34.25 -22.86
C ASN B 325 -26.08 -34.93 -22.87
N ILE B 326 -26.76 -34.93 -21.73
CA ILE B 326 -28.09 -35.52 -21.61
C ILE B 326 -29.16 -34.42 -21.59
N THR B 327 -30.13 -34.52 -22.50
CA THR B 327 -31.24 -33.57 -22.58
C THR B 327 -32.50 -34.34 -22.29
N VAL B 328 -33.17 -34.01 -21.17
CA VAL B 328 -34.41 -34.65 -20.72
C VAL B 328 -35.57 -33.77 -21.12
N SER B 329 -36.52 -34.33 -21.87
CA SER B 329 -37.70 -33.62 -22.36
C SER B 329 -38.97 -34.19 -21.73
N VAL B 330 -39.77 -33.32 -21.12
CA VAL B 330 -41.04 -33.70 -20.50
C VAL B 330 -42.23 -33.21 -21.34
N SER B 331 -43.00 -34.17 -21.86
CA SER B 331 -44.20 -33.92 -22.67
C SER B 331 -45.45 -34.37 -21.94
N SER B 332 -46.56 -33.70 -22.22
CA SER B 332 -47.84 -34.05 -21.64
C SER B 332 -48.75 -34.68 -22.69
N ALA B 333 -49.71 -35.50 -22.25
CA ALA B 333 -50.70 -36.15 -23.12
C ALA B 333 -51.47 -35.08 -23.92
N GLY B 334 -51.53 -35.27 -25.24
CA GLY B 334 -52.21 -34.35 -26.14
C GLY B 334 -51.46 -33.04 -26.38
N SER B 335 -50.12 -33.10 -26.29
CA SER B 335 -49.23 -31.96 -26.56
C SER B 335 -48.01 -32.45 -27.34
N LYS B 336 -47.78 -31.85 -28.51
CA LYS B 336 -46.69 -32.22 -29.42
C LYS B 336 -45.32 -31.82 -28.86
N THR B 337 -45.10 -30.51 -28.66
CA THR B 337 -43.84 -29.98 -28.13
C THR B 337 -43.72 -30.22 -26.61
N PRO B 338 -42.52 -30.45 -26.11
CA PRO B 338 -42.35 -30.63 -24.68
C PRO B 338 -42.54 -29.34 -23.93
N ILE B 339 -43.02 -29.43 -22.71
CA ILE B 339 -43.19 -28.27 -21.86
C ILE B 339 -42.04 -28.01 -20.87
N LEU B 340 -41.22 -29.02 -20.60
CA LEU B 340 -40.05 -28.89 -19.77
C LEU B 340 -38.87 -29.55 -20.40
N VAL B 341 -37.77 -28.82 -20.49
CA VAL B 341 -36.53 -29.34 -21.07
C VAL B 341 -35.37 -28.99 -20.14
N SER B 342 -34.58 -30.01 -19.74
CA SER B 342 -33.40 -29.81 -18.90
C SER B 342 -32.16 -30.50 -19.46
N GLN B 343 -31.04 -29.81 -19.41
CA GLN B 343 -29.80 -30.36 -19.91
C GLN B 343 -28.68 -30.37 -18.89
N ARG B 344 -27.93 -31.45 -18.86
CA ARG B 344 -26.78 -31.62 -17.96
C ARG B 344 -25.68 -32.38 -18.68
N ARG B 345 -24.43 -32.12 -18.32
CA ARG B 345 -23.28 -32.85 -18.85
C ARG B 345 -22.88 -33.86 -17.77
N VAL B 346 -22.90 -35.14 -18.15
CA VAL B 346 -22.67 -36.27 -17.26
C VAL B 346 -21.53 -37.17 -17.71
N GLY B 347 -21.14 -38.07 -16.81
CA GLY B 347 -20.13 -39.09 -17.08
C GLY B 347 -20.61 -40.46 -16.63
N PHE B 348 -20.15 -41.50 -17.33
CA PHE B 348 -20.47 -42.87 -16.97
C PHE B 348 -19.25 -43.40 -16.23
N ARG B 349 -19.36 -43.49 -14.90
CA ARG B 349 -18.30 -43.98 -14.01
C ARG B 349 -18.83 -44.40 -12.66
N THR B 350 -18.11 -45.25 -11.98
CA THR B 350 -18.41 -45.57 -10.60
C THR B 350 -17.28 -45.04 -9.70
N ILE B 351 -17.64 -44.39 -8.61
CA ILE B 351 -16.69 -43.90 -7.64
C ILE B 351 -17.13 -44.41 -6.27
N LEU B 352 -16.27 -45.20 -5.65
CA LEU B 352 -16.55 -45.77 -4.34
C LEU B 352 -15.66 -45.20 -3.28
N PHE B 353 -16.24 -44.76 -2.15
CA PHE B 353 -15.47 -44.44 -0.96
C PHE B 353 -15.64 -45.66 -0.05
N SER B 354 -14.56 -46.42 0.13
CA SER B 354 -14.54 -47.65 0.91
C SER B 354 -14.11 -47.39 2.35
N SER B 355 -15.03 -47.61 3.29
CA SER B 355 -14.80 -47.36 4.72
C SER B 355 -15.24 -48.52 5.63
N GLY B 356 -15.56 -49.66 5.02
CA GLY B 356 -15.99 -50.85 5.75
C GLY B 356 -14.80 -51.65 6.23
N ASN B 357 -15.09 -52.78 6.86
CA ASN B 357 -14.08 -53.63 7.48
C ASN B 357 -13.06 -54.15 6.46
N ILE B 358 -11.83 -54.33 6.89
CA ILE B 358 -10.78 -54.92 6.08
C ILE B 358 -11.16 -56.41 6.01
N THR B 359 -11.40 -56.90 4.78
CA THR B 359 -11.89 -58.28 4.52
C THR B 359 -10.87 -59.34 4.85
N ASP B 360 -11.34 -60.59 4.99
CA ASP B 360 -10.47 -61.74 5.25
C ASP B 360 -9.46 -61.91 4.11
N ALA B 361 -9.90 -61.64 2.89
CA ALA B 361 -9.07 -61.69 1.67
C ALA B 361 -7.92 -60.69 1.76
N GLN B 362 -8.22 -59.46 2.23
CA GLN B 362 -7.23 -58.40 2.43
C GLN B 362 -6.23 -58.78 3.52
N ILE B 363 -6.73 -59.34 4.65
CA ILE B 363 -5.90 -59.81 5.76
C ILE B 363 -4.91 -60.88 5.26
N ALA B 364 -5.42 -61.83 4.44
CA ALA B 364 -4.63 -62.90 3.82
C ALA B 364 -3.54 -62.35 2.88
N SER B 365 -3.82 -61.23 2.20
CA SER B 365 -2.85 -60.57 1.30
C SER B 365 -1.72 -59.83 2.07
N GLY B 366 -1.88 -59.69 3.39
CA GLY B 366 -0.90 -59.05 4.27
C GLY B 366 -1.31 -57.70 4.86
N ILE B 367 -2.51 -57.22 4.50
CA ILE B 367 -3.09 -55.95 4.98
C ILE B 367 -3.49 -56.10 6.44
N THR B 368 -3.11 -55.12 7.27
CA THR B 368 -3.44 -55.07 8.68
C THR B 368 -4.97 -54.98 8.85
N PRO B 369 -5.58 -55.79 9.75
CA PRO B 369 -7.03 -55.69 9.96
C PRO B 369 -7.48 -54.33 10.53
N GLY B 370 -8.78 -54.10 10.42
CA GLY B 370 -9.43 -52.86 10.84
C GLY B 370 -10.46 -52.42 9.83
N ASN B 371 -10.39 -51.15 9.46
CA ASN B 371 -11.29 -50.59 8.45
C ASN B 371 -10.55 -49.91 7.30
N ASN B 372 -11.18 -49.94 6.14
CA ASN B 372 -10.68 -49.27 4.94
C ASN B 372 -10.90 -47.77 5.03
N TRP B 373 -10.14 -47.03 4.20
CA TRP B 373 -10.32 -45.60 3.94
C TRP B 373 -9.63 -45.32 2.61
N HIS B 374 -10.30 -45.69 1.51
CA HIS B 374 -9.78 -45.49 0.16
C HIS B 374 -10.86 -45.29 -0.89
N PHE B 375 -10.45 -44.89 -2.08
CA PHE B 375 -11.35 -44.69 -3.21
C PHE B 375 -11.09 -45.72 -4.32
N GLU B 376 -12.13 -46.01 -5.11
CA GLU B 376 -12.07 -46.94 -6.24
C GLU B 376 -12.80 -46.31 -7.44
N ILE B 377 -12.09 -46.18 -8.58
CA ILE B 377 -12.66 -45.68 -9.82
C ILE B 377 -12.92 -46.84 -10.76
N ASN B 378 -14.20 -47.02 -11.15
CA ASN B 378 -14.66 -48.11 -12.02
C ASN B 378 -14.13 -49.47 -11.54
N GLY B 379 -14.17 -49.68 -10.23
CA GLY B 379 -13.78 -50.94 -9.59
C GLY B 379 -12.29 -51.08 -9.31
N HIS B 380 -11.49 -50.07 -9.69
CA HIS B 380 -10.03 -50.09 -9.48
C HIS B 380 -9.59 -49.17 -8.34
N GLU B 381 -8.86 -49.74 -7.38
CA GLU B 381 -8.23 -49.06 -6.25
C GLU B 381 -7.27 -48.06 -6.90
N PHE B 382 -7.09 -46.90 -6.31
CA PHE B 382 -6.07 -45.98 -6.77
C PHE B 382 -5.49 -45.16 -5.65
N TYR B 383 -4.29 -44.65 -5.86
CA TYR B 383 -3.66 -43.79 -4.88
C TYR B 383 -4.04 -42.32 -5.17
N ALA B 384 -4.73 -41.73 -4.20
CA ALA B 384 -5.25 -40.38 -4.30
C ALA B 384 -4.15 -39.40 -3.97
N LYS B 385 -3.96 -38.40 -4.84
CA LYS B 385 -2.95 -37.37 -4.65
C LYS B 385 -3.57 -36.01 -4.82
N GLY B 386 -3.38 -35.16 -3.83
CA GLY B 386 -3.89 -33.80 -3.90
C GLY B 386 -3.72 -32.99 -2.63
N ALA B 387 -4.71 -32.15 -2.38
CA ALA B 387 -4.74 -31.22 -1.25
C ALA B 387 -6.18 -30.80 -0.93
N ASN B 388 -6.33 -29.92 0.07
CA ASN B 388 -7.61 -29.43 0.52
C ASN B 388 -7.90 -28.08 -0.09
N LEU B 389 -9.05 -27.96 -0.68
CA LEU B 389 -9.46 -26.74 -1.31
C LEU B 389 -10.35 -25.94 -0.39
N ILE B 390 -9.90 -24.73 -0.15
CA ILE B 390 -10.64 -23.75 0.64
C ILE B 390 -11.11 -22.65 -0.26
N PRO B 391 -12.09 -21.86 0.24
CA PRO B 391 -12.57 -20.82 -0.68
C PRO B 391 -11.49 -19.89 -1.10
N PRO B 392 -11.42 -19.56 -2.38
CA PRO B 392 -10.31 -18.72 -2.85
C PRO B 392 -10.44 -17.23 -2.55
N ASP B 393 -11.59 -16.81 -2.03
CA ASP B 393 -11.90 -15.39 -1.74
C ASP B 393 -12.91 -15.32 -0.61
N ALA B 394 -12.88 -14.22 0.14
CA ALA B 394 -13.83 -13.95 1.21
C ALA B 394 -15.22 -13.63 0.62
N PHE B 395 -15.24 -13.21 -0.66
CA PHE B 395 -16.44 -12.79 -1.39
C PHE B 395 -16.64 -13.60 -2.68
N TRP B 396 -17.40 -14.69 -2.57
CA TRP B 396 -17.71 -15.61 -3.68
C TRP B 396 -18.13 -14.93 -5.00
N PRO B 397 -18.90 -13.86 -4.98
CA PRO B 397 -19.31 -13.25 -6.23
C PRO B 397 -18.19 -12.79 -7.17
N ARG B 398 -17.06 -12.40 -6.62
CA ARG B 398 -15.94 -11.99 -7.45
C ARG B 398 -14.99 -13.10 -7.90
N VAL B 399 -15.26 -14.34 -7.52
CA VAL B 399 -14.48 -15.47 -8.00
C VAL B 399 -14.89 -15.82 -9.42
N THR B 400 -13.95 -15.66 -10.34
CA THR B 400 -14.19 -15.75 -11.79
C THR B 400 -13.79 -17.09 -12.39
N SER B 401 -14.22 -17.33 -13.62
CA SER B 401 -13.87 -18.51 -14.41
C SER B 401 -12.34 -18.59 -14.63
N ASP B 402 -11.72 -17.44 -14.97
CA ASP B 402 -10.28 -17.33 -15.17
C ASP B 402 -9.50 -17.69 -13.89
N ARG B 403 -9.91 -17.18 -12.74
CA ARG B 403 -9.25 -17.46 -11.46
C ARG B 403 -9.28 -18.96 -11.14
N MET B 404 -10.45 -19.60 -11.32
CA MET B 404 -10.59 -21.02 -11.04
C MET B 404 -9.87 -21.90 -12.05
N ASN B 405 -9.87 -21.51 -13.33
CA ASN B 405 -9.14 -22.26 -14.36
C ASN B 405 -7.62 -22.21 -14.09
N ARG B 406 -7.11 -21.06 -13.61
CA ARG B 406 -5.70 -20.88 -13.26
C ARG B 406 -5.34 -21.78 -12.08
N LEU B 407 -6.23 -21.88 -11.09
CA LEU B 407 -6.06 -22.73 -9.91
C LEU B 407 -6.02 -24.20 -10.33
N PHE B 408 -6.91 -24.57 -11.23
CA PHE B 408 -6.95 -25.93 -11.74
C PHE B 408 -5.76 -26.31 -12.57
N ASP B 409 -5.18 -25.38 -13.30
CA ASP B 409 -3.95 -25.61 -14.00
C ASP B 409 -2.85 -25.95 -13.02
N SER B 410 -2.80 -25.24 -11.92
CA SER B 410 -1.85 -25.53 -10.85
C SER B 410 -2.03 -26.87 -10.16
N VAL B 411 -3.28 -27.30 -9.99
CA VAL B 411 -3.68 -28.60 -9.40
C VAL B 411 -3.15 -29.73 -10.29
N GLU B 412 -3.45 -29.63 -11.59
CA GLU B 412 -3.00 -30.59 -12.58
C GLU B 412 -1.48 -30.65 -12.73
N SER B 413 -0.84 -29.49 -12.77
CA SER B 413 0.61 -29.43 -12.88
C SER B 413 1.32 -30.08 -11.70
N GLN B 414 0.68 -30.08 -10.55
CA GLN B 414 1.21 -30.67 -9.32
C GLN B 414 0.97 -32.19 -9.26
N ASN B 415 0.43 -32.70 -10.34
CA ASN B 415 0.05 -34.10 -10.52
C ASN B 415 -1.01 -34.60 -9.57
N PHE B 416 -1.99 -33.75 -9.27
CA PHE B 416 -3.17 -34.13 -8.49
C PHE B 416 -4.14 -35.02 -9.27
N ASN B 417 -4.88 -35.87 -8.56
CA ASN B 417 -6.09 -36.43 -9.09
C ASN B 417 -7.34 -36.12 -8.29
N MET B 418 -7.13 -35.55 -7.13
CA MET B 418 -8.19 -35.27 -6.17
C MET B 418 -8.00 -33.97 -5.39
N LEU B 419 -9.12 -33.29 -5.10
CA LEU B 419 -9.17 -32.16 -4.19
C LEU B 419 -10.23 -32.51 -3.15
N ARG B 420 -9.97 -32.17 -1.88
CA ARG B 420 -11.00 -32.30 -0.85
C ARG B 420 -11.65 -30.93 -0.75
N VAL B 421 -12.92 -30.84 -1.11
CA VAL B 421 -13.67 -29.58 -1.05
C VAL B 421 -14.12 -29.41 0.42
N TRP B 422 -13.26 -28.73 1.17
CA TRP B 422 -13.36 -28.55 2.60
C TRP B 422 -14.61 -27.80 3.04
N SER B 423 -15.18 -28.24 4.17
CA SER B 423 -16.33 -27.59 4.83
C SER B 423 -15.80 -26.89 6.09
N SER B 424 -16.20 -25.63 6.37
CA SER B 424 -17.13 -24.81 5.59
C SER B 424 -16.57 -23.38 5.49
N GLY B 425 -16.41 -22.83 4.29
CA GLY B 425 -16.71 -23.44 3.01
C GLY B 425 -18.15 -23.34 2.56
N THR B 426 -18.37 -23.62 1.28
CA THR B 426 -19.71 -23.63 0.71
C THR B 426 -19.83 -24.77 -0.31
N TYR B 427 -21.06 -25.04 -0.77
CA TYR B 427 -21.27 -26.01 -1.83
C TYR B 427 -20.88 -25.25 -3.11
N LEU B 428 -19.92 -25.80 -3.87
CA LEU B 428 -19.43 -25.11 -5.08
C LEU B 428 -20.51 -25.00 -6.15
N PRO B 429 -20.55 -23.87 -6.88
CA PRO B 429 -21.53 -23.73 -7.98
C PRO B 429 -21.23 -24.69 -9.10
N ASP B 430 -22.23 -24.97 -9.94
CA ASP B 430 -22.14 -25.89 -11.09
C ASP B 430 -20.87 -25.66 -11.94
N TRP B 431 -20.59 -24.40 -12.27
CA TRP B 431 -19.46 -24.04 -13.12
C TRP B 431 -18.09 -24.50 -12.61
N ILE B 432 -17.90 -24.57 -11.29
CA ILE B 432 -16.62 -25.06 -10.74
C ILE B 432 -16.49 -26.58 -10.92
N TYR B 433 -17.57 -27.33 -10.65
CA TYR B 433 -17.60 -28.79 -10.84
C TYR B 433 -17.42 -29.14 -12.32
N ASP B 434 -17.92 -28.28 -13.24
CA ASP B 434 -17.73 -28.42 -14.69
C ASP B 434 -16.26 -28.47 -15.07
N ILE B 435 -15.44 -27.64 -14.41
CA ILE B 435 -14.01 -27.55 -14.63
C ILE B 435 -13.35 -28.87 -14.22
N ALA B 436 -13.69 -29.34 -13.05
CA ALA B 436 -13.17 -30.58 -12.54
C ALA B 436 -13.59 -31.78 -13.34
N ASP B 437 -14.81 -31.78 -13.84
CA ASP B 437 -15.30 -32.81 -14.73
C ASP B 437 -14.50 -32.90 -16.03
N GLU B 438 -14.26 -31.76 -16.66
CA GLU B 438 -13.52 -31.72 -17.94
C GLU B 438 -12.03 -32.12 -17.82
N ARG B 439 -11.43 -31.77 -16.71
CA ARG B 439 -10.02 -31.94 -16.39
C ARG B 439 -9.68 -33.28 -15.73
N GLY B 440 -10.66 -33.89 -15.11
CA GLY B 440 -10.49 -35.18 -14.45
C GLY B 440 -9.98 -35.11 -13.03
N VAL B 441 -10.40 -34.09 -12.29
CA VAL B 441 -10.01 -33.94 -10.89
C VAL B 441 -11.20 -34.37 -10.03
N LEU B 442 -11.02 -35.43 -9.25
CA LEU B 442 -12.06 -35.91 -8.33
C LEU B 442 -12.26 -34.91 -7.20
N LEU B 443 -13.52 -34.66 -6.82
CA LEU B 443 -13.83 -33.74 -5.74
C LEU B 443 -14.52 -34.43 -4.55
N TRP B 444 -13.75 -34.69 -3.48
CA TRP B 444 -14.24 -35.23 -2.22
C TRP B 444 -15.04 -34.07 -1.65
N SER B 445 -16.37 -34.20 -1.61
CA SER B 445 -17.23 -33.10 -1.19
C SER B 445 -17.82 -33.27 0.20
N GLU B 446 -18.16 -32.11 0.82
CA GLU B 446 -18.66 -32.10 2.18
C GLU B 446 -19.86 -31.18 2.38
N PHE B 447 -20.68 -31.48 3.43
CA PHE B 447 -21.82 -30.66 3.84
C PHE B 447 -21.28 -29.57 4.79
N GLN B 448 -21.90 -28.39 4.80
CA GLN B 448 -21.37 -27.23 5.51
C GLN B 448 -21.50 -27.19 7.05
N PHE B 449 -20.74 -28.07 7.72
CA PHE B 449 -20.68 -28.23 9.17
C PHE B 449 -19.22 -28.47 9.54
N SER B 450 -18.65 -27.60 10.39
CA SER B 450 -17.21 -27.63 10.62
C SER B 450 -16.73 -27.17 12.00
N ASP B 451 -15.87 -27.99 12.60
CA ASP B 451 -15.13 -27.73 13.82
C ASP B 451 -15.96 -27.16 14.98
N THR B 452 -17.17 -27.68 15.15
CA THR B 452 -18.10 -27.36 16.24
C THR B 452 -19.28 -28.33 16.24
N LEU B 453 -20.09 -28.30 17.30
CA LEU B 453 -21.31 -29.11 17.36
C LEU B 453 -22.51 -28.23 17.01
N TYR B 454 -23.49 -28.83 16.37
CA TYR B 454 -24.63 -28.11 15.82
C TYR B 454 -25.96 -28.42 16.51
N PRO B 455 -26.93 -27.49 16.43
CA PRO B 455 -28.24 -27.77 17.02
C PRO B 455 -29.00 -28.85 16.26
N ASP B 456 -30.03 -29.44 16.91
CA ASP B 456 -30.84 -30.51 16.28
C ASP B 456 -32.33 -30.29 16.52
N SER B 457 -32.75 -29.02 16.59
CA SER B 457 -34.15 -28.67 16.71
C SER B 457 -34.83 -28.99 15.39
N ASP B 458 -36.15 -29.22 15.42
CA ASP B 458 -36.95 -29.57 14.25
C ASP B 458 -36.83 -28.52 13.14
N ASP B 459 -36.81 -27.25 13.51
CA ASP B 459 -36.72 -26.15 12.55
C ASP B 459 -35.37 -26.07 11.88
N PHE B 460 -34.29 -26.25 12.67
CA PHE B 460 -32.91 -26.24 12.16
C PHE B 460 -32.73 -27.44 11.23
N LYS B 461 -33.20 -28.61 11.68
CA LYS B 461 -33.11 -29.86 10.90
C LYS B 461 -33.84 -29.71 9.56
N ALA B 462 -35.03 -29.13 9.59
CA ALA B 462 -35.85 -28.91 8.39
C ALA B 462 -35.13 -28.00 7.38
N ASN B 463 -34.47 -26.93 7.87
CA ASN B 463 -33.69 -25.98 7.07
C ASN B 463 -32.47 -26.67 6.45
N VAL B 464 -31.79 -27.51 7.24
CA VAL B 464 -30.65 -28.32 6.81
C VAL B 464 -31.13 -29.29 5.72
N VAL B 465 -32.27 -29.97 5.94
CA VAL B 465 -32.85 -30.91 4.96
C VAL B 465 -33.06 -30.23 3.60
N GLY B 466 -33.57 -29.02 3.58
CA GLY B 466 -33.76 -28.26 2.36
C GLY B 466 -32.47 -28.03 1.61
N GLU B 467 -31.43 -27.65 2.36
CA GLU B 467 -30.07 -27.41 1.85
C GLU B 467 -29.40 -28.68 1.34
N ILE B 468 -29.53 -29.80 2.07
CA ILE B 468 -28.95 -31.06 1.67
C ILE B 468 -29.69 -31.59 0.45
N THR B 469 -31.03 -31.56 0.46
CA THR B 469 -31.82 -32.03 -0.68
C THR B 469 -31.48 -31.27 -1.94
N TYR B 470 -31.45 -29.93 -1.86
CA TYR B 470 -31.13 -29.09 -3.02
C TYR B 470 -29.73 -29.38 -3.60
N ASN B 471 -28.69 -29.33 -2.77
CA ASN B 471 -27.30 -29.50 -3.23
C ASN B 471 -26.93 -30.90 -3.69
N VAL B 472 -27.46 -31.94 -3.02
CA VAL B 472 -27.24 -33.33 -3.43
C VAL B 472 -27.86 -33.54 -4.80
N ARG B 473 -29.08 -33.02 -4.99
CA ARG B 473 -29.78 -33.10 -6.27
C ARG B 473 -29.10 -32.29 -7.37
N ARG B 474 -28.65 -31.07 -7.01
CA ARG B 474 -27.94 -30.16 -7.92
C ARG B 474 -26.63 -30.75 -8.44
N LEU B 475 -25.82 -31.31 -7.53
CA LEU B 475 -24.48 -31.77 -7.83
C LEU B 475 -24.29 -33.22 -8.27
N ASN B 476 -25.32 -34.07 -8.10
CA ASN B 476 -25.23 -35.51 -8.41
C ASN B 476 -24.77 -35.89 -9.82
N HIS B 477 -25.13 -35.10 -10.83
CA HIS B 477 -24.78 -35.35 -12.23
C HIS B 477 -23.29 -35.26 -12.57
N HIS B 478 -22.53 -34.55 -11.72
CA HIS B 478 -21.11 -34.31 -11.90
C HIS B 478 -20.20 -35.53 -11.77
N ALA B 479 -19.49 -35.84 -12.85
CA ALA B 479 -18.55 -36.97 -12.90
C ALA B 479 -17.43 -36.84 -11.86
N SER B 480 -17.03 -35.58 -11.54
CA SER B 480 -15.99 -35.28 -10.58
C SER B 480 -16.39 -35.54 -9.10
N LEU B 481 -17.68 -35.51 -8.79
CA LEU B 481 -18.16 -35.74 -7.43
C LEU B 481 -17.72 -37.13 -6.97
N ALA B 482 -16.84 -37.16 -5.97
CA ALA B 482 -16.21 -38.39 -5.50
C ALA B 482 -16.90 -39.05 -4.31
N CYS B 483 -17.52 -38.24 -3.45
CA CYS B 483 -18.18 -38.65 -2.21
C CYS B 483 -18.79 -37.43 -1.54
N TRP B 484 -19.64 -37.68 -0.52
CA TRP B 484 -20.23 -36.67 0.36
C TRP B 484 -19.86 -37.03 1.78
N MET B 485 -19.33 -36.06 2.54
CA MET B 485 -19.03 -36.24 3.97
C MET B 485 -19.80 -35.19 4.76
N GLY B 486 -20.47 -35.65 5.82
CA GLY B 486 -21.38 -34.82 6.62
C GLY B 486 -20.84 -33.53 7.16
N GLY B 487 -19.57 -33.54 7.52
CA GLY B 487 -18.91 -32.37 8.06
C GLY B 487 -17.46 -32.60 8.41
N ASN B 488 -16.84 -31.57 8.96
CA ASN B 488 -15.44 -31.55 9.28
C ASN B 488 -15.13 -31.68 10.77
N GLU B 489 -14.22 -32.56 11.08
CA GLU B 489 -13.59 -32.73 12.39
C GLU B 489 -14.51 -33.03 13.63
N PHE B 490 -15.44 -33.97 13.46
CA PHE B 490 -16.35 -34.44 14.51
C PHE B 490 -15.88 -35.60 15.37
N GLU B 491 -15.82 -36.79 14.84
CA GLU B 491 -15.44 -37.96 15.63
C GLU B 491 -13.99 -37.95 16.12
N ASN B 492 -13.10 -37.31 15.35
CA ASN B 492 -11.67 -37.26 15.70
C ASN B 492 -11.32 -36.06 16.59
N LEU B 493 -12.25 -35.12 16.73
CA LEU B 493 -11.97 -33.91 17.47
C LEU B 493 -13.06 -33.34 18.37
N MET B 494 -14.12 -32.81 17.78
CA MET B 494 -15.18 -32.15 18.50
C MET B 494 -16.00 -33.04 19.41
N LEU B 495 -16.30 -34.25 18.96
CA LEU B 495 -17.00 -35.18 19.82
C LEU B 495 -16.18 -35.62 21.02
N PRO B 496 -14.91 -35.95 20.86
CA PRO B 496 -14.10 -36.22 22.06
C PRO B 496 -13.96 -35.02 23.01
N ILE B 497 -13.95 -33.78 22.45
CA ILE B 497 -13.90 -32.53 23.24
C ILE B 497 -15.17 -32.41 24.10
N ALA B 498 -16.33 -32.65 23.49
CA ALA B 498 -17.64 -32.63 24.16
C ALA B 498 -17.73 -33.67 25.30
N GLN B 499 -17.18 -34.89 25.10
CA GLN B 499 -17.17 -35.92 26.14
C GLN B 499 -16.35 -35.49 27.37
N GLY B 500 -15.25 -34.79 27.12
CA GLY B 500 -14.39 -34.27 28.16
C GLY B 500 -14.97 -33.05 28.85
N ALA B 501 -15.49 -32.10 28.06
CA ALA B 501 -16.05 -30.83 28.54
C ALA B 501 -17.34 -31.00 29.34
N ASP B 502 -18.17 -31.98 28.97
CA ASP B 502 -19.44 -32.27 29.65
C ASP B 502 -19.82 -33.78 29.54
N PRO B 503 -19.23 -34.66 30.39
CA PRO B 503 -19.56 -36.10 30.29
C PRO B 503 -21.05 -36.43 30.42
N ALA B 504 -21.79 -35.63 31.22
CA ALA B 504 -23.22 -35.84 31.48
C ALA B 504 -24.11 -35.62 30.25
N THR B 505 -23.78 -34.61 29.47
CA THR B 505 -24.57 -34.25 28.31
C THR B 505 -24.11 -34.92 27.04
N TYR B 506 -23.04 -35.68 27.12
CA TYR B 506 -22.44 -36.23 25.93
C TYR B 506 -23.27 -37.22 25.14
N PRO B 507 -23.93 -38.20 25.85
CA PRO B 507 -24.73 -39.11 25.04
C PRO B 507 -25.85 -38.43 24.28
N TYR B 508 -26.42 -37.41 24.87
CA TYR B 508 -27.45 -36.61 24.21
C TYR B 508 -26.89 -35.97 22.95
N VAL B 509 -25.75 -35.30 23.10
CA VAL B 509 -25.05 -34.57 22.04
C VAL B 509 -24.61 -35.53 20.92
N LEU B 510 -24.14 -36.74 21.31
CA LEU B 510 -23.76 -37.80 20.38
C LEU B 510 -24.97 -38.29 19.60
N GLY B 511 -26.10 -38.40 20.32
CA GLY B 511 -27.38 -38.79 19.76
C GLY B 511 -27.89 -37.83 18.70
N GLN B 512 -27.65 -36.53 18.91
CA GLN B 512 -28.02 -35.47 17.97
C GLN B 512 -27.16 -35.57 16.69
N TYR B 513 -25.86 -35.89 16.87
CA TYR B 513 -24.90 -36.08 15.80
C TYR B 513 -25.37 -37.18 14.88
N GLU B 514 -25.68 -38.35 15.45
CA GLU B 514 -26.22 -39.50 14.70
C GLU B 514 -27.55 -39.15 14.03
N ASN B 515 -28.41 -38.43 14.74
CA ASN B 515 -29.72 -38.05 14.23
C ASN B 515 -29.62 -37.12 13.02
N LEU B 516 -28.75 -36.10 13.11
CA LEU B 516 -28.59 -35.18 12.01
C LEU B 516 -27.70 -35.75 10.91
N PHE B 517 -26.47 -36.11 11.22
CA PHE B 517 -25.47 -36.55 10.24
C PHE B 517 -25.63 -37.97 9.68
N ILE B 518 -26.40 -38.82 10.36
CA ILE B 518 -26.58 -40.19 9.86
C ILE B 518 -28.04 -40.44 9.44
N THR B 519 -28.95 -40.52 10.43
CA THR B 519 -30.36 -40.79 10.24
C THR B 519 -30.98 -39.84 9.21
N THR B 520 -30.88 -38.56 9.43
CA THR B 520 -31.38 -37.61 8.45
C THR B 520 -30.56 -37.48 7.18
N LEU B 521 -29.28 -37.17 7.31
CA LEU B 521 -28.45 -36.86 6.16
C LEU B 521 -28.14 -38.01 5.21
N PHE B 522 -27.86 -39.18 5.74
CA PHE B 522 -27.65 -40.31 4.90
C PHE B 522 -28.89 -40.71 4.16
N ASN B 523 -30.04 -40.63 4.82
CA ASN B 523 -31.33 -40.90 4.18
C ASN B 523 -31.64 -39.92 3.04
N VAL B 524 -31.37 -38.63 3.23
CA VAL B 524 -31.55 -37.61 2.19
C VAL B 524 -30.62 -37.94 0.99
N LEU B 525 -29.37 -38.35 1.28
CA LEU B 525 -28.43 -38.72 0.20
C LEU B 525 -28.88 -39.98 -0.54
N ALA B 526 -29.17 -41.05 0.21
CA ALA B 526 -29.62 -42.36 -0.34
C ALA B 526 -30.86 -42.23 -1.23
N ALA B 527 -31.79 -41.34 -0.85
CA ALA B 527 -33.00 -41.06 -1.58
C ALA B 527 -32.73 -40.39 -2.91
N ASN B 528 -31.67 -39.62 -2.99
CA ASN B 528 -31.34 -38.83 -4.18
C ASN B 528 -30.13 -39.30 -4.96
N SER B 529 -29.47 -40.35 -4.48
CA SER B 529 -28.27 -40.89 -5.12
C SER B 529 -28.02 -42.33 -4.69
N HIS B 530 -27.76 -43.20 -5.68
CA HIS B 530 -27.35 -44.61 -5.47
C HIS B 530 -25.83 -44.74 -5.71
N SER B 531 -25.25 -43.74 -6.41
CA SER B 531 -23.89 -43.70 -6.91
C SER B 531 -22.82 -43.10 -5.98
N ILE B 532 -23.20 -42.16 -5.11
CA ILE B 532 -22.25 -41.46 -4.24
C ILE B 532 -22.21 -42.00 -2.80
N SER B 533 -21.00 -42.37 -2.33
CA SER B 533 -20.77 -42.92 -0.99
C SER B 533 -20.76 -41.80 0.05
N TYR B 534 -21.02 -42.17 1.32
CA TYR B 534 -21.14 -41.23 2.42
C TYR B 534 -20.33 -41.62 3.63
N SER B 535 -19.93 -40.60 4.40
CA SER B 535 -19.27 -40.71 5.69
C SER B 535 -19.86 -39.57 6.57
N PRO B 536 -20.34 -39.86 7.81
CA PRO B 536 -20.91 -38.77 8.62
C PRO B 536 -19.97 -37.59 8.95
N CYS B 537 -18.65 -37.82 8.86
CA CYS B 537 -17.62 -36.79 9.04
C CYS B 537 -16.34 -37.13 8.29
N SER B 538 -15.51 -36.11 8.08
CA SER B 538 -14.25 -36.15 7.34
C SER B 538 -13.19 -37.12 7.89
N ALA B 539 -13.27 -37.44 9.18
CA ALA B 539 -12.32 -38.34 9.81
C ALA B 539 -12.97 -39.19 10.89
N ASN B 540 -12.93 -40.50 10.69
CA ASN B 540 -13.51 -41.49 11.59
C ASN B 540 -12.89 -42.87 11.36
N ASN B 541 -13.23 -43.84 12.24
CA ASN B 541 -12.69 -45.19 12.21
C ASN B 541 -13.50 -46.15 11.36
N GLY B 542 -14.34 -45.60 10.49
CA GLY B 542 -15.18 -46.37 9.58
C GLY B 542 -16.47 -46.87 10.19
N TRP B 543 -17.19 -47.72 9.45
CA TRP B 543 -18.50 -48.24 9.88
C TRP B 543 -18.50 -49.75 10.13
N LEU B 544 -19.24 -50.15 11.15
CA LEU B 544 -19.59 -51.53 11.41
C LEU B 544 -20.67 -52.10 10.52
N GLU B 545 -21.71 -51.32 10.26
CA GLU B 545 -22.83 -51.78 9.46
C GLU B 545 -23.43 -50.61 8.76
N ILE B 546 -23.96 -50.87 7.58
CA ILE B 546 -24.81 -49.94 6.87
C ILE B 546 -26.09 -50.67 6.46
N ASP B 547 -27.22 -50.16 6.93
CA ASP B 547 -28.52 -50.75 6.70
C ASP B 547 -29.60 -49.73 6.98
N LEU B 548 -30.37 -49.38 5.94
CA LEU B 548 -31.47 -48.42 6.03
C LEU B 548 -32.63 -48.88 6.93
N ASP B 549 -32.66 -50.19 7.24
CA ASP B 549 -33.64 -50.78 8.14
C ASP B 549 -33.35 -50.41 9.61
N LEU B 550 -32.10 -50.04 9.91
CA LEU B 550 -31.69 -49.69 11.29
C LEU B 550 -32.10 -48.27 11.70
N PRO B 551 -32.49 -48.07 12.99
CA PRO B 551 -32.88 -46.71 13.43
C PRO B 551 -31.79 -45.67 13.16
N VAL B 552 -30.51 -46.09 13.21
CA VAL B 552 -29.35 -45.27 12.83
C VAL B 552 -28.72 -46.04 11.65
N PRO B 553 -28.95 -45.58 10.38
CA PRO B 553 -28.55 -46.38 9.20
C PRO B 553 -27.09 -46.76 9.07
N ILE B 554 -26.18 -45.91 9.56
CA ILE B 554 -24.75 -46.19 9.56
C ILE B 554 -24.33 -46.37 11.00
N VAL B 555 -23.94 -47.60 11.36
CA VAL B 555 -23.49 -47.95 12.70
C VAL B 555 -21.98 -47.70 12.72
N GLU B 556 -21.58 -46.55 13.27
CA GLU B 556 -20.18 -46.15 13.29
C GLU B 556 -19.35 -46.98 14.27
N ARG B 557 -18.09 -47.18 13.94
CA ARG B 557 -17.20 -47.95 14.81
C ARG B 557 -16.83 -47.17 16.05
N TYR B 558 -16.62 -45.84 15.88
CA TYR B 558 -16.21 -44.91 16.94
C TYR B 558 -14.90 -45.42 17.58
N TYR B 559 -14.94 -45.77 18.88
CA TYR B 559 -13.76 -46.18 19.63
C TYR B 559 -13.84 -47.68 20.03
N ASN B 560 -14.60 -48.46 19.22
CA ASN B 560 -14.72 -49.92 19.36
C ASN B 560 -13.61 -50.50 18.51
N THR B 561 -12.37 -50.22 18.92
CA THR B 561 -11.16 -50.59 18.20
C THR B 561 -10.40 -51.73 18.92
N THR B 562 -9.58 -52.47 18.17
CA THR B 562 -8.76 -53.57 18.69
C THR B 562 -7.30 -53.16 18.51
N SER B 563 -6.47 -53.41 19.52
CA SER B 563 -5.03 -53.08 19.50
C SER B 563 -4.31 -53.76 18.32
N GLY B 564 -3.49 -52.99 17.63
CA GLY B 564 -2.75 -53.45 16.47
C GLY B 564 -3.44 -53.21 15.14
N HIS B 565 -4.77 -53.05 15.17
CA HIS B 565 -5.61 -52.79 13.99
C HIS B 565 -5.55 -51.32 13.58
N ILE B 566 -5.71 -51.07 12.28
CA ILE B 566 -5.63 -49.73 11.69
C ILE B 566 -7.00 -49.31 11.15
N TYR B 567 -7.44 -48.12 11.54
CA TYR B 567 -8.72 -47.59 11.10
C TYR B 567 -8.60 -46.14 10.64
N GLY B 568 -9.41 -45.80 9.66
CA GLY B 568 -9.58 -44.44 9.16
C GLY B 568 -8.45 -43.72 8.48
N ASP B 569 -8.69 -42.44 8.24
CA ASP B 569 -7.72 -41.52 7.64
C ASP B 569 -6.95 -40.77 8.72
N THR B 570 -5.86 -40.10 8.34
CA THR B 570 -5.00 -39.37 9.28
C THR B 570 -5.08 -37.88 9.03
N ASP B 571 -5.20 -37.15 10.13
CA ASP B 571 -5.45 -35.72 10.18
C ASP B 571 -4.42 -35.23 11.15
N PHE B 572 -3.18 -35.06 10.65
CA PHE B 572 -2.03 -34.86 11.50
C PHE B 572 -1.23 -33.53 11.40
N TYR B 573 -1.17 -32.82 12.53
CA TYR B 573 -0.35 -31.61 12.72
C TYR B 573 0.45 -31.74 14.01
N ASN B 574 1.75 -31.52 13.92
CA ASN B 574 2.64 -31.52 15.06
C ASN B 574 3.58 -30.35 14.83
N TYR B 575 3.47 -29.35 15.69
CA TYR B 575 4.23 -28.13 15.58
C TYR B 575 5.55 -28.11 16.36
N ASP B 576 5.92 -29.25 16.94
CA ASP B 576 7.20 -29.39 17.56
C ASP B 576 8.23 -29.67 16.48
N THR B 577 9.09 -28.71 16.22
CA THR B 577 9.97 -28.72 15.08
C THR B 577 11.10 -29.71 15.22
N SER B 578 11.32 -30.17 16.43
CA SER B 578 12.37 -31.15 16.69
C SER B 578 12.09 -32.55 16.11
N VAL B 579 10.84 -32.84 15.80
CA VAL B 579 10.41 -34.13 15.24
C VAL B 579 9.80 -34.00 13.83
N SER B 580 9.89 -32.82 13.22
CA SER B 580 9.31 -32.51 11.90
C SER B 580 9.71 -33.46 10.77
N PHE B 581 10.94 -33.93 10.80
CA PHE B 581 11.47 -34.87 9.84
C PHE B 581 11.70 -36.25 10.41
N ASP B 582 11.11 -36.54 11.55
CA ASP B 582 11.23 -37.85 12.15
C ASP B 582 9.99 -38.69 11.84
N THR B 583 10.15 -39.74 11.06
CA THR B 583 9.02 -40.51 10.57
C THR B 583 8.35 -41.36 11.60
N SER B 584 9.04 -41.66 12.68
CA SER B 584 8.43 -42.38 13.81
C SER B 584 7.34 -41.54 14.50
N ALA B 585 7.34 -40.22 14.24
CA ALA B 585 6.33 -39.25 14.71
C ALA B 585 5.13 -39.17 13.77
N TYR B 586 5.28 -39.65 12.54
CA TYR B 586 4.20 -39.64 11.56
C TYR B 586 3.11 -40.70 11.84
N PRO B 587 1.83 -40.39 11.55
CA PRO B 587 0.78 -41.38 11.82
C PRO B 587 0.66 -42.49 10.79
N VAL B 588 0.41 -43.73 11.27
CA VAL B 588 0.24 -44.90 10.41
C VAL B 588 -1.25 -45.08 10.22
N GLY B 589 -1.73 -44.79 9.00
CA GLY B 589 -3.14 -44.89 8.65
C GLY B 589 -3.40 -45.41 7.27
N ARG B 590 -4.66 -45.44 6.90
CA ARG B 590 -5.10 -45.75 5.55
C ARG B 590 -4.97 -44.67 4.49
N PHE B 591 -5.14 -43.43 4.90
CA PHE B 591 -5.27 -42.32 4.02
C PHE B 591 -4.90 -41.08 4.80
N ALA B 592 -4.22 -40.14 4.17
CA ALA B 592 -3.92 -38.88 4.84
C ALA B 592 -4.72 -37.76 4.22
N ASN B 593 -5.73 -37.29 4.93
CA ASN B 593 -6.64 -36.28 4.41
C ASN B 593 -6.27 -34.85 4.77
N GLU B 594 -5.42 -34.70 5.80
CA GLU B 594 -4.97 -33.41 6.34
C GLU B 594 -3.59 -33.57 6.99
N PHE B 595 -2.73 -32.60 6.74
CA PHE B 595 -1.37 -32.48 7.30
C PHE B 595 -0.73 -31.20 6.80
N GLY B 596 0.06 -30.57 7.64
CA GLY B 596 0.73 -29.33 7.27
C GLY B 596 1.39 -28.54 8.36
N PHE B 597 1.99 -27.43 7.92
CA PHE B 597 2.72 -26.44 8.71
C PHE B 597 2.62 -25.10 7.95
N ILE B 598 2.53 -23.97 8.67
CA ILE B 598 2.38 -22.66 8.03
C ILE B 598 3.68 -22.13 7.44
N SER B 599 3.54 -21.25 6.45
CA SER B 599 4.67 -20.55 5.84
C SER B 599 4.25 -19.17 5.39
N MET B 600 5.20 -18.26 5.31
CA MET B 600 4.95 -16.90 4.87
C MET B 600 4.69 -16.87 3.38
N PRO B 601 3.77 -16.00 2.88
CA PRO B 601 3.66 -15.88 1.41
C PRO B 601 4.85 -15.04 0.91
N SER B 602 5.06 -14.96 -0.40
CA SER B 602 6.11 -14.13 -1.00
C SER B 602 5.96 -12.64 -0.64
N ILE B 603 7.04 -11.86 -0.79
CA ILE B 603 6.98 -10.41 -0.57
C ILE B 603 6.05 -9.73 -1.61
N GLN B 604 6.00 -10.28 -2.84
CA GLN B 604 5.15 -9.75 -3.93
C GLN B 604 3.67 -9.80 -3.55
N THR B 605 3.28 -10.88 -2.86
CA THR B 605 1.91 -11.10 -2.35
C THR B 605 1.64 -10.13 -1.20
N TRP B 606 2.60 -10.00 -0.24
CA TRP B 606 2.52 -9.07 0.89
C TRP B 606 2.29 -7.64 0.43
N GLN B 607 3.01 -7.22 -0.61
CA GLN B 607 2.97 -5.88 -1.21
C GLN B 607 1.60 -5.50 -1.79
N GLN B 608 0.77 -6.49 -2.11
CA GLN B 608 -0.59 -6.25 -2.65
C GLN B 608 -1.57 -5.70 -1.60
N ALA B 609 -1.34 -6.07 -0.34
CA ALA B 609 -2.25 -5.78 0.76
C ALA B 609 -1.71 -4.97 1.94
N VAL B 610 -0.41 -5.06 2.20
CA VAL B 610 0.23 -4.43 3.36
C VAL B 610 1.13 -3.26 2.95
N ASP B 611 1.13 -2.20 3.76
CA ASP B 611 1.94 -1.00 3.56
C ASP B 611 3.45 -1.32 3.54
N PRO B 612 4.26 -0.58 2.75
CA PRO B 612 5.71 -0.85 2.74
C PRO B 612 6.41 -0.86 4.09
N GLU B 613 6.01 0.04 4.98
CA GLU B 613 6.63 0.12 6.32
C GLU B 613 6.30 -1.08 7.22
N GLU B 614 5.29 -1.84 6.85
CA GLU B 614 4.87 -3.01 7.59
C GLU B 614 5.47 -4.31 7.01
N LEU B 615 6.36 -4.17 6.01
CA LEU B 615 7.04 -5.32 5.39
C LEU B 615 8.27 -5.77 6.19
N SER B 616 8.00 -6.35 7.37
CA SER B 616 8.98 -6.95 8.28
C SER B 616 8.33 -8.15 8.95
N PHE B 617 9.13 -9.19 9.24
CA PHE B 617 8.64 -10.47 9.77
C PHE B 617 7.64 -10.34 10.90
N ASN B 618 7.94 -9.43 11.84
CA ASN B 618 7.14 -9.24 13.06
C ASN B 618 6.49 -7.88 13.20
N SER B 619 6.08 -7.29 12.10
CA SER B 619 5.36 -6.03 12.13
C SER B 619 3.98 -6.30 12.68
N THR B 620 3.36 -5.29 13.22
CA THR B 620 2.07 -5.43 13.82
C THR B 620 1.01 -5.90 12.83
N THR B 621 1.03 -5.36 11.63
CA THR B 621 0.13 -5.76 10.60
C THR B 621 0.34 -7.22 10.12
N VAL B 622 1.57 -7.65 9.92
CA VAL B 622 1.92 -9.01 9.54
C VAL B 622 1.42 -10.01 10.62
N ILE B 623 1.75 -9.74 11.91
CA ILE B 623 1.35 -10.55 13.06
C ILE B 623 -0.18 -10.69 13.11
N LEU B 624 -0.90 -9.56 13.09
CA LEU B 624 -2.36 -9.55 13.17
C LEU B 624 -3.10 -10.24 12.00
N ARG B 625 -2.38 -10.44 10.88
CA ARG B 625 -2.92 -11.13 9.73
C ARG B 625 -2.64 -12.62 9.80
N ASN B 626 -1.78 -13.04 10.75
CA ASN B 626 -1.51 -14.45 11.00
C ASN B 626 -2.59 -14.93 11.94
N HIS B 627 -3.51 -15.77 11.43
CA HIS B 627 -4.61 -16.27 12.25
C HIS B 627 -4.33 -17.65 12.88
N HIS B 628 -3.05 -18.05 12.85
CA HIS B 628 -2.60 -19.27 13.52
C HIS B 628 -1.76 -18.79 14.72
N TYR B 629 -2.32 -18.72 15.92
CA TYR B 629 -3.61 -19.23 16.36
C TYR B 629 -4.71 -18.17 16.40
N PRO B 630 -6.00 -18.56 16.29
CA PRO B 630 -7.08 -17.57 16.21
C PRO B 630 -7.28 -16.74 17.49
N ALA B 631 -7.91 -15.57 17.36
CA ALA B 631 -8.17 -14.66 18.48
C ALA B 631 -9.08 -15.29 19.57
N GLY B 632 -10.02 -16.14 19.15
CA GLY B 632 -11.03 -16.77 20.01
C GLY B 632 -12.07 -15.78 20.45
N GLY B 633 -12.24 -14.73 19.64
CA GLY B 633 -13.13 -13.61 19.91
C GLY B 633 -12.82 -12.43 19.02
N LEU B 634 -13.29 -11.24 19.41
CA LEU B 634 -13.14 -10.02 18.62
C LEU B 634 -11.97 -9.13 18.97
N THR B 635 -11.07 -9.60 19.83
CA THR B 635 -9.89 -8.82 20.26
C THR B 635 -8.78 -8.86 19.22
N ARG B 636 -7.84 -7.90 19.30
CA ARG B 636 -6.65 -7.84 18.48
C ARG B 636 -5.65 -8.67 19.27
N ASN B 637 -5.69 -9.99 19.04
CA ASN B 637 -4.91 -10.96 19.80
C ASN B 637 -3.50 -11.17 19.24
N ILE B 638 -2.60 -10.30 19.67
CA ILE B 638 -1.17 -10.33 19.34
C ILE B 638 -0.51 -11.61 19.87
N HIS B 639 -0.84 -12.03 21.10
CA HIS B 639 -0.27 -13.20 21.73
C HIS B 639 -0.51 -14.48 20.93
N ASN B 640 -1.77 -14.76 20.59
CA ASN B 640 -2.14 -15.96 19.86
C ASN B 640 -1.52 -16.01 18.45
N SER B 641 -1.50 -14.86 17.78
CA SER B 641 -0.93 -14.72 16.44
C SER B 641 0.60 -14.89 16.47
N THR B 642 1.25 -14.43 17.55
CA THR B 642 2.71 -14.52 17.73
C THR B 642 3.16 -15.98 17.85
N LEU B 643 2.25 -16.86 18.32
CA LEU B 643 2.51 -18.29 18.46
C LEU B 643 2.88 -18.92 17.12
N GLY B 644 2.18 -18.52 16.06
CA GLY B 644 2.42 -19.00 14.71
C GLY B 644 3.72 -18.46 14.16
N GLN B 645 3.98 -17.17 14.41
CA GLN B 645 5.20 -16.46 14.01
C GLN B 645 6.43 -17.14 14.62
N VAL B 646 6.30 -17.62 15.88
CA VAL B 646 7.35 -18.31 16.64
C VAL B 646 7.62 -19.69 16.01
N GLU B 647 6.56 -20.43 15.68
CA GLU B 647 6.64 -21.74 15.04
C GLU B 647 7.46 -21.66 13.75
N MET B 648 7.19 -20.62 12.92
CA MET B 648 7.93 -20.41 11.67
C MET B 648 9.39 -20.08 11.97
N THR B 649 9.62 -19.20 12.96
CA THR B 649 10.96 -18.79 13.37
C THR B 649 11.80 -19.99 13.83
N LEU B 650 11.28 -20.80 14.74
CA LEU B 650 12.00 -21.97 15.25
C LEU B 650 12.31 -23.00 14.16
N ALA B 651 11.38 -23.20 13.22
CA ALA B 651 11.52 -24.12 12.10
C ALA B 651 12.72 -23.73 11.21
N VAL B 652 12.84 -22.44 10.90
CA VAL B 652 13.94 -21.89 10.11
C VAL B 652 15.24 -22.03 10.90
N GLU B 653 15.23 -21.57 12.15
CA GLU B 653 16.39 -21.61 13.04
C GLU B 653 17.02 -22.99 13.24
N ARG B 654 16.16 -24.00 13.38
CA ARG B 654 16.58 -25.36 13.60
C ARG B 654 17.23 -25.99 12.38
N TYR B 655 16.73 -25.71 11.16
CA TYR B 655 17.16 -26.40 9.94
C TYR B 655 17.70 -25.60 8.76
N TYR B 656 17.38 -24.30 8.67
CA TYR B 656 17.74 -23.51 7.49
C TYR B 656 18.62 -22.32 7.78
N PRO B 657 19.47 -21.90 6.82
CA PRO B 657 20.27 -20.68 7.02
C PRO B 657 19.38 -19.51 7.43
N THR B 658 19.74 -18.81 8.50
CA THR B 658 18.97 -17.67 9.01
C THR B 658 19.43 -16.37 8.34
N PRO B 659 18.58 -15.76 7.49
CA PRO B 659 19.00 -14.54 6.79
C PRO B 659 19.29 -13.36 7.70
N ASP B 660 20.20 -12.48 7.24
CA ASP B 660 20.62 -11.28 7.93
C ASP B 660 21.03 -10.18 6.93
N LYS B 661 20.11 -9.90 6.01
CA LYS B 661 20.29 -8.96 4.92
C LYS B 661 20.29 -7.53 5.41
N THR B 662 21.29 -6.75 4.95
CA THR B 662 21.44 -5.34 5.30
C THR B 662 20.17 -4.56 4.89
N ASP B 663 19.61 -4.87 3.73
CA ASP B 663 18.36 -4.27 3.24
C ASP B 663 17.17 -4.91 3.99
N PRO B 664 16.35 -4.13 4.71
CA PRO B 664 15.21 -4.72 5.44
C PRO B 664 14.19 -5.41 4.54
N VAL B 665 14.02 -4.89 3.32
CA VAL B 665 13.10 -5.40 2.29
C VAL B 665 13.56 -6.81 1.93
N ALA B 666 14.86 -6.94 1.60
CA ALA B 666 15.49 -8.20 1.27
C ALA B 666 15.46 -9.15 2.45
N ASN B 667 15.66 -8.65 3.67
CA ASN B 667 15.69 -9.48 4.87
C ASN B 667 14.33 -10.14 5.09
N PHE B 668 13.25 -9.35 4.95
CA PHE B 668 11.88 -9.83 5.07
C PHE B 668 11.62 -10.92 4.00
N SER B 669 11.94 -10.60 2.73
CA SER B 669 11.75 -11.50 1.61
C SER B 669 12.50 -12.83 1.81
N SER B 670 13.75 -12.78 2.27
CA SER B 670 14.56 -13.98 2.50
C SER B 670 14.04 -14.83 3.64
N TRP B 671 13.56 -14.18 4.71
CA TRP B 671 12.95 -14.91 5.82
C TRP B 671 11.65 -15.59 5.37
N CYS B 672 10.84 -14.89 4.57
CA CYS B 672 9.61 -15.42 3.98
C CYS B 672 9.92 -16.69 3.19
N HIS B 673 10.95 -16.62 2.34
CA HIS B 673 11.43 -17.74 1.53
C HIS B 673 11.92 -18.92 2.38
N ALA B 674 12.69 -18.64 3.43
CA ALA B 674 13.20 -19.65 4.35
C ALA B 674 12.07 -20.46 5.02
N THR B 675 10.95 -19.80 5.37
CA THR B 675 9.78 -20.48 5.97
C THR B 675 9.15 -21.45 4.95
N GLN B 676 9.18 -21.03 3.67
CA GLN B 676 8.67 -21.81 2.54
C GLN B 676 9.53 -23.06 2.25
N LEU B 677 10.85 -22.96 2.46
CA LEU B 677 11.77 -24.11 2.28
C LEU B 677 11.42 -25.19 3.29
N PHE B 678 11.23 -24.80 4.56
CA PHE B 678 10.87 -25.73 5.64
C PHE B 678 9.56 -26.44 5.35
N GLN B 679 8.52 -25.65 5.01
CA GLN B 679 7.18 -26.17 4.70
C GLN B 679 7.26 -27.23 3.59
N ALA B 680 7.93 -26.89 2.47
CA ALA B 680 8.09 -27.77 1.30
C ALA B 680 8.74 -29.12 1.65
N ASP B 681 9.88 -29.08 2.30
CA ASP B 681 10.60 -30.27 2.72
C ASP B 681 9.88 -31.15 3.71
N MET B 682 9.20 -30.52 4.63
CA MET B 682 8.41 -31.25 5.55
C MET B 682 7.27 -32.03 4.89
N TYR B 683 6.55 -31.39 4.00
CA TYR B 683 5.45 -32.03 3.32
C TYR B 683 5.94 -33.17 2.47
N LYS B 684 7.09 -32.96 1.83
CA LYS B 684 7.80 -33.96 1.03
C LYS B 684 8.08 -35.20 1.90
N SER B 685 8.64 -34.98 3.11
CA SER B 685 8.99 -36.01 4.07
C SER B 685 7.74 -36.81 4.45
N GLU B 686 6.60 -36.11 4.59
CA GLU B 686 5.34 -36.75 4.89
C GLU B 686 4.76 -37.51 3.68
N ILE B 687 4.62 -36.83 2.52
CA ILE B 687 4.10 -37.43 1.29
C ILE B 687 4.82 -38.75 0.97
N GLN B 688 6.17 -38.73 0.90
CA GLN B 688 6.95 -39.92 0.56
C GLN B 688 6.70 -41.08 1.55
N PHE B 689 6.47 -40.74 2.83
CA PHE B 689 6.17 -41.68 3.91
C PHE B 689 4.78 -42.29 3.70
N TYR B 690 3.76 -41.44 3.42
CA TYR B 690 2.40 -41.89 3.14
C TYR B 690 2.34 -42.75 1.89
N ARG B 691 3.00 -42.30 0.80
CA ARG B 691 3.04 -43.03 -0.45
C ARG B 691 3.70 -44.41 -0.30
N ARG B 692 4.82 -44.48 0.42
CA ARG B 692 5.54 -45.73 0.69
C ARG B 692 4.64 -46.74 1.44
N GLY B 693 3.71 -46.22 2.25
CA GLY B 693 2.75 -47.01 3.02
C GLY B 693 1.82 -47.88 2.18
N SER B 694 1.69 -47.55 0.88
CA SER B 694 0.87 -48.31 -0.07
C SER B 694 1.29 -49.79 -0.16
N GLY B 695 2.60 -50.03 -0.03
CA GLY B 695 3.17 -51.37 -0.08
C GLY B 695 3.46 -51.96 1.28
N LEU B 696 3.10 -51.24 2.35
CA LEU B 696 3.28 -51.67 3.74
C LEU B 696 1.93 -52.16 4.34
N PRO B 697 1.93 -52.83 5.52
CA PRO B 697 0.68 -53.45 6.00
C PRO B 697 -0.55 -52.55 6.13
N GLU B 698 -0.36 -51.25 6.32
CA GLU B 698 -1.48 -50.28 6.37
C GLU B 698 -2.16 -50.12 5.01
N ARG B 699 -1.43 -50.38 3.90
CA ARG B 699 -1.91 -50.25 2.51
C ARG B 699 -2.54 -48.84 2.33
N GLN B 700 -1.71 -47.83 2.58
CA GLN B 700 -2.04 -46.43 2.51
C GLN B 700 -2.41 -46.06 1.07
N LEU B 701 -3.57 -45.45 0.85
CA LEU B 701 -4.01 -45.11 -0.51
C LEU B 701 -4.36 -43.67 -0.78
N GLY B 702 -3.79 -42.73 -0.02
CA GLY B 702 -4.06 -41.31 -0.30
C GLY B 702 -3.27 -40.27 0.46
N SER B 703 -3.00 -39.15 -0.21
CA SER B 703 -2.33 -37.99 0.36
C SER B 703 -3.02 -36.71 -0.11
N LEU B 704 -3.64 -35.99 0.84
CA LEU B 704 -4.25 -34.68 0.60
C LEU B 704 -3.67 -33.71 1.62
N TYR B 705 -2.70 -32.89 1.20
CA TYR B 705 -2.07 -31.96 2.13
C TYR B 705 -2.96 -30.77 2.49
N TRP B 706 -2.71 -30.19 3.68
CA TRP B 706 -3.39 -29.01 4.14
C TRP B 706 -2.39 -27.85 3.94
N GLN B 707 -2.70 -26.86 3.10
CA GLN B 707 -3.91 -26.70 2.28
C GLN B 707 -3.46 -26.25 0.88
N LEU B 708 -4.35 -26.30 -0.10
CA LEU B 708 -3.92 -25.93 -1.45
C LEU B 708 -3.72 -24.43 -1.63
N ASN B 709 -4.75 -23.67 -1.30
CA ASN B 709 -4.82 -22.25 -1.63
C ASN B 709 -5.07 -21.27 -0.49
N ASP B 710 -4.81 -19.98 -0.76
CA ASP B 710 -5.04 -18.87 0.15
C ASP B 710 -6.32 -18.09 -0.18
N ILE B 711 -7.01 -17.62 0.86
CA ILE B 711 -8.21 -16.79 0.79
C ILE B 711 -7.81 -15.29 0.79
N TRP B 712 -6.61 -15.00 1.32
CA TRP B 712 -6.04 -13.64 1.38
C TRP B 712 -4.50 -13.70 1.58
N GLN B 713 -3.86 -12.51 1.67
CA GLN B 713 -2.40 -12.38 1.82
C GLN B 713 -2.05 -12.48 3.32
N ALA B 714 -1.55 -13.65 3.75
CA ALA B 714 -1.25 -13.94 5.15
C ALA B 714 -0.41 -15.22 5.34
N PRO B 715 0.25 -15.46 6.51
CA PRO B 715 0.98 -16.72 6.70
C PRO B 715 0.03 -17.88 7.00
N THR B 716 0.02 -18.90 6.13
CA THR B 716 -0.87 -20.06 6.23
C THR B 716 -0.16 -21.37 5.76
N TRP B 717 -0.94 -22.47 5.77
CA TRP B 717 -0.55 -23.80 5.33
C TRP B 717 -0.62 -23.95 3.79
N ALA B 718 -1.04 -22.87 3.09
CA ALA B 718 -1.24 -22.88 1.66
C ALA B 718 0.01 -23.11 0.83
N GLY B 719 -0.18 -23.70 -0.36
CA GLY B 719 0.88 -23.89 -1.35
C GLY B 719 0.74 -22.84 -2.46
N LEU B 720 -0.50 -22.41 -2.70
CA LEU B 720 -0.81 -21.40 -3.72
C LEU B 720 -1.30 -20.16 -3.02
N GLU B 721 -0.63 -19.05 -3.27
CA GLU B 721 -0.97 -17.76 -2.67
C GLU B 721 -2.26 -17.19 -3.26
N TYR B 722 -2.75 -16.08 -2.74
CA TYR B 722 -4.06 -15.57 -3.07
C TYR B 722 -4.26 -15.33 -4.56
N ASP B 723 -3.26 -14.82 -5.24
CA ASP B 723 -3.35 -14.54 -6.66
C ASP B 723 -2.95 -15.69 -7.55
N GLY B 724 -2.63 -16.80 -6.90
CA GLY B 724 -2.22 -18.00 -7.55
C GLY B 724 -0.76 -18.31 -7.50
N ARG B 725 0.05 -17.39 -7.05
CA ARG B 725 1.51 -17.59 -6.99
C ARG B 725 1.93 -18.86 -6.25
N TRP B 726 2.89 -19.56 -6.82
CA TRP B 726 3.39 -20.78 -6.24
C TRP B 726 4.42 -20.49 -5.17
N LYS B 727 4.26 -21.14 -4.03
CA LYS B 727 5.28 -21.16 -2.98
C LYS B 727 6.30 -22.26 -3.39
N VAL B 728 7.30 -22.54 -2.53
CA VAL B 728 8.24 -23.62 -2.78
C VAL B 728 7.48 -24.96 -2.79
N LEU B 729 6.50 -25.10 -1.87
CA LEU B 729 5.67 -26.29 -1.66
C LEU B 729 5.10 -26.97 -2.92
N PRO B 730 4.27 -26.29 -3.76
CA PRO B 730 3.77 -26.95 -4.97
C PRO B 730 4.83 -27.51 -5.95
N TYR B 731 6.03 -26.94 -5.99
CA TYR B 731 7.11 -27.44 -6.85
C TYR B 731 7.70 -28.75 -6.33
N VAL B 732 7.80 -28.87 -5.00
CA VAL B 732 8.30 -30.06 -4.33
C VAL B 732 7.17 -31.13 -4.33
N SER B 733 5.91 -30.70 -4.15
CA SER B 733 4.73 -31.59 -4.21
C SER B 733 4.59 -32.21 -5.58
N ARG B 734 4.79 -31.39 -6.65
CA ARG B 734 4.70 -31.85 -8.03
C ARG B 734 5.59 -33.07 -8.25
N ARG B 735 6.83 -32.97 -7.83
CA ARG B 735 7.78 -34.05 -7.92
C ARG B 735 7.43 -35.21 -7.03
N THR B 736 6.97 -34.92 -5.83
CA THR B 736 6.69 -35.97 -4.90
C THR B 736 5.40 -36.67 -5.25
N TYR B 737 4.60 -36.04 -6.11
CA TYR B 737 3.37 -36.63 -6.58
C TYR B 737 3.49 -37.30 -7.94
N GLU B 738 4.69 -37.40 -8.48
CA GLU B 738 4.92 -38.07 -9.77
C GLU B 738 4.55 -39.54 -9.68
N HIS B 739 4.28 -40.18 -10.84
CA HIS B 739 3.84 -41.58 -10.88
C HIS B 739 4.84 -42.54 -10.22
N VAL B 740 6.13 -42.41 -10.57
CA VAL B 740 7.22 -43.26 -10.04
C VAL B 740 8.26 -42.33 -9.44
N ILE B 741 8.52 -42.49 -8.12
CA ILE B 741 9.43 -41.66 -7.34
C ILE B 741 10.49 -42.47 -6.59
N ALA B 742 11.67 -41.87 -6.40
CA ALA B 742 12.76 -42.43 -5.61
C ALA B 742 12.85 -41.54 -4.36
N SER B 743 12.57 -42.13 -3.20
CA SER B 743 12.53 -41.39 -1.94
C SER B 743 13.62 -41.77 -0.98
N ALA B 744 14.30 -40.76 -0.40
CA ALA B 744 15.37 -40.92 0.58
C ALA B 744 14.78 -40.72 1.98
N PHE B 745 14.90 -41.74 2.81
CA PHE B 745 14.43 -41.77 4.19
C PHE B 745 15.65 -41.77 5.10
N TRP B 746 15.72 -40.79 6.01
CA TRP B 746 16.87 -40.65 6.89
C TRP B 746 16.51 -40.81 8.34
N ASN B 747 16.98 -41.90 8.95
CA ASN B 747 16.84 -42.13 10.39
C ASN B 747 18.10 -41.46 10.94
N TYR B 748 18.00 -40.15 11.26
CA TYR B 748 19.16 -39.36 11.74
C TYR B 748 19.71 -39.73 13.12
N THR B 749 18.88 -40.36 13.96
CA THR B 749 19.32 -40.82 15.28
C THR B 749 20.16 -42.10 15.15
N ALA B 750 19.79 -42.95 14.21
CA ALA B 750 20.54 -44.14 13.85
C ALA B 750 21.58 -43.94 12.78
N ASN B 751 21.56 -42.80 12.11
CA ASN B 751 22.46 -42.53 10.99
C ASN B 751 22.31 -43.47 9.80
N GLU B 752 21.11 -43.92 9.53
CA GLU B 752 20.86 -44.87 8.47
C GLU B 752 20.03 -44.28 7.32
N LEU B 753 20.44 -44.57 6.12
CA LEU B 753 19.80 -44.08 4.91
C LEU B 753 19.12 -45.22 4.20
N GLU B 754 17.87 -44.99 3.79
CA GLU B 754 17.06 -45.93 3.01
C GLU B 754 16.52 -45.21 1.78
N ILE B 755 16.71 -45.81 0.60
CA ILE B 755 16.13 -45.28 -0.63
C ILE B 755 15.10 -46.28 -1.14
N TRP B 756 13.85 -45.82 -1.30
CA TRP B 756 12.73 -46.63 -1.75
C TRP B 756 12.18 -46.08 -3.05
N VAL B 757 11.65 -46.97 -3.90
CA VAL B 757 10.98 -46.59 -5.14
C VAL B 757 9.49 -46.90 -4.98
N THR B 758 8.64 -45.87 -5.17
CA THR B 758 7.21 -45.97 -5.02
C THR B 758 6.52 -45.60 -6.34
N SER B 759 5.60 -46.45 -6.77
CA SER B 759 4.83 -46.25 -7.99
C SER B 759 3.35 -46.32 -7.74
N ASP B 760 2.59 -45.42 -8.35
CA ASP B 760 1.15 -45.45 -8.27
C ASP B 760 0.45 -46.01 -9.49
N LEU B 761 1.21 -46.57 -10.41
CA LEU B 761 0.70 -47.20 -11.60
C LEU B 761 -0.01 -48.53 -11.35
N TRP B 762 -0.91 -48.90 -12.25
CA TRP B 762 -1.74 -50.09 -12.06
C TRP B 762 -1.13 -51.36 -12.62
N GLU B 763 0.10 -51.27 -13.13
CA GLU B 763 0.88 -52.38 -13.65
C GLU B 763 2.31 -52.32 -13.05
N PRO B 764 3.02 -53.44 -12.98
CA PRO B 764 4.39 -53.39 -12.50
C PRO B 764 5.32 -52.60 -13.42
N VAL B 765 6.29 -51.91 -12.85
CA VAL B 765 7.28 -51.23 -13.66
C VAL B 765 8.67 -51.53 -13.23
N ALA B 766 9.57 -51.39 -14.20
CA ALA B 766 10.96 -51.61 -14.00
C ALA B 766 11.67 -50.38 -14.42
N GLY B 767 12.84 -50.22 -13.90
CA GLY B 767 13.63 -49.03 -14.18
C GLY B 767 14.96 -49.03 -13.46
N GLU B 768 15.61 -47.87 -13.42
CA GLU B 768 16.89 -47.71 -12.74
C GLU B 768 17.02 -46.35 -12.08
N VAL B 769 17.79 -46.31 -11.00
CA VAL B 769 18.05 -45.11 -10.23
C VAL B 769 19.55 -44.81 -10.21
N SER B 770 19.94 -43.62 -10.66
CA SER B 770 21.33 -43.14 -10.59
C SER B 770 21.61 -42.53 -9.23
N LEU B 771 22.76 -42.85 -8.65
CA LEU B 771 23.13 -42.38 -7.31
C LEU B 771 24.53 -41.80 -7.33
N THR B 772 24.62 -40.46 -7.39
CA THR B 772 25.88 -39.74 -7.52
C THR B 772 26.22 -38.94 -6.28
N TRP B 773 27.33 -39.30 -5.63
CA TRP B 773 27.81 -38.61 -4.44
C TRP B 773 28.88 -37.62 -4.89
N VAL B 774 28.62 -36.33 -4.71
CA VAL B 774 29.56 -35.28 -5.03
C VAL B 774 29.74 -34.35 -3.84
N ASP B 775 30.83 -33.63 -3.81
CA ASP B 775 30.99 -32.59 -2.81
C ASP B 775 30.27 -31.34 -3.29
N LEU B 776 30.22 -30.33 -2.47
CA LEU B 776 29.44 -29.14 -2.77
C LEU B 776 30.05 -28.24 -3.81
N LYS B 777 31.22 -28.61 -4.26
CA LYS B 777 31.83 -28.01 -5.43
C LYS B 777 31.53 -28.73 -6.75
N GLY B 778 30.96 -29.90 -6.67
CA GLY B 778 30.63 -30.74 -7.81
C GLY B 778 31.59 -31.89 -8.09
N LYS B 779 32.70 -31.93 -7.36
CA LYS B 779 33.71 -32.96 -7.51
C LYS B 779 33.19 -34.28 -6.90
N PRO B 780 33.31 -35.43 -7.61
CA PRO B 780 32.86 -36.69 -7.03
C PRO B 780 33.61 -37.12 -5.76
N ILE B 781 32.89 -37.76 -4.85
CA ILE B 781 33.47 -38.31 -3.63
C ILE B 781 34.06 -39.68 -4.03
N ALA B 782 35.31 -39.96 -3.59
CA ALA B 782 36.02 -41.19 -3.91
C ALA B 782 35.15 -42.43 -3.72
N ASN B 783 35.14 -43.30 -4.74
CA ASN B 783 34.40 -44.58 -4.80
C ASN B 783 32.89 -44.40 -4.60
N ASN B 784 32.38 -43.22 -5.03
CA ASN B 784 30.97 -42.81 -4.89
C ASN B 784 30.49 -43.02 -3.44
N ALA B 785 31.35 -42.61 -2.49
CA ALA B 785 31.20 -42.76 -1.03
C ALA B 785 30.91 -44.21 -0.56
N GLY B 786 31.32 -45.19 -1.36
CA GLY B 786 31.10 -46.61 -1.08
C GLY B 786 29.77 -47.17 -1.56
N MET B 787 28.94 -46.31 -2.14
CA MET B 787 27.62 -46.64 -2.66
C MET B 787 27.68 -46.88 -4.17
N THR B 788 26.83 -47.78 -4.65
CA THR B 788 26.69 -48.09 -6.08
C THR B 788 26.28 -46.84 -6.90
N LYS B 789 26.82 -46.71 -8.11
CA LYS B 789 26.53 -45.58 -8.99
C LYS B 789 25.13 -45.64 -9.59
N SER B 790 24.60 -46.85 -9.74
CA SER B 790 23.32 -47.11 -10.37
C SER B 790 22.73 -48.43 -9.85
N THR B 791 21.40 -48.49 -9.73
CA THR B 791 20.70 -49.70 -9.32
C THR B 791 19.39 -49.87 -10.08
N LYS B 792 19.09 -51.12 -10.48
CA LYS B 792 17.86 -51.46 -11.18
C LYS B 792 16.77 -51.79 -10.15
N PHE B 793 15.50 -51.59 -10.52
CA PHE B 793 14.37 -51.89 -9.63
C PHE B 793 13.21 -52.54 -10.36
N ASN B 794 12.35 -53.15 -9.56
CA ASN B 794 11.09 -53.77 -9.98
C ASN B 794 10.11 -53.44 -8.88
N VAL B 795 9.12 -52.62 -9.22
CA VAL B 795 8.07 -52.21 -8.29
C VAL B 795 6.72 -52.66 -8.81
N GLY B 796 5.91 -53.22 -7.91
CA GLY B 796 4.56 -53.68 -8.26
C GLY B 796 3.56 -52.54 -8.45
N ALA B 797 2.34 -52.89 -8.85
CA ALA B 797 1.25 -51.98 -9.04
C ALA B 797 0.92 -51.35 -7.69
N ILE B 798 0.78 -50.02 -7.65
CA ILE B 798 0.46 -49.25 -6.42
C ILE B 798 1.19 -49.88 -5.22
N ASN B 799 2.51 -49.83 -5.28
CA ASN B 799 3.40 -50.52 -4.35
C ASN B 799 4.75 -49.82 -4.24
N THR B 800 5.61 -50.35 -3.38
CA THR B 800 6.92 -49.77 -3.08
C THR B 800 7.98 -50.87 -3.06
N THR B 801 9.25 -50.49 -3.14
CA THR B 801 10.39 -51.41 -3.08
C THR B 801 11.61 -50.70 -2.52
N GLN B 802 12.27 -51.29 -1.56
CA GLN B 802 13.45 -50.68 -0.99
C GLN B 802 14.65 -51.00 -1.85
N ILE B 803 15.33 -49.99 -2.36
CA ILE B 803 16.47 -50.24 -3.24
C ILE B 803 17.85 -50.08 -2.62
N ILE B 804 17.96 -49.33 -1.53
CA ILE B 804 19.23 -49.02 -0.88
C ILE B 804 19.03 -48.99 0.61
N THR B 805 20.03 -49.45 1.33
CA THR B 805 20.07 -49.40 2.78
C THR B 805 21.53 -49.22 3.18
N ALA B 806 21.85 -48.12 3.85
CA ALA B 806 23.24 -47.80 4.21
C ALA B 806 23.37 -46.96 5.44
N ASN B 807 24.29 -47.36 6.33
CA ASN B 807 24.68 -46.57 7.49
C ASN B 807 25.71 -45.55 7.01
N ILE B 808 25.45 -44.25 7.23
CA ILE B 808 26.29 -43.13 6.77
C ILE B 808 27.77 -43.23 7.23
N GLN B 809 28.04 -43.82 8.41
CA GLN B 809 29.43 -43.97 8.92
C GLN B 809 29.97 -45.38 8.70
N SER B 810 29.20 -46.40 9.10
CA SER B 810 29.60 -47.82 9.04
C SER B 810 29.67 -48.41 7.64
N ASP B 811 28.71 -48.06 6.76
CA ASP B 811 28.63 -48.59 5.38
C ASP B 811 29.15 -47.64 4.30
N LEU B 812 29.13 -46.34 4.57
CA LEU B 812 29.57 -45.32 3.60
C LEU B 812 30.88 -44.64 4.02
N LYS B 813 31.59 -44.07 3.05
CA LYS B 813 32.83 -43.34 3.29
C LYS B 813 32.72 -41.92 2.74
N ILE B 814 32.09 -41.03 3.52
CA ILE B 814 31.96 -39.60 3.20
C ILE B 814 33.00 -38.81 4.02
N PRO B 815 33.96 -38.14 3.39
CA PRO B 815 34.96 -37.42 4.18
C PRO B 815 34.40 -36.30 5.04
N ASP B 816 33.48 -35.52 4.49
CA ASP B 816 32.80 -34.48 5.22
C ASP B 816 31.34 -34.51 4.95
N THR B 817 30.54 -34.81 5.94
CA THR B 817 29.10 -34.83 5.73
C THR B 817 28.51 -33.46 5.40
N SER B 818 29.19 -32.41 5.83
CA SER B 818 28.76 -31.04 5.57
C SER B 818 29.28 -30.48 4.20
N ASP B 819 29.94 -31.34 3.42
CA ASP B 819 30.49 -31.04 2.09
C ASP B 819 30.18 -32.25 1.20
N ALA B 820 28.92 -32.67 1.21
CA ALA B 820 28.42 -33.84 0.47
C ALA B 820 26.95 -33.75 0.10
N VAL B 821 26.61 -34.24 -1.09
CA VAL B 821 25.24 -34.34 -1.58
C VAL B 821 25.12 -35.55 -2.49
N LEU B 822 24.03 -36.31 -2.29
CA LEU B 822 23.68 -37.47 -3.13
C LEU B 822 22.58 -37.00 -4.07
N VAL B 823 22.86 -37.03 -5.38
CA VAL B 823 21.92 -36.65 -6.43
C VAL B 823 21.28 -37.94 -6.92
N ILE B 824 19.93 -37.99 -6.85
CA ILE B 824 19.11 -39.16 -7.19
C ILE B 824 18.32 -38.91 -8.50
N GLU B 825 18.50 -39.78 -9.49
CA GLU B 825 17.82 -39.66 -10.79
C GLU B 825 17.21 -41.00 -11.17
N LEU B 826 15.87 -41.06 -11.16
CA LEU B 826 15.10 -42.26 -11.51
C LEU B 826 14.59 -42.20 -12.93
N THR B 827 14.71 -43.33 -13.63
CA THR B 827 14.16 -43.54 -14.97
C THR B 827 13.40 -44.86 -14.93
N ALA B 828 12.17 -44.85 -15.46
CA ALA B 828 11.32 -46.04 -15.52
C ALA B 828 10.48 -46.00 -16.79
N HIS B 829 10.04 -47.16 -17.24
CA HIS B 829 9.22 -47.28 -18.43
C HIS B 829 8.00 -48.10 -18.10
N GLY B 830 6.85 -47.55 -18.43
CA GLY B 830 5.57 -48.19 -18.18
C GLY B 830 4.44 -47.50 -18.89
N LYS B 831 3.21 -47.90 -18.55
CA LYS B 831 2.00 -47.34 -19.15
C LYS B 831 1.07 -46.77 -18.08
N LEU B 832 0.43 -45.63 -18.38
CA LEU B 832 -0.57 -45.05 -17.51
C LEU B 832 -1.85 -45.91 -17.59
N PRO B 833 -2.71 -45.93 -16.56
CA PRO B 833 -3.96 -46.69 -16.68
C PRO B 833 -4.78 -46.32 -17.91
N ASN B 834 -5.35 -47.36 -18.55
CA ASN B 834 -6.23 -47.26 -19.73
C ASN B 834 -5.62 -46.51 -20.91
N ALA B 835 -4.33 -46.68 -21.11
CA ALA B 835 -3.65 -45.99 -22.19
C ALA B 835 -4.03 -46.59 -23.50
N ALA B 836 -4.46 -45.75 -24.43
CA ALA B 836 -4.79 -46.19 -25.77
C ALA B 836 -3.54 -46.73 -26.45
N SER B 837 -2.46 -45.97 -26.27
CA SER B 837 -1.19 -46.21 -26.92
C SER B 837 -0.56 -47.54 -26.56
N SER B 838 0.00 -48.18 -27.56
CA SER B 838 0.93 -49.25 -27.35
C SER B 838 2.20 -48.70 -26.69
N LYS B 839 2.61 -47.50 -27.13
CA LYS B 839 3.92 -46.93 -26.76
C LYS B 839 4.05 -46.64 -25.27
N THR B 840 5.15 -47.09 -24.68
CA THR B 840 5.36 -46.91 -23.24
C THR B 840 5.80 -45.48 -22.93
N THR B 841 5.32 -44.96 -21.82
CA THR B 841 5.67 -43.65 -21.28
C THR B 841 6.98 -43.80 -20.49
N THR B 842 7.83 -42.78 -20.57
CA THR B 842 9.07 -42.73 -19.81
C THR B 842 8.85 -41.82 -18.58
N PHE B 843 8.98 -42.40 -17.40
CA PHE B 843 8.83 -41.70 -16.13
C PHE B 843 10.21 -41.33 -15.58
N THR B 844 10.38 -40.05 -15.23
CA THR B 844 11.65 -39.54 -14.65
C THR B 844 11.37 -38.78 -13.35
N HIS B 845 12.23 -38.99 -12.35
CA HIS B 845 12.11 -38.33 -11.06
C HIS B 845 13.48 -37.84 -10.59
N HIS B 846 13.54 -36.58 -10.16
CA HIS B 846 14.77 -35.95 -9.65
C HIS B 846 14.61 -35.65 -8.17
N ASN B 847 15.59 -36.09 -7.39
CA ASN B 847 15.59 -35.94 -5.93
C ASN B 847 17.04 -35.83 -5.42
N HIS B 848 17.21 -35.58 -4.12
CA HIS B 848 18.52 -35.49 -3.52
C HIS B 848 18.50 -35.92 -2.05
N PHE B 849 19.67 -36.20 -1.51
CA PHE B 849 19.85 -36.48 -0.10
C PHE B 849 21.08 -35.75 0.42
N LEU B 850 20.87 -34.95 1.46
CA LEU B 850 21.89 -34.17 2.12
C LEU B 850 22.16 -34.85 3.45
N PRO B 851 23.39 -35.34 3.72
CA PRO B 851 23.64 -36.07 4.98
C PRO B 851 23.70 -35.21 6.26
N VAL B 852 23.42 -33.91 6.11
CA VAL B 852 23.32 -32.92 7.18
C VAL B 852 22.08 -32.06 6.94
N TRP B 853 21.67 -31.26 7.92
CA TRP B 853 20.54 -30.34 7.76
C TRP B 853 20.97 -29.18 6.84
N PRO B 854 20.07 -28.51 6.16
CA PRO B 854 20.45 -27.50 5.19
C PRO B 854 21.29 -26.36 5.75
N ASN B 855 21.10 -25.99 7.00
CA ASN B 855 21.96 -25.04 7.66
C ASN B 855 23.38 -25.50 7.99
N GLN B 856 23.63 -26.79 7.91
CA GLN B 856 24.98 -27.30 8.09
C GLN B 856 25.78 -27.50 6.83
N ALA B 857 25.13 -27.48 5.68
CA ALA B 857 25.81 -27.68 4.38
C ALA B 857 26.76 -26.53 4.07
N LYS B 858 28.03 -26.86 3.84
CA LYS B 858 29.10 -25.91 3.54
C LYS B 858 28.99 -25.39 2.08
N VAL B 859 27.85 -24.77 1.74
CA VAL B 859 27.62 -24.18 0.42
C VAL B 859 28.51 -22.95 0.19
N SER B 860 29.00 -22.84 -1.02
CA SER B 860 29.75 -21.70 -1.50
C SER B 860 28.97 -21.11 -2.67
N ASP B 861 29.36 -19.92 -3.16
CA ASP B 861 28.70 -19.27 -4.28
C ASP B 861 28.68 -20.19 -5.50
N PRO B 862 27.48 -20.68 -5.92
CA PRO B 862 27.45 -21.55 -7.09
C PRO B 862 27.65 -20.78 -8.39
N LYS B 863 27.54 -19.45 -8.31
CA LYS B 863 27.72 -18.52 -9.44
C LYS B 863 26.76 -18.83 -10.59
N LEU B 864 25.47 -18.71 -10.26
CA LEU B 864 24.38 -19.01 -11.18
C LEU B 864 24.31 -18.04 -12.35
N HIS B 865 23.99 -18.59 -13.52
CA HIS B 865 23.82 -17.83 -14.76
CA HIS B 865 23.79 -17.80 -14.73
C HIS B 865 22.39 -18.05 -15.28
N LEU B 866 21.67 -16.97 -15.54
CA LEU B 866 20.32 -17.04 -16.03
C LEU B 866 20.17 -16.33 -17.36
N SER B 867 19.42 -16.95 -18.28
CA SER B 867 19.15 -16.39 -19.58
C SER B 867 17.80 -16.89 -20.07
N TYR B 868 17.15 -16.12 -20.95
CA TYR B 868 15.88 -16.51 -21.52
C TYR B 868 15.96 -16.51 -23.03
N ASN B 869 15.37 -17.54 -23.65
CA ASN B 869 15.33 -17.68 -25.10
C ASN B 869 13.90 -17.45 -25.58
N LYS B 870 13.69 -16.38 -26.36
CA LYS B 870 12.37 -15.95 -26.85
C LYS B 870 11.69 -16.91 -27.82
N SER B 871 12.44 -17.79 -28.46
CA SER B 871 11.91 -18.74 -29.42
C SER B 871 11.44 -20.04 -28.78
N THR B 872 12.28 -20.61 -27.92
CA THR B 872 12.00 -21.85 -27.21
C THR B 872 11.13 -21.63 -25.98
N LYS B 873 11.05 -20.37 -25.52
CA LYS B 873 10.32 -19.92 -24.33
C LYS B 873 10.86 -20.61 -23.06
N LYS B 874 12.16 -20.90 -23.07
CA LYS B 874 12.86 -21.58 -22.00
C LYS B 874 13.91 -20.69 -21.35
N PHE B 875 14.01 -20.79 -20.02
CA PHE B 875 15.03 -20.13 -19.23
C PHE B 875 16.15 -21.16 -19.10
N THR B 876 17.40 -20.74 -19.25
CA THR B 876 18.53 -21.64 -19.05
C THR B 876 19.20 -21.23 -17.74
N VAL B 877 19.33 -22.20 -16.82
CA VAL B 877 19.92 -21.99 -15.50
C VAL B 877 21.17 -22.85 -15.43
N GLU B 878 22.30 -22.23 -15.18
CA GLU B 878 23.56 -22.95 -15.05
C GLU B 878 24.31 -22.54 -13.79
N ALA B 879 24.76 -23.53 -13.06
CA ALA B 879 25.65 -23.36 -11.94
C ALA B 879 27.11 -23.43 -12.40
N THR B 880 27.71 -22.29 -12.46
CA THR B 880 29.07 -22.12 -12.88
C THR B 880 30.20 -22.58 -11.96
N ALA B 881 30.11 -22.34 -10.67
CA ALA B 881 31.25 -22.54 -9.79
C ALA B 881 31.20 -23.71 -8.84
N GLY B 882 30.01 -24.21 -8.61
CA GLY B 882 29.78 -25.38 -7.76
C GLY B 882 28.34 -25.84 -7.69
N VAL B 883 28.02 -26.66 -6.69
CA VAL B 883 26.67 -27.17 -6.49
C VAL B 883 25.76 -26.07 -5.94
N SER B 884 24.57 -25.97 -6.53
CA SER B 884 23.52 -25.04 -6.10
C SER B 884 22.39 -25.88 -5.52
N LEU B 885 22.04 -25.62 -4.26
CA LEU B 885 20.94 -26.30 -3.58
C LEU B 885 19.75 -25.36 -3.52
N TYR B 886 18.55 -25.91 -3.63
CA TYR B 886 17.28 -25.14 -3.63
C TYR B 886 17.31 -23.97 -4.63
N THR B 887 17.75 -24.26 -5.87
CA THR B 887 17.81 -23.27 -6.95
C THR B 887 16.39 -22.76 -7.15
N TRP B 888 16.22 -21.44 -7.00
CA TRP B 888 14.93 -20.81 -7.00
C TRP B 888 14.75 -19.68 -8.00
N LEU B 889 13.76 -19.84 -8.87
CA LEU B 889 13.38 -18.85 -9.86
C LEU B 889 12.17 -18.08 -9.37
N THR B 890 12.25 -16.75 -9.41
CA THR B 890 11.15 -15.90 -8.97
C THR B 890 10.63 -15.10 -10.16
N HIS B 891 9.33 -15.26 -10.49
CA HIS B 891 8.73 -14.44 -11.56
C HIS B 891 8.27 -13.13 -10.90
N PRO B 892 8.27 -12.00 -11.63
CA PRO B 892 7.87 -10.75 -10.99
C PRO B 892 6.36 -10.63 -10.85
N ALA B 893 5.91 -9.53 -10.27
CA ALA B 893 4.51 -9.14 -10.24
C ALA B 893 4.17 -8.76 -11.70
N GLY B 894 2.90 -8.78 -12.04
CA GLY B 894 2.48 -8.41 -13.40
C GLY B 894 2.34 -9.59 -14.34
N VAL B 895 2.81 -10.76 -13.88
CA VAL B 895 2.72 -12.01 -14.60
C VAL B 895 2.15 -13.11 -13.68
N LEU B 896 1.25 -13.96 -14.24
CA LEU B 896 0.66 -15.09 -13.54
C LEU B 896 1.06 -16.36 -14.25
N GLY B 897 1.43 -17.37 -13.45
CA GLY B 897 1.79 -18.71 -13.94
C GLY B 897 2.71 -19.47 -13.01
N PHE B 898 3.50 -20.38 -13.59
CA PHE B 898 4.43 -21.24 -12.84
C PHE B 898 5.46 -21.85 -13.76
N PHE B 899 6.65 -22.06 -13.21
CA PHE B 899 7.75 -22.72 -13.87
C PHE B 899 7.52 -24.23 -13.95
N ASP B 900 8.18 -24.88 -14.89
CA ASP B 900 8.10 -26.33 -15.02
C ASP B 900 8.88 -27.13 -14.02
N ASP B 901 9.80 -26.47 -13.33
CA ASP B 901 10.46 -26.99 -12.17
C ASP B 901 11.00 -25.81 -11.39
N ASN B 902 11.24 -26.04 -10.11
CA ASN B 902 11.81 -25.04 -9.21
C ASN B 902 12.24 -25.75 -7.93
N ALA B 903 13.09 -25.07 -7.13
CA ALA B 903 13.66 -25.62 -5.89
C ALA B 903 14.36 -26.97 -6.15
N PHE B 904 15.33 -26.96 -7.05
CA PHE B 904 16.09 -28.14 -7.51
C PHE B 904 17.60 -27.99 -7.25
N VAL B 905 18.31 -29.13 -7.33
CA VAL B 905 19.75 -29.18 -7.18
C VAL B 905 20.36 -29.03 -8.58
N LEU B 906 21.43 -28.22 -8.68
CA LEU B 906 22.20 -28.02 -9.91
C LEU B 906 23.68 -28.34 -9.64
N ARG B 907 24.25 -29.22 -10.45
CA ARG B 907 25.67 -29.58 -10.42
C ARG B 907 26.36 -28.65 -11.42
N PRO B 908 27.63 -28.25 -11.21
CA PRO B 908 28.26 -27.30 -12.13
C PRO B 908 28.39 -27.82 -13.56
N GLY B 909 28.17 -26.93 -14.52
CA GLY B 909 28.24 -27.27 -15.94
C GLY B 909 26.96 -27.84 -16.56
N GLU B 910 26.05 -28.37 -15.72
CA GLU B 910 24.76 -28.94 -16.10
C GLU B 910 23.85 -27.78 -16.49
N LYS B 911 23.44 -27.74 -17.76
CA LYS B 911 22.57 -26.66 -18.23
C LYS B 911 21.13 -27.16 -18.13
N LYS B 912 20.36 -26.47 -17.28
CA LYS B 912 18.99 -26.81 -16.97
C LYS B 912 18.08 -25.85 -17.72
N GLU B 913 17.15 -26.39 -18.51
CA GLU B 913 16.14 -25.65 -19.25
C GLU B 913 14.85 -25.65 -18.43
N VAL B 914 14.31 -24.46 -18.13
CA VAL B 914 13.07 -24.33 -17.36
C VAL B 914 12.06 -23.48 -18.14
N GLY B 915 10.94 -24.11 -18.49
CA GLY B 915 9.83 -23.44 -19.15
C GLY B 915 8.87 -22.82 -18.15
N PHE B 916 7.97 -21.97 -18.66
CA PHE B 916 6.97 -21.28 -17.82
C PHE B 916 5.61 -21.36 -18.47
N THR B 917 4.59 -21.79 -17.70
CA THR B 917 3.20 -21.82 -18.13
C THR B 917 2.67 -20.42 -17.89
N LEU B 918 2.57 -19.62 -18.96
CA LEU B 918 2.11 -18.23 -18.89
C LEU B 918 0.61 -18.21 -18.97
N GLN B 919 -0.03 -17.84 -17.85
CA GLN B 919 -1.48 -17.75 -17.70
C GLN B 919 -2.02 -16.34 -17.98
N GLN B 920 -1.24 -15.32 -17.59
CA GLN B 920 -1.59 -13.92 -17.77
C GLN B 920 -0.33 -13.08 -17.71
N ASP B 921 -0.25 -12.06 -18.55
CA ASP B 921 0.87 -11.13 -18.61
C ASP B 921 0.35 -9.69 -18.76
N THR B 922 0.83 -8.78 -17.91
CA THR B 922 0.49 -7.35 -18.01
C THR B 922 1.71 -6.50 -18.42
N THR B 923 2.89 -7.16 -18.56
CA THR B 923 4.19 -6.54 -18.87
C THR B 923 4.56 -6.41 -20.35
N GLY B 924 3.73 -6.95 -21.26
CA GLY B 924 4.01 -6.95 -22.69
C GLY B 924 5.28 -7.75 -23.04
N GLY B 925 5.47 -8.88 -22.34
CA GLY B 925 6.61 -9.75 -22.52
C GLY B 925 7.88 -9.41 -21.75
N LYS B 926 7.93 -8.21 -21.16
CA LYS B 926 9.10 -7.72 -20.40
C LYS B 926 9.41 -8.49 -19.11
N TRP B 927 8.42 -9.22 -18.57
CA TRP B 927 8.55 -10.00 -17.34
C TRP B 927 9.77 -10.94 -17.29
N THR B 928 10.18 -11.47 -18.45
CA THR B 928 11.31 -12.40 -18.60
C THR B 928 12.66 -11.79 -18.18
N GLU B 929 12.80 -10.46 -18.36
CA GLU B 929 13.99 -9.68 -17.99
C GLU B 929 14.05 -9.50 -16.48
N GLN B 930 12.87 -9.55 -15.83
CA GLN B 930 12.72 -9.32 -14.41
C GLN B 930 12.78 -10.58 -13.55
N VAL B 931 12.84 -11.76 -14.19
CA VAL B 931 12.94 -13.06 -13.51
C VAL B 931 14.33 -13.17 -12.86
N THR B 932 14.37 -13.60 -11.60
CA THR B 932 15.63 -13.78 -10.89
C THR B 932 15.85 -15.23 -10.51
N VAL B 933 17.11 -15.60 -10.31
CA VAL B 933 17.50 -16.93 -9.84
C VAL B 933 18.33 -16.78 -8.56
N GLU B 934 18.20 -17.72 -7.64
CA GLU B 934 18.90 -17.74 -6.36
C GLU B 934 19.02 -19.19 -5.86
N SER B 935 19.76 -19.41 -4.77
CA SER B 935 19.94 -20.73 -4.17
C SER B 935 20.09 -20.57 -2.67
N LEU B 936 20.24 -21.69 -1.94
CA LEU B 936 20.42 -21.74 -0.47
C LEU B 936 21.51 -20.76 -0.03
N TRP B 937 22.57 -20.63 -0.82
CA TRP B 937 23.70 -19.71 -0.59
C TRP B 937 23.26 -18.24 -0.38
N ASP B 938 22.27 -17.79 -1.14
CA ASP B 938 21.83 -16.40 -1.07
C ASP B 938 21.17 -15.99 0.24
N LEU B 939 20.70 -16.94 1.06
CA LEU B 939 20.12 -16.63 2.38
C LEU B 939 21.19 -16.15 3.38
N THR B 940 22.39 -16.72 3.28
CA THR B 940 23.56 -16.53 4.13
C THR B 940 24.32 -15.19 3.89
N THR B 941 24.15 -14.56 2.72
CA THR B 941 24.89 -13.36 2.35
C THR B 941 24.25 -12.07 2.86
N PRO B 942 25.02 -10.97 3.04
CA PRO B 942 24.39 -9.70 3.47
C PRO B 942 23.53 -9.05 2.38
#